data_5YAV
# 
_entry.id   5YAV 
# 
_audit_conform.dict_name       mmcif_pdbx.dic 
_audit_conform.dict_version    5.387 
_audit_conform.dict_location   http://mmcif.pdb.org/dictionaries/ascii/mmcif_pdbx.dic 
# 
loop_
_database_2.database_id 
_database_2.database_code 
_database_2.pdbx_database_accession 
_database_2.pdbx_DOI 
PDB   5YAV         pdb_00005yav 10.2210/pdb5yav/pdb 
WWPDB D_1300004863 ?            ?                   
# 
loop_
_pdbx_audit_revision_history.ordinal 
_pdbx_audit_revision_history.data_content_type 
_pdbx_audit_revision_history.major_revision 
_pdbx_audit_revision_history.minor_revision 
_pdbx_audit_revision_history.revision_date 
1 'Structure model' 1 0 2018-09-05 
2 'Structure model' 1 1 2024-03-27 
# 
_pdbx_audit_revision_details.ordinal             1 
_pdbx_audit_revision_details.revision_ordinal    1 
_pdbx_audit_revision_details.data_content_type   'Structure model' 
_pdbx_audit_revision_details.provider            repository 
_pdbx_audit_revision_details.type                'Initial release' 
_pdbx_audit_revision_details.description         ? 
_pdbx_audit_revision_details.details             ? 
# 
loop_
_pdbx_audit_revision_group.ordinal 
_pdbx_audit_revision_group.revision_ordinal 
_pdbx_audit_revision_group.data_content_type 
_pdbx_audit_revision_group.group 
1 2 'Structure model' 'Data collection'     
2 2 'Structure model' 'Database references' 
# 
loop_
_pdbx_audit_revision_category.ordinal 
_pdbx_audit_revision_category.revision_ordinal 
_pdbx_audit_revision_category.data_content_type 
_pdbx_audit_revision_category.category 
1 2 'Structure model' chem_comp_atom 
2 2 'Structure model' chem_comp_bond 
3 2 'Structure model' database_2     
# 
loop_
_pdbx_audit_revision_item.ordinal 
_pdbx_audit_revision_item.revision_ordinal 
_pdbx_audit_revision_item.data_content_type 
_pdbx_audit_revision_item.item 
1 2 'Structure model' '_database_2.pdbx_DOI'                
2 2 'Structure model' '_database_2.pdbx_database_accession' 
# 
_pdbx_database_status.status_code                     REL 
_pdbx_database_status.status_code_sf                  REL 
_pdbx_database_status.status_code_mr                  ? 
_pdbx_database_status.entry_id                        5YAV 
_pdbx_database_status.recvd_initial_deposition_date   2017-09-01 
_pdbx_database_status.SG_entry                        N 
_pdbx_database_status.deposit_site                    PDBJ 
_pdbx_database_status.process_site                    PDBJ 
_pdbx_database_status.status_code_cs                  ? 
_pdbx_database_status.methods_development_category    ? 
_pdbx_database_status.pdb_format_compatible           Y 
_pdbx_database_status.status_code_nmr_data            ? 
# 
loop_
_audit_author.name 
_audit_author.pdbx_ordinal 
_audit_author.identifier_ORCID 
'Bing, X.'    1 ? 
'Yanlian, L.' 2 ? 
'Danyan, C.'  3 ? 
# 
_citation.abstract                  ? 
_citation.abstract_id_CAS           ? 
_citation.book_id_ISBN              ? 
_citation.book_publisher            ? 
_citation.book_publisher_city       ? 
_citation.book_title                ? 
_citation.coordinate_linkage        ? 
_citation.country                   ? 
_citation.database_id_Medline       ? 
_citation.details                   ? 
_citation.id                        primary 
_citation.journal_abbrev            'To Be Published' 
_citation.journal_id_ASTM           ? 
_citation.journal_id_CSD            0353 
_citation.journal_id_ISSN           ? 
_citation.journal_full              ? 
_citation.journal_issue             ? 
_citation.journal_volume            ? 
_citation.language                  ? 
_citation.page_first                ? 
_citation.page_last                 ? 
_citation.title                     'Fragment-based Drug Discovery of inhibitors to block PDEdelta-RAS protein-protein interaction' 
_citation.year                      ? 
_citation.database_id_CSD           ? 
_citation.pdbx_database_id_DOI      ? 
_citation.pdbx_database_id_PubMed   ? 
_citation.unpublished_flag          ? 
# 
loop_
_citation_author.citation_id 
_citation_author.name 
_citation_author.ordinal 
_citation_author.identifier_ORCID 
primary 'Bing, X.'    1 ? 
primary 'Yanlian, L.' 2 ? 
primary 'Danyan, C.'  3 ? 
# 
loop_
_entity.id 
_entity.type 
_entity.src_method 
_entity.pdbx_description 
_entity.formula_weight 
_entity.pdbx_number_of_molecules 
_entity.pdbx_ec 
_entity.pdbx_mutation 
_entity.pdbx_fragment 
_entity.details 
1 polymer     man 
;Retinal rod rhodopsin-sensitive cGMP 3',5'-cyclic phosphodiesterase subunit delta
;
17440.990 1  ? ? ? ? 
2 non-polymer syn 1-phenyl-5-propan-2-ylsulfanyl-1,2,3,4-tetrazole                                    220.294   1  ? ? ? ? 
3 water       nat water                                                                               18.015    93 ? ? ? ? 
# 
_entity_name_com.entity_id   1 
_entity_name_com.name        'GMP-PDE delta,Protein p17' 
# 
_entity_poly.entity_id                      1 
_entity_poly.type                           'polypeptide(L)' 
_entity_poly.nstd_linkage                   no 
_entity_poly.nstd_monomer                   no 
_entity_poly.pdbx_seq_one_letter_code       
;MSAKDERAREILRGFKLNWMNLRDAETGKILWQGTEDLSVPGVEHEARVPKKILKCKAVSRELNFSSTEQMEKFRLEQKV
YFKGQCLEEWFFEFGFVIPNSTNTWQSLIEAAPESQMMPASVLTGNVIIETKFFDDDLLVSTSRVRLFYV
;
_entity_poly.pdbx_seq_one_letter_code_can   
;MSAKDERAREILRGFKLNWMNLRDAETGKILWQGTEDLSVPGVEHEARVPKKILKCKAVSRELNFSSTEQMEKFRLEQKV
YFKGQCLEEWFFEFGFVIPNSTNTWQSLIEAAPESQMMPASVLTGNVIIETKFFDDDLLVSTSRVRLFYV
;
_entity_poly.pdbx_strand_id                 B 
_entity_poly.pdbx_target_identifier         ? 
# 
loop_
_pdbx_entity_nonpoly.entity_id 
_pdbx_entity_nonpoly.name 
_pdbx_entity_nonpoly.comp_id 
2 1-phenyl-5-propan-2-ylsulfanyl-1,2,3,4-tetrazole 8SF 
3 water                                            HOH 
# 
loop_
_entity_poly_seq.entity_id 
_entity_poly_seq.num 
_entity_poly_seq.mon_id 
_entity_poly_seq.hetero 
1 1   MET n 
1 2   SER n 
1 3   ALA n 
1 4   LYS n 
1 5   ASP n 
1 6   GLU n 
1 7   ARG n 
1 8   ALA n 
1 9   ARG n 
1 10  GLU n 
1 11  ILE n 
1 12  LEU n 
1 13  ARG n 
1 14  GLY n 
1 15  PHE n 
1 16  LYS n 
1 17  LEU n 
1 18  ASN n 
1 19  TRP n 
1 20  MET n 
1 21  ASN n 
1 22  LEU n 
1 23  ARG n 
1 24  ASP n 
1 25  ALA n 
1 26  GLU n 
1 27  THR n 
1 28  GLY n 
1 29  LYS n 
1 30  ILE n 
1 31  LEU n 
1 32  TRP n 
1 33  GLN n 
1 34  GLY n 
1 35  THR n 
1 36  GLU n 
1 37  ASP n 
1 38  LEU n 
1 39  SER n 
1 40  VAL n 
1 41  PRO n 
1 42  GLY n 
1 43  VAL n 
1 44  GLU n 
1 45  HIS n 
1 46  GLU n 
1 47  ALA n 
1 48  ARG n 
1 49  VAL n 
1 50  PRO n 
1 51  LYS n 
1 52  LYS n 
1 53  ILE n 
1 54  LEU n 
1 55  LYS n 
1 56  CYS n 
1 57  LYS n 
1 58  ALA n 
1 59  VAL n 
1 60  SER n 
1 61  ARG n 
1 62  GLU n 
1 63  LEU n 
1 64  ASN n 
1 65  PHE n 
1 66  SER n 
1 67  SER n 
1 68  THR n 
1 69  GLU n 
1 70  GLN n 
1 71  MET n 
1 72  GLU n 
1 73  LYS n 
1 74  PHE n 
1 75  ARG n 
1 76  LEU n 
1 77  GLU n 
1 78  GLN n 
1 79  LYS n 
1 80  VAL n 
1 81  TYR n 
1 82  PHE n 
1 83  LYS n 
1 84  GLY n 
1 85  GLN n 
1 86  CYS n 
1 87  LEU n 
1 88  GLU n 
1 89  GLU n 
1 90  TRP n 
1 91  PHE n 
1 92  PHE n 
1 93  GLU n 
1 94  PHE n 
1 95  GLY n 
1 96  PHE n 
1 97  VAL n 
1 98  ILE n 
1 99  PRO n 
1 100 ASN n 
1 101 SER n 
1 102 THR n 
1 103 ASN n 
1 104 THR n 
1 105 TRP n 
1 106 GLN n 
1 107 SER n 
1 108 LEU n 
1 109 ILE n 
1 110 GLU n 
1 111 ALA n 
1 112 ALA n 
1 113 PRO n 
1 114 GLU n 
1 115 SER n 
1 116 GLN n 
1 117 MET n 
1 118 MET n 
1 119 PRO n 
1 120 ALA n 
1 121 SER n 
1 122 VAL n 
1 123 LEU n 
1 124 THR n 
1 125 GLY n 
1 126 ASN n 
1 127 VAL n 
1 128 ILE n 
1 129 ILE n 
1 130 GLU n 
1 131 THR n 
1 132 LYS n 
1 133 PHE n 
1 134 PHE n 
1 135 ASP n 
1 136 ASP n 
1 137 ASP n 
1 138 LEU n 
1 139 LEU n 
1 140 VAL n 
1 141 SER n 
1 142 THR n 
1 143 SER n 
1 144 ARG n 
1 145 VAL n 
1 146 ARG n 
1 147 LEU n 
1 148 PHE n 
1 149 TYR n 
1 150 VAL n 
# 
_entity_src_gen.entity_id                          1 
_entity_src_gen.pdbx_src_id                        1 
_entity_src_gen.pdbx_alt_source_flag               sample 
_entity_src_gen.pdbx_seq_type                      'Biological sequence' 
_entity_src_gen.pdbx_beg_seq_num                   1 
_entity_src_gen.pdbx_end_seq_num                   150 
_entity_src_gen.gene_src_common_name               Human 
_entity_src_gen.gene_src_genus                     ? 
_entity_src_gen.pdbx_gene_src_gene                 'PDE6D, PDED' 
_entity_src_gen.gene_src_species                   ? 
_entity_src_gen.gene_src_strain                    ? 
_entity_src_gen.gene_src_tissue                    ? 
_entity_src_gen.gene_src_tissue_fraction           ? 
_entity_src_gen.gene_src_details                   ? 
_entity_src_gen.pdbx_gene_src_fragment             ? 
_entity_src_gen.pdbx_gene_src_scientific_name      'Homo sapiens' 
_entity_src_gen.pdbx_gene_src_ncbi_taxonomy_id     9606 
_entity_src_gen.pdbx_gene_src_variant              ? 
_entity_src_gen.pdbx_gene_src_cell_line            ? 
_entity_src_gen.pdbx_gene_src_atcc                 ? 
_entity_src_gen.pdbx_gene_src_organ                ? 
_entity_src_gen.pdbx_gene_src_organelle            ? 
_entity_src_gen.pdbx_gene_src_cell                 ? 
_entity_src_gen.pdbx_gene_src_cellular_location    ? 
_entity_src_gen.host_org_common_name               ? 
_entity_src_gen.pdbx_host_org_scientific_name      'Escherichia coli' 
_entity_src_gen.pdbx_host_org_ncbi_taxonomy_id     562 
_entity_src_gen.host_org_genus                     ? 
_entity_src_gen.pdbx_host_org_gene                 ? 
_entity_src_gen.pdbx_host_org_organ                ? 
_entity_src_gen.host_org_species                   ? 
_entity_src_gen.pdbx_host_org_tissue               ? 
_entity_src_gen.pdbx_host_org_tissue_fraction      ? 
_entity_src_gen.pdbx_host_org_strain               ? 
_entity_src_gen.pdbx_host_org_variant              ? 
_entity_src_gen.pdbx_host_org_cell_line            ? 
_entity_src_gen.pdbx_host_org_atcc                 ? 
_entity_src_gen.pdbx_host_org_culture_collection   ? 
_entity_src_gen.pdbx_host_org_cell                 ? 
_entity_src_gen.pdbx_host_org_organelle            ? 
_entity_src_gen.pdbx_host_org_cellular_location    ? 
_entity_src_gen.pdbx_host_org_vector_type          ? 
_entity_src_gen.pdbx_host_org_vector               ? 
_entity_src_gen.host_org_details                   ? 
_entity_src_gen.expression_system_id               ? 
_entity_src_gen.plasmid_name                       ? 
_entity_src_gen.plasmid_details                    ? 
_entity_src_gen.pdbx_description                   ? 
# 
loop_
_chem_comp.id 
_chem_comp.type 
_chem_comp.mon_nstd_flag 
_chem_comp.name 
_chem_comp.pdbx_synonyms 
_chem_comp.formula 
_chem_comp.formula_weight 
8SF non-polymer         . 1-phenyl-5-propan-2-ylsulfanyl-1,2,3,4-tetrazole ? 'C10 H12 N4 S'   220.294 
ALA 'L-peptide linking' y ALANINE                                          ? 'C3 H7 N O2'     89.093  
ARG 'L-peptide linking' y ARGININE                                         ? 'C6 H15 N4 O2 1' 175.209 
ASN 'L-peptide linking' y ASPARAGINE                                       ? 'C4 H8 N2 O3'    132.118 
ASP 'L-peptide linking' y 'ASPARTIC ACID'                                  ? 'C4 H7 N O4'     133.103 
CYS 'L-peptide linking' y CYSTEINE                                         ? 'C3 H7 N O2 S'   121.158 
GLN 'L-peptide linking' y GLUTAMINE                                        ? 'C5 H10 N2 O3'   146.144 
GLU 'L-peptide linking' y 'GLUTAMIC ACID'                                  ? 'C5 H9 N O4'     147.129 
GLY 'peptide linking'   y GLYCINE                                          ? 'C2 H5 N O2'     75.067  
HIS 'L-peptide linking' y HISTIDINE                                        ? 'C6 H10 N3 O2 1' 156.162 
HOH non-polymer         . WATER                                            ? 'H2 O'           18.015  
ILE 'L-peptide linking' y ISOLEUCINE                                       ? 'C6 H13 N O2'    131.173 
LEU 'L-peptide linking' y LEUCINE                                          ? 'C6 H13 N O2'    131.173 
LYS 'L-peptide linking' y LYSINE                                           ? 'C6 H15 N2 O2 1' 147.195 
MET 'L-peptide linking' y METHIONINE                                       ? 'C5 H11 N O2 S'  149.211 
PHE 'L-peptide linking' y PHENYLALANINE                                    ? 'C9 H11 N O2'    165.189 
PRO 'L-peptide linking' y PROLINE                                          ? 'C5 H9 N O2'     115.130 
SER 'L-peptide linking' y SERINE                                           ? 'C3 H7 N O3'     105.093 
THR 'L-peptide linking' y THREONINE                                        ? 'C4 H9 N O3'     119.119 
TRP 'L-peptide linking' y TRYPTOPHAN                                       ? 'C11 H12 N2 O2'  204.225 
TYR 'L-peptide linking' y TYROSINE                                         ? 'C9 H11 N O3'    181.189 
VAL 'L-peptide linking' y VALINE                                           ? 'C5 H11 N O2'    117.146 
# 
loop_
_pdbx_poly_seq_scheme.asym_id 
_pdbx_poly_seq_scheme.entity_id 
_pdbx_poly_seq_scheme.seq_id 
_pdbx_poly_seq_scheme.mon_id 
_pdbx_poly_seq_scheme.ndb_seq_num 
_pdbx_poly_seq_scheme.pdb_seq_num 
_pdbx_poly_seq_scheme.auth_seq_num 
_pdbx_poly_seq_scheme.pdb_mon_id 
_pdbx_poly_seq_scheme.auth_mon_id 
_pdbx_poly_seq_scheme.pdb_strand_id 
_pdbx_poly_seq_scheme.pdb_ins_code 
_pdbx_poly_seq_scheme.hetero 
A 1 1   MET 1   1   ?   ?   ?   B . n 
A 1 2   SER 2   2   2   SER SER B . n 
A 1 3   ALA 3   3   3   ALA ALA B . n 
A 1 4   LYS 4   4   4   LYS LYS B . n 
A 1 5   ASP 5   5   5   ASP ASP B . n 
A 1 6   GLU 6   6   6   GLU GLU B . n 
A 1 7   ARG 7   7   7   ARG ARG B . n 
A 1 8   ALA 8   8   8   ALA ALA B . n 
A 1 9   ARG 9   9   9   ARG ARG B . n 
A 1 10  GLU 10  10  10  GLU GLU B . n 
A 1 11  ILE 11  11  11  ILE ILE B . n 
A 1 12  LEU 12  12  12  LEU LEU B . n 
A 1 13  ARG 13  13  13  ARG ARG B . n 
A 1 14  GLY 14  14  14  GLY GLY B . n 
A 1 15  PHE 15  15  15  PHE PHE B . n 
A 1 16  LYS 16  16  16  LYS LYS B . n 
A 1 17  LEU 17  17  17  LEU LEU B . n 
A 1 18  ASN 18  18  18  ASN ASN B . n 
A 1 19  TRP 19  19  19  TRP TRP B . n 
A 1 20  MET 20  20  20  MET MET B . n 
A 1 21  ASN 21  21  21  ASN ASN B . n 
A 1 22  LEU 22  22  22  LEU LEU B . n 
A 1 23  ARG 23  23  23  ARG ARG B . n 
A 1 24  ASP 24  24  24  ASP ASP B . n 
A 1 25  ALA 25  25  25  ALA ALA B . n 
A 1 26  GLU 26  26  ?   ?   ?   B . n 
A 1 27  THR 27  27  27  THR THR B . n 
A 1 28  GLY 28  28  28  GLY GLY B . n 
A 1 29  LYS 29  29  29  LYS LYS B . n 
A 1 30  ILE 30  30  30  ILE ILE B . n 
A 1 31  LEU 31  31  31  LEU LEU B . n 
A 1 32  TRP 32  32  32  TRP TRP B . n 
A 1 33  GLN 33  33  33  GLN GLN B . n 
A 1 34  GLY 34  34  34  GLY GLY B . n 
A 1 35  THR 35  35  35  THR THR B . n 
A 1 36  GLU 36  36  36  GLU GLU B . n 
A 1 37  ASP 37  37  37  ASP ASP B . n 
A 1 38  LEU 38  38  38  LEU LEU B . n 
A 1 39  SER 39  39  39  SER SER B . n 
A 1 40  VAL 40  40  40  VAL VAL B . n 
A 1 41  PRO 41  41  41  PRO PRO B . n 
A 1 42  GLY 42  42  42  GLY GLY B . n 
A 1 43  VAL 43  43  43  VAL VAL B . n 
A 1 44  GLU 44  44  44  GLU GLU B . n 
A 1 45  HIS 45  45  45  HIS HIS B . n 
A 1 46  GLU 46  46  46  GLU GLU B . n 
A 1 47  ALA 47  47  47  ALA ALA B . n 
A 1 48  ARG 48  48  48  ARG ARG B . n 
A 1 49  VAL 49  49  49  VAL VAL B . n 
A 1 50  PRO 50  50  50  PRO PRO B . n 
A 1 51  LYS 51  51  51  LYS LYS B . n 
A 1 52  LYS 52  52  52  LYS LYS B . n 
A 1 53  ILE 53  53  53  ILE ILE B . n 
A 1 54  LEU 54  54  54  LEU LEU B . n 
A 1 55  LYS 55  55  55  LYS LYS B . n 
A 1 56  CYS 56  56  56  CYS CYS B . n 
A 1 57  LYS 57  57  57  LYS LYS B . n 
A 1 58  ALA 58  58  58  ALA ALA B . n 
A 1 59  VAL 59  59  59  VAL VAL B . n 
A 1 60  SER 60  60  60  SER SER B . n 
A 1 61  ARG 61  61  61  ARG ARG B . n 
A 1 62  GLU 62  62  62  GLU GLU B . n 
A 1 63  LEU 63  63  63  LEU LEU B . n 
A 1 64  ASN 64  64  64  ASN ASN B . n 
A 1 65  PHE 65  65  65  PHE PHE B . n 
A 1 66  SER 66  66  66  SER SER B . n 
A 1 67  SER 67  67  67  SER SER B . n 
A 1 68  THR 68  68  68  THR THR B . n 
A 1 69  GLU 69  69  69  GLU GLU B . n 
A 1 70  GLN 70  70  70  GLN GLN B . n 
A 1 71  MET 71  71  71  MET MET B . n 
A 1 72  GLU 72  72  72  GLU GLU B . n 
A 1 73  LYS 73  73  73  LYS LYS B . n 
A 1 74  PHE 74  74  74  PHE PHE B . n 
A 1 75  ARG 75  75  75  ARG ARG B . n 
A 1 76  LEU 76  76  76  LEU LEU B . n 
A 1 77  GLU 77  77  77  GLU GLU B . n 
A 1 78  GLN 78  78  78  GLN GLN B . n 
A 1 79  LYS 79  79  79  LYS LYS B . n 
A 1 80  VAL 80  80  80  VAL VAL B . n 
A 1 81  TYR 81  81  81  TYR TYR B . n 
A 1 82  PHE 82  82  82  PHE PHE B . n 
A 1 83  LYS 83  83  83  LYS LYS B . n 
A 1 84  GLY 84  84  84  GLY GLY B . n 
A 1 85  GLN 85  85  85  GLN GLN B . n 
A 1 86  CYS 86  86  86  CYS CYS B . n 
A 1 87  LEU 87  87  87  LEU LEU B . n 
A 1 88  GLU 88  88  88  GLU GLU B . n 
A 1 89  GLU 89  89  89  GLU GLU B . n 
A 1 90  TRP 90  90  90  TRP TRP B . n 
A 1 91  PHE 91  91  91  PHE PHE B . n 
A 1 92  PHE 92  92  92  PHE PHE B . n 
A 1 93  GLU 93  93  93  GLU GLU B . n 
A 1 94  PHE 94  94  94  PHE PHE B . n 
A 1 95  GLY 95  95  95  GLY GLY B . n 
A 1 96  PHE 96  96  96  PHE PHE B . n 
A 1 97  VAL 97  97  97  VAL VAL B . n 
A 1 98  ILE 98  98  98  ILE ILE B . n 
A 1 99  PRO 99  99  99  PRO PRO B . n 
A 1 100 ASN 100 100 100 ASN ASN B . n 
A 1 101 SER 101 101 101 SER SER B . n 
A 1 102 THR 102 102 102 THR THR B . n 
A 1 103 ASN 103 103 103 ASN ASN B . n 
A 1 104 THR 104 104 104 THR THR B . n 
A 1 105 TRP 105 105 105 TRP TRP B . n 
A 1 106 GLN 106 106 106 GLN GLN B . n 
A 1 107 SER 107 107 107 SER SER B . n 
A 1 108 LEU 108 108 108 LEU LEU B . n 
A 1 109 ILE 109 109 109 ILE ILE B . n 
A 1 110 GLU 110 110 110 GLU GLU B . n 
A 1 111 ALA 111 111 111 ALA ALA B . n 
A 1 112 ALA 112 112 112 ALA ALA B . n 
A 1 113 PRO 113 113 ?   ?   ?   B . n 
A 1 114 GLU 114 114 ?   ?   ?   B . n 
A 1 115 SER 115 115 115 SER SER B . n 
A 1 116 GLN 116 116 116 GLN GLN B . n 
A 1 117 MET 117 117 117 MET MET B . n 
A 1 118 MET 118 118 118 MET MET B . n 
A 1 119 PRO 119 119 119 PRO PRO B . n 
A 1 120 ALA 120 120 120 ALA ALA B . n 
A 1 121 SER 121 121 121 SER SER B . n 
A 1 122 VAL 122 122 122 VAL VAL B . n 
A 1 123 LEU 123 123 123 LEU LEU B . n 
A 1 124 THR 124 124 124 THR THR B . n 
A 1 125 GLY 125 125 125 GLY GLY B . n 
A 1 126 ASN 126 126 126 ASN ASN B . n 
A 1 127 VAL 127 127 127 VAL VAL B . n 
A 1 128 ILE 128 128 128 ILE ILE B . n 
A 1 129 ILE 129 129 129 ILE ILE B . n 
A 1 130 GLU 130 130 130 GLU GLU B . n 
A 1 131 THR 131 131 131 THR THR B . n 
A 1 132 LYS 132 132 132 LYS LYS B . n 
A 1 133 PHE 133 133 133 PHE PHE B . n 
A 1 134 PHE 134 134 134 PHE PHE B . n 
A 1 135 ASP 135 135 135 ASP ASP B . n 
A 1 136 ASP 136 136 136 ASP ASP B . n 
A 1 137 ASP 137 137 137 ASP ASP B . n 
A 1 138 LEU 138 138 138 LEU LEU B . n 
A 1 139 LEU 139 139 139 LEU LEU B . n 
A 1 140 VAL 140 140 140 VAL VAL B . n 
A 1 141 SER 141 141 141 SER SER B . n 
A 1 142 THR 142 142 142 THR THR B . n 
A 1 143 SER 143 143 143 SER SER B . n 
A 1 144 ARG 144 144 144 ARG ARG B . n 
A 1 145 VAL 145 145 145 VAL VAL B . n 
A 1 146 ARG 146 146 146 ARG ARG B . n 
A 1 147 LEU 147 147 147 LEU LEU B . n 
A 1 148 PHE 148 148 148 PHE PHE B . n 
A 1 149 TYR 149 149 149 TYR TYR B . n 
A 1 150 VAL 150 150 150 VAL VAL B . n 
# 
loop_
_pdbx_nonpoly_scheme.asym_id 
_pdbx_nonpoly_scheme.entity_id 
_pdbx_nonpoly_scheme.mon_id 
_pdbx_nonpoly_scheme.ndb_seq_num 
_pdbx_nonpoly_scheme.pdb_seq_num 
_pdbx_nonpoly_scheme.auth_seq_num 
_pdbx_nonpoly_scheme.pdb_mon_id 
_pdbx_nonpoly_scheme.auth_mon_id 
_pdbx_nonpoly_scheme.pdb_strand_id 
_pdbx_nonpoly_scheme.pdb_ins_code 
B 2 8SF 1  201 1  8SF LIG B . 
C 3 HOH 1  301 20 HOH HOH B . 
C 3 HOH 2  302 21 HOH HOH B . 
C 3 HOH 3  303 72 HOH HOH B . 
C 3 HOH 4  304 39 HOH HOH B . 
C 3 HOH 5  305 3  HOH HOH B . 
C 3 HOH 6  306 50 HOH HOH B . 
C 3 HOH 7  307 40 HOH HOH B . 
C 3 HOH 8  308 22 HOH HOH B . 
C 3 HOH 9  309 11 HOH HOH B . 
C 3 HOH 10 310 12 HOH HOH B . 
C 3 HOH 11 311 29 HOH HOH B . 
C 3 HOH 12 312 89 HOH HOH B . 
C 3 HOH 13 313 81 HOH HOH B . 
C 3 HOH 14 314 15 HOH HOH B . 
C 3 HOH 15 315 35 HOH HOH B . 
C 3 HOH 16 316 26 HOH HOH B . 
C 3 HOH 17 317 64 HOH HOH B . 
C 3 HOH 18 318 96 HOH HOH B . 
C 3 HOH 19 319 31 HOH HOH B . 
C 3 HOH 20 320 27 HOH HOH B . 
C 3 HOH 21 321 86 HOH HOH B . 
C 3 HOH 22 322 8  HOH HOH B . 
C 3 HOH 23 323 62 HOH HOH B . 
C 3 HOH 24 324 5  HOH HOH B . 
C 3 HOH 25 325 46 HOH HOH B . 
C 3 HOH 26 326 7  HOH HOH B . 
C 3 HOH 27 327 47 HOH HOH B . 
C 3 HOH 28 328 30 HOH HOH B . 
C 3 HOH 29 329 6  HOH HOH B . 
C 3 HOH 30 330 49 HOH HOH B . 
C 3 HOH 31 331 76 HOH HOH B . 
C 3 HOH 32 332 24 HOH HOH B . 
C 3 HOH 33 333 23 HOH HOH B . 
C 3 HOH 34 334 45 HOH HOH B . 
C 3 HOH 35 335 48 HOH HOH B . 
C 3 HOH 36 336 59 HOH HOH B . 
C 3 HOH 37 337 99 HOH HOH B . 
C 3 HOH 38 338 42 HOH HOH B . 
C 3 HOH 39 339 17 HOH HOH B . 
C 3 HOH 40 340 43 HOH HOH B . 
C 3 HOH 41 341 25 HOH HOH B . 
C 3 HOH 42 342 94 HOH HOH B . 
C 3 HOH 43 343 93 HOH HOH B . 
C 3 HOH 44 344 18 HOH HOH B . 
C 3 HOH 45 345 52 HOH HOH B . 
C 3 HOH 46 346 28 HOH HOH B . 
C 3 HOH 47 347 41 HOH HOH B . 
C 3 HOH 48 348 65 HOH HOH B . 
C 3 HOH 49 349 61 HOH HOH B . 
C 3 HOH 50 350 1  HOH HOH B . 
C 3 HOH 51 351 88 HOH HOH B . 
C 3 HOH 52 352 98 HOH HOH B . 
C 3 HOH 53 353 38 HOH HOH B . 
C 3 HOH 54 354 51 HOH HOH B . 
C 3 HOH 55 355 32 HOH HOH B . 
C 3 HOH 56 356 60 HOH HOH B . 
C 3 HOH 57 357 83 HOH HOH B . 
C 3 HOH 58 358 14 HOH HOH B . 
C 3 HOH 59 359 36 HOH HOH B . 
C 3 HOH 60 360 44 HOH HOH B . 
C 3 HOH 61 361 10 HOH HOH B . 
C 3 HOH 62 362 37 HOH HOH B . 
C 3 HOH 63 363 82 HOH HOH B . 
C 3 HOH 64 364 85 HOH HOH B . 
C 3 HOH 65 365 92 HOH HOH B . 
C 3 HOH 66 366 19 HOH HOH B . 
C 3 HOH 67 367 33 HOH HOH B . 
C 3 HOH 68 368 74 HOH HOH B . 
C 3 HOH 69 369 54 HOH HOH B . 
C 3 HOH 70 370 56 HOH HOH B . 
C 3 HOH 71 371 63 HOH HOH B . 
C 3 HOH 72 372 4  HOH HOH B . 
C 3 HOH 73 373 95 HOH HOH B . 
C 3 HOH 74 374 53 HOH HOH B . 
C 3 HOH 75 375 34 HOH HOH B . 
C 3 HOH 76 376 2  HOH HOH B . 
C 3 HOH 77 377 70 HOH HOH B . 
C 3 HOH 78 378 57 HOH HOH B . 
C 3 HOH 79 379 79 HOH HOH B . 
C 3 HOH 80 380 90 HOH HOH B . 
C 3 HOH 81 381 77 HOH HOH B . 
C 3 HOH 82 382 80 HOH HOH B . 
C 3 HOH 83 383 71 HOH HOH B . 
C 3 HOH 84 384 73 HOH HOH B . 
C 3 HOH 85 385 69 HOH HOH B . 
C 3 HOH 86 386 91 HOH HOH B . 
C 3 HOH 87 387 67 HOH HOH B . 
C 3 HOH 88 388 55 HOH HOH B . 
C 3 HOH 89 389 75 HOH HOH B . 
C 3 HOH 90 390 97 HOH HOH B . 
C 3 HOH 91 391 78 HOH HOH B . 
C 3 HOH 92 392 87 HOH HOH B . 
C 3 HOH 93 393 84 HOH HOH B . 
# 
loop_
_software.citation_id 
_software.classification 
_software.compiler_name 
_software.compiler_version 
_software.contact_author 
_software.contact_author_email 
_software.date 
_software.description 
_software.dependencies 
_software.hardware 
_software.language 
_software.location 
_software.mods 
_software.name 
_software.os 
_software.os_version 
_software.type 
_software.version 
_software.pdbx_ordinal 
? refinement        ? ? ? ? ? ? ? ? ? ? ? PHENIX   ? ? ? 1.8.4_1496 1 
? 'data processing' ? ? ? ? ? ? ? ? ? ? ? HKL-2000 ? ? ? .          2 
? 'data scaling'    ? ? ? ? ? ? ? ? ? ? ? HKL-2000 ? ? ? .          3 
? 'model building'  ? ? ? ? ? ? ? ? ? ? ? PHENIX   ? ? ? .          4 
# 
_cell.angle_alpha                  90.00 
_cell.angle_alpha_esd              ? 
_cell.angle_beta                   90.00 
_cell.angle_beta_esd               ? 
_cell.angle_gamma                  120.00 
_cell.angle_gamma_esd              ? 
_cell.entry_id                     5YAV 
_cell.details                      ? 
_cell.formula_units_Z              ? 
_cell.length_a                     55.780 
_cell.length_a_esd                 ? 
_cell.length_b                     55.780 
_cell.length_b_esd                 ? 
_cell.length_c                     115.644 
_cell.length_c_esd                 ? 
_cell.volume                       ? 
_cell.volume_esd                   ? 
_cell.Z_PDB                        6 
_cell.reciprocal_angle_alpha       ? 
_cell.reciprocal_angle_beta        ? 
_cell.reciprocal_angle_gamma       ? 
_cell.reciprocal_angle_alpha_esd   ? 
_cell.reciprocal_angle_beta_esd    ? 
_cell.reciprocal_angle_gamma_esd   ? 
_cell.reciprocal_length_a          ? 
_cell.reciprocal_length_b          ? 
_cell.reciprocal_length_c          ? 
_cell.reciprocal_length_a_esd      ? 
_cell.reciprocal_length_b_esd      ? 
_cell.reciprocal_length_c_esd      ? 
_cell.pdbx_unique_axis             ? 
# 
_symmetry.entry_id                         5YAV 
_symmetry.cell_setting                     ? 
_symmetry.Int_Tables_number                154 
_symmetry.space_group_name_Hall            ? 
_symmetry.space_group_name_H-M             'P 32 2 1' 
_symmetry.pdbx_full_space_group_name_H-M   ? 
# 
_exptl.absorpt_coefficient_mu     ? 
_exptl.absorpt_correction_T_max   ? 
_exptl.absorpt_correction_T_min   ? 
_exptl.absorpt_correction_type    ? 
_exptl.absorpt_process_details    ? 
_exptl.entry_id                   5YAV 
_exptl.crystals_number            1 
_exptl.details                    ? 
_exptl.method                     'X-RAY DIFFRACTION' 
_exptl.method_details             ? 
# 
_exptl_crystal.colour                      ? 
_exptl_crystal.density_diffrn              ? 
_exptl_crystal.density_Matthews            3.06 
_exptl_crystal.density_method              ? 
_exptl_crystal.density_percent_sol         59.85 
_exptl_crystal.description                 ? 
_exptl_crystal.F_000                       ? 
_exptl_crystal.id                          1 
_exptl_crystal.preparation                 ? 
_exptl_crystal.size_max                    ? 
_exptl_crystal.size_mid                    ? 
_exptl_crystal.size_min                    ? 
_exptl_crystal.size_rad                    ? 
_exptl_crystal.colour_lustre               ? 
_exptl_crystal.colour_modifier             ? 
_exptl_crystal.colour_primary              ? 
_exptl_crystal.density_meas                ? 
_exptl_crystal.density_meas_esd            ? 
_exptl_crystal.density_meas_gt             ? 
_exptl_crystal.density_meas_lt             ? 
_exptl_crystal.density_meas_temp           ? 
_exptl_crystal.density_meas_temp_esd       ? 
_exptl_crystal.density_meas_temp_gt        ? 
_exptl_crystal.density_meas_temp_lt        ? 
_exptl_crystal.pdbx_crystal_image_url      ? 
_exptl_crystal.pdbx_crystal_image_format   ? 
_exptl_crystal.pdbx_mosaicity              ? 
_exptl_crystal.pdbx_mosaicity_esd          ? 
# 
_exptl_crystal_grow.apparatus       ? 
_exptl_crystal_grow.atmosphere      ? 
_exptl_crystal_grow.crystal_id      1 
_exptl_crystal_grow.details         ? 
_exptl_crystal_grow.method          'VAPOR DIFFUSION, HANGING DROP' 
_exptl_crystal_grow.method_ref      ? 
_exptl_crystal_grow.pH              4.6 
_exptl_crystal_grow.pressure        ? 
_exptl_crystal_grow.pressure_esd    ? 
_exptl_crystal_grow.seeding         ? 
_exptl_crystal_grow.seeding_ref     ? 
_exptl_crystal_grow.temp            277 
_exptl_crystal_grow.temp_details    ? 
_exptl_crystal_grow.temp_esd        ? 
_exptl_crystal_grow.time            ? 
_exptl_crystal_grow.pdbx_details    '100Mm Sodium acetate Ph 4.6, 2.0M NaCl' 
_exptl_crystal_grow.pdbx_pH_range   ? 
# 
_diffrn.ambient_environment    ? 
_diffrn.ambient_temp           100 
_diffrn.ambient_temp_details   ? 
_diffrn.ambient_temp_esd       ? 
_diffrn.crystal_id             1 
_diffrn.crystal_support        ? 
_diffrn.crystal_treatment      ? 
_diffrn.details                ? 
_diffrn.id                     1 
_diffrn.ambient_pressure       ? 
_diffrn.ambient_pressure_esd   ? 
_diffrn.ambient_pressure_gt    ? 
_diffrn.ambient_pressure_lt    ? 
_diffrn.ambient_temp_gt        ? 
_diffrn.ambient_temp_lt        ? 
# 
_diffrn_detector.details                      ? 
_diffrn_detector.detector                     CCD 
_diffrn_detector.diffrn_id                    1 
_diffrn_detector.type                         'ADSC QUANTUM 315r' 
_diffrn_detector.area_resol_mean              ? 
_diffrn_detector.dtime                        ? 
_diffrn_detector.pdbx_frames_total            ? 
_diffrn_detector.pdbx_collection_time_total   ? 
_diffrn_detector.pdbx_collection_date         2015-03-14 
# 
_diffrn_radiation.collimation                      ? 
_diffrn_radiation.diffrn_id                        1 
_diffrn_radiation.filter_edge                      ? 
_diffrn_radiation.inhomogeneity                    ? 
_diffrn_radiation.monochromator                    ? 
_diffrn_radiation.polarisn_norm                    ? 
_diffrn_radiation.polarisn_ratio                   ? 
_diffrn_radiation.probe                            ? 
_diffrn_radiation.type                             ? 
_diffrn_radiation.xray_symbol                      ? 
_diffrn_radiation.wavelength_id                    1 
_diffrn_radiation.pdbx_monochromatic_or_laue_m_l   M 
_diffrn_radiation.pdbx_wavelength_list             ? 
_diffrn_radiation.pdbx_wavelength                  ? 
_diffrn_radiation.pdbx_diffrn_protocol             'SINGLE WAVELENGTH' 
_diffrn_radiation.pdbx_analyzer                    ? 
_diffrn_radiation.pdbx_scattering_type             x-ray 
# 
_diffrn_radiation_wavelength.id           1 
_diffrn_radiation_wavelength.wavelength   0.979 
_diffrn_radiation_wavelength.wt           1.0 
# 
_diffrn_source.current                     ? 
_diffrn_source.details                     ? 
_diffrn_source.diffrn_id                   1 
_diffrn_source.power                       ? 
_diffrn_source.size                        ? 
_diffrn_source.source                      SYNCHROTRON 
_diffrn_source.target                      ? 
_diffrn_source.type                        'SSRF BEAMLINE BL17U1' 
_diffrn_source.voltage                     ? 
_diffrn_source.take-off_angle              ? 
_diffrn_source.pdbx_wavelength_list        0.979 
_diffrn_source.pdbx_wavelength             ? 
_diffrn_source.pdbx_synchrotron_beamline   BL17U1 
_diffrn_source.pdbx_synchrotron_site       SSRF 
# 
_reflns.B_iso_Wilson_estimate            ? 
_reflns.entry_id                         5YAV 
_reflns.data_reduction_details           ? 
_reflns.data_reduction_method            ? 
_reflns.d_resolution_high                1.989 
_reflns.d_resolution_low                 48.307 
_reflns.details                          ? 
_reflns.limit_h_max                      ? 
_reflns.limit_h_min                      ? 
_reflns.limit_k_max                      ? 
_reflns.limit_k_min                      ? 
_reflns.limit_l_max                      ? 
_reflns.limit_l_min                      ? 
_reflns.number_all                       ? 
_reflns.number_obs                       14913 
_reflns.observed_criterion               ? 
_reflns.observed_criterion_F_max         ? 
_reflns.observed_criterion_F_min         ? 
_reflns.observed_criterion_I_max         ? 
_reflns.observed_criterion_I_min         ? 
_reflns.observed_criterion_sigma_F       ? 
_reflns.observed_criterion_sigma_I       ? 
_reflns.percent_possible_obs             98.84 
_reflns.R_free_details                   ? 
_reflns.Rmerge_F_all                     ? 
_reflns.Rmerge_F_obs                     ? 
_reflns.Friedel_coverage                 ? 
_reflns.number_gt                        ? 
_reflns.threshold_expression             ? 
_reflns.pdbx_redundancy                  6.6 
_reflns.pdbx_Rmerge_I_obs                ? 
_reflns.pdbx_Rmerge_I_all                ? 
_reflns.pdbx_Rsym_value                  ? 
_reflns.pdbx_netI_over_av_sigmaI         ? 
_reflns.pdbx_netI_over_sigmaI            1.34 
_reflns.pdbx_res_netI_over_av_sigmaI_2   ? 
_reflns.pdbx_res_netI_over_sigmaI_2      ? 
_reflns.pdbx_chi_squared                 ? 
_reflns.pdbx_scaling_rejects             ? 
_reflns.pdbx_d_res_high_opt              ? 
_reflns.pdbx_d_res_low_opt               ? 
_reflns.pdbx_d_res_opt_method            ? 
_reflns.phase_calculation_details        ? 
_reflns.pdbx_Rrim_I_all                  ? 
_reflns.pdbx_Rpim_I_all                  ? 
_reflns.pdbx_d_opt                       ? 
_reflns.pdbx_number_measured_all         ? 
_reflns.pdbx_diffrn_id                   1 
_reflns.pdbx_ordinal                     1 
_reflns.pdbx_CC_half                     ? 
_reflns.pdbx_R_split                     ? 
# 
_reflns_shell.d_res_high                  . 
_reflns_shell.d_res_low                   ? 
_reflns_shell.meanI_over_sigI_all         ? 
_reflns_shell.meanI_over_sigI_obs         ? 
_reflns_shell.number_measured_all         ? 
_reflns_shell.number_measured_obs         ? 
_reflns_shell.number_possible             ? 
_reflns_shell.number_unique_all           ? 
_reflns_shell.number_unique_obs           ? 
_reflns_shell.percent_possible_all        ? 
_reflns_shell.percent_possible_obs        ? 
_reflns_shell.Rmerge_F_all                ? 
_reflns_shell.Rmerge_F_obs                ? 
_reflns_shell.Rmerge_I_all                ? 
_reflns_shell.Rmerge_I_obs                ? 
_reflns_shell.meanI_over_sigI_gt          ? 
_reflns_shell.meanI_over_uI_all           ? 
_reflns_shell.meanI_over_uI_gt            ? 
_reflns_shell.number_measured_gt          ? 
_reflns_shell.number_unique_gt            ? 
_reflns_shell.percent_possible_gt         ? 
_reflns_shell.Rmerge_F_gt                 ? 
_reflns_shell.Rmerge_I_gt                 ? 
_reflns_shell.pdbx_redundancy             ? 
_reflns_shell.pdbx_Rsym_value             ? 
_reflns_shell.pdbx_chi_squared            ? 
_reflns_shell.pdbx_netI_over_sigmaI_all   ? 
_reflns_shell.pdbx_netI_over_sigmaI_obs   ? 
_reflns_shell.pdbx_Rrim_I_all             ? 
_reflns_shell.pdbx_Rpim_I_all             ? 
_reflns_shell.pdbx_rejects                ? 
_reflns_shell.pdbx_ordinal                1 
_reflns_shell.pdbx_diffrn_id              1 
_reflns_shell.pdbx_CC_half                ? 
_reflns_shell.pdbx_R_split                ? 
# 
_refine.aniso_B[1][1]                            ? 
_refine.aniso_B[1][2]                            ? 
_refine.aniso_B[1][3]                            ? 
_refine.aniso_B[2][2]                            ? 
_refine.aniso_B[2][3]                            ? 
_refine.aniso_B[3][3]                            ? 
_refine.B_iso_max                                ? 
_refine.B_iso_mean                               ? 
_refine.B_iso_min                                ? 
_refine.correlation_coeff_Fo_to_Fc               ? 
_refine.correlation_coeff_Fo_to_Fc_free          ? 
_refine.details                                  ? 
_refine.diff_density_max                         ? 
_refine.diff_density_max_esd                     ? 
_refine.diff_density_min                         ? 
_refine.diff_density_min_esd                     ? 
_refine.diff_density_rms                         ? 
_refine.diff_density_rms_esd                     ? 
_refine.entry_id                                 5YAV 
_refine.pdbx_refine_id                           'X-RAY DIFFRACTION' 
_refine.ls_abs_structure_details                 ? 
_refine.ls_abs_structure_Flack                   ? 
_refine.ls_abs_structure_Flack_esd               ? 
_refine.ls_abs_structure_Rogers                  ? 
_refine.ls_abs_structure_Rogers_esd              ? 
_refine.ls_d_res_high                            1.989 
_refine.ls_d_res_low                             22.287 
_refine.ls_extinction_coef                       ? 
_refine.ls_extinction_coef_esd                   ? 
_refine.ls_extinction_expression                 ? 
_refine.ls_extinction_method                     ? 
_refine.ls_goodness_of_fit_all                   ? 
_refine.ls_goodness_of_fit_all_esd               ? 
_refine.ls_goodness_of_fit_obs                   ? 
_refine.ls_goodness_of_fit_obs_esd               ? 
_refine.ls_hydrogen_treatment                    ? 
_refine.ls_matrix_type                           ? 
_refine.ls_number_constraints                    ? 
_refine.ls_number_parameters                     ? 
_refine.ls_number_reflns_all                     ? 
_refine.ls_number_reflns_obs                     14723 
_refine.ls_number_reflns_R_free                  703 
_refine.ls_number_reflns_R_work                  ? 
_refine.ls_number_restraints                     ? 
_refine.ls_percent_reflns_obs                    98.84 
_refine.ls_percent_reflns_R_free                 4.77 
_refine.ls_R_factor_all                          ? 
_refine.ls_R_factor_obs                          0.2268 
_refine.ls_R_factor_R_free                       0.2666 
_refine.ls_R_factor_R_free_error                 ? 
_refine.ls_R_factor_R_free_error_details         ? 
_refine.ls_R_factor_R_work                       0.2245 
_refine.ls_R_Fsqd_factor_obs                     ? 
_refine.ls_R_I_factor_obs                        ? 
_refine.ls_redundancy_reflns_all                 ? 
_refine.ls_redundancy_reflns_obs                 ? 
_refine.ls_restrained_S_all                      ? 
_refine.ls_restrained_S_obs                      ? 
_refine.ls_shift_over_esd_max                    ? 
_refine.ls_shift_over_esd_mean                   ? 
_refine.ls_structure_factor_coef                 ? 
_refine.ls_weighting_details                     ? 
_refine.ls_weighting_scheme                      ? 
_refine.ls_wR_factor_all                         ? 
_refine.ls_wR_factor_obs                         ? 
_refine.ls_wR_factor_R_free                      ? 
_refine.ls_wR_factor_R_work                      ? 
_refine.occupancy_max                            ? 
_refine.occupancy_min                            ? 
_refine.solvent_model_details                    ? 
_refine.solvent_model_param_bsol                 ? 
_refine.solvent_model_param_ksol                 ? 
_refine.ls_R_factor_gt                           ? 
_refine.ls_goodness_of_fit_gt                    ? 
_refine.ls_goodness_of_fit_ref                   ? 
_refine.ls_shift_over_su_max                     ? 
_refine.ls_shift_over_su_max_lt                  ? 
_refine.ls_shift_over_su_mean                    ? 
_refine.ls_shift_over_su_mean_lt                 ? 
_refine.pdbx_ls_sigma_I                          ? 
_refine.pdbx_ls_sigma_F                          1.34 
_refine.pdbx_ls_sigma_Fsqd                       ? 
_refine.pdbx_data_cutoff_high_absF               ? 
_refine.pdbx_data_cutoff_high_rms_absF           ? 
_refine.pdbx_data_cutoff_low_absF                ? 
_refine.pdbx_isotropic_thermal_model             ? 
_refine.pdbx_ls_cross_valid_method               NONE 
_refine.pdbx_method_to_determine_struct          ? 
_refine.pdbx_starting_model                      ? 
_refine.pdbx_stereochemistry_target_values       ? 
_refine.pdbx_R_Free_selection_details            ? 
_refine.pdbx_stereochem_target_val_spec_case     ? 
_refine.pdbx_overall_ESU_R                       ? 
_refine.pdbx_overall_ESU_R_Free                  ? 
_refine.pdbx_solvent_vdw_probe_radii             1.11 
_refine.pdbx_solvent_ion_probe_radii             ? 
_refine.pdbx_solvent_shrinkage_radii             0.90 
_refine.pdbx_real_space_R                        ? 
_refine.pdbx_density_correlation                 ? 
_refine.pdbx_pd_number_of_powder_patterns        ? 
_refine.pdbx_pd_number_of_points                 ? 
_refine.pdbx_pd_meas_number_of_points            ? 
_refine.pdbx_pd_proc_ls_prof_R_factor            ? 
_refine.pdbx_pd_proc_ls_prof_wR_factor           ? 
_refine.pdbx_pd_Marquardt_correlation_coeff      ? 
_refine.pdbx_pd_Fsqrd_R_factor                   ? 
_refine.pdbx_pd_ls_matrix_band_width             ? 
_refine.pdbx_overall_phase_error                 34.36 
_refine.pdbx_overall_SU_R_free_Cruickshank_DPI   ? 
_refine.pdbx_overall_SU_R_free_Blow_DPI          ? 
_refine.pdbx_overall_SU_R_Blow_DPI               ? 
_refine.pdbx_TLS_residual_ADP_flag               ? 
_refine.pdbx_diffrn_id                           1 
_refine.overall_SU_B                             ? 
_refine.overall_SU_ML                            0.30 
_refine.overall_SU_R_Cruickshank_DPI             ? 
_refine.overall_SU_R_free                        ? 
_refine.overall_FOM_free_R_set                   ? 
_refine.overall_FOM_work_R_set                   ? 
_refine.pdbx_average_fsc_overall                 ? 
_refine.pdbx_average_fsc_work                    ? 
_refine.pdbx_average_fsc_free                    ? 
# 
_refine_hist.pdbx_refine_id                   'X-RAY DIFFRACTION' 
_refine_hist.cycle_id                         LAST 
_refine_hist.pdbx_number_atoms_protein        1192 
_refine_hist.pdbx_number_atoms_nucleic_acid   0 
_refine_hist.pdbx_number_atoms_ligand         15 
_refine_hist.number_atoms_solvent             93 
_refine_hist.number_atoms_total               1300 
_refine_hist.d_res_high                       1.989 
_refine_hist.d_res_low                        22.287 
# 
loop_
_refine_ls_restr.pdbx_refine_id 
_refine_ls_restr.criterion 
_refine_ls_restr.dev_ideal 
_refine_ls_restr.dev_ideal_target 
_refine_ls_restr.number 
_refine_ls_restr.rejects 
_refine_ls_restr.type 
_refine_ls_restr.weight 
_refine_ls_restr.pdbx_restraint_function 
'X-RAY DIFFRACTION' ? 0.007  ? 1231 ? f_bond_d           ? ? 
'X-RAY DIFFRACTION' ? 0.944  ? 1654 ? f_angle_d          ? ? 
'X-RAY DIFFRACTION' ? 14.806 ? 460  ? f_dihedral_angle_d ? ? 
'X-RAY DIFFRACTION' ? 0.038  ? 179  ? f_chiral_restr     ? ? 
'X-RAY DIFFRACTION' ? 0.004  ? 208  ? f_plane_restr      ? ? 
# 
loop_
_refine_ls_shell.pdbx_refine_id 
_refine_ls_shell.d_res_high 
_refine_ls_shell.d_res_low 
_refine_ls_shell.number_reflns_all 
_refine_ls_shell.number_reflns_obs 
_refine_ls_shell.number_reflns_R_free 
_refine_ls_shell.number_reflns_R_work 
_refine_ls_shell.percent_reflns_obs 
_refine_ls_shell.percent_reflns_R_free 
_refine_ls_shell.R_factor_all 
_refine_ls_shell.R_factor_obs 
_refine_ls_shell.R_factor_R_free 
_refine_ls_shell.R_factor_R_free_error 
_refine_ls_shell.R_factor_R_work 
_refine_ls_shell.redundancy_reflns_all 
_refine_ls_shell.redundancy_reflns_obs 
_refine_ls_shell.wR_factor_all 
_refine_ls_shell.wR_factor_obs 
_refine_ls_shell.wR_factor_R_free 
_refine_ls_shell.wR_factor_R_work 
_refine_ls_shell.pdbx_total_number_of_bins_used 
_refine_ls_shell.pdbx_phase_error 
_refine_ls_shell.pdbx_fsc_work 
_refine_ls_shell.pdbx_fsc_free 
'X-RAY DIFFRACTION' 1.9891 2.1425  . . 126 2702 97.00  . . . 0.3910 . 0.2811 . . . . . . . . . . 
'X-RAY DIFFRACTION' 2.1425 2.3579  . . 153 2743 99.00  . . . 0.3257 . 0.2505 . . . . . . . . . . 
'X-RAY DIFFRACTION' 2.3579 2.6986  . . 110 2818 100.00 . . . 0.3068 . 0.2514 . . . . . . . . . . 
'X-RAY DIFFRACTION' 2.6986 3.3981  . . 146 2819 99.00  . . . 0.2748 . 0.2442 . . . . . . . . . . 
'X-RAY DIFFRACTION' 3.3981 22.2885 . . 168 2938 99.00  . . . 0.2359 . 0.1972 . . . . . . . . . . 
# 
_struct.entry_id                     5YAV 
_struct.title                        
'Fragment-based Drug Discovery of inhibitors to block PDEdelta-RAS protein-protein interaction' 
_struct.pdbx_model_details           ? 
_struct.pdbx_formula_weight          ? 
_struct.pdbx_formula_weight_method   ? 
_struct.pdbx_model_type_details      ? 
_struct.pdbx_CASP_flag               N 
# 
_struct_keywords.entry_id        5YAV 
_struct_keywords.text            'PDE6delta, ONCOPROTEIN' 
_struct_keywords.pdbx_keywords   ONCOPROTEIN 
# 
loop_
_struct_asym.id 
_struct_asym.pdbx_blank_PDB_chainid_flag 
_struct_asym.pdbx_modified 
_struct_asym.entity_id 
_struct_asym.details 
A N N 1 ? 
B N N 2 ? 
C N N 3 ? 
# 
_struct_ref.id                         1 
_struct_ref.db_name                    UNP 
_struct_ref.db_code                    PDE6D_HUMAN 
_struct_ref.pdbx_db_accession          O43924 
_struct_ref.pdbx_db_isoform            ? 
_struct_ref.entity_id                  1 
_struct_ref.pdbx_seq_one_letter_code   
;MSAKDERAREILRGFKLNWMNLRDAETGKILWQGTEDLSVPGVEHEARVPKKILKCKAVSRELNFSSTEQMEKFRLEQKV
YFKGQCLEEWFFEFGFVIPNSTNTWQSLIEAAPESQMMPASVLTGNVIIETKFFDDDLLVSTSRVRLFYV
;
_struct_ref.pdbx_align_begin           1 
# 
_struct_ref_seq.align_id                      1 
_struct_ref_seq.ref_id                        1 
_struct_ref_seq.pdbx_PDB_id_code              5YAV 
_struct_ref_seq.pdbx_strand_id                B 
_struct_ref_seq.seq_align_beg                 1 
_struct_ref_seq.pdbx_seq_align_beg_ins_code   ? 
_struct_ref_seq.seq_align_end                 150 
_struct_ref_seq.pdbx_seq_align_end_ins_code   ? 
_struct_ref_seq.pdbx_db_accession             O43924 
_struct_ref_seq.db_align_beg                  1 
_struct_ref_seq.pdbx_db_align_beg_ins_code    ? 
_struct_ref_seq.db_align_end                  150 
_struct_ref_seq.pdbx_db_align_end_ins_code    ? 
_struct_ref_seq.pdbx_auth_seq_align_beg       1 
_struct_ref_seq.pdbx_auth_seq_align_end       150 
# 
_pdbx_struct_assembly.id                   1 
_pdbx_struct_assembly.details              author_defined_assembly 
_pdbx_struct_assembly.method_details       ? 
_pdbx_struct_assembly.oligomeric_details   monomeric 
_pdbx_struct_assembly.oligomeric_count     1 
# 
loop_
_pdbx_struct_assembly_prop.biol_id 
_pdbx_struct_assembly_prop.type 
_pdbx_struct_assembly_prop.value 
_pdbx_struct_assembly_prop.details 
1 'ABSA (A^2)' 0    ? 
1 MORE         0    ? 
1 'SSA (A^2)'  8360 ? 
# 
_pdbx_struct_assembly_gen.assembly_id       1 
_pdbx_struct_assembly_gen.oper_expression   1 
_pdbx_struct_assembly_gen.asym_id_list      A,B,C 
# 
_pdbx_struct_assembly_auth_evidence.id                     1 
_pdbx_struct_assembly_auth_evidence.assembly_id            1 
_pdbx_struct_assembly_auth_evidence.experimental_support   'gel filtration' 
_pdbx_struct_assembly_auth_evidence.details                ? 
# 
_pdbx_struct_oper_list.id                   1 
_pdbx_struct_oper_list.type                 'identity operation' 
_pdbx_struct_oper_list.name                 1_555 
_pdbx_struct_oper_list.symmetry_operation   x,y,z 
_pdbx_struct_oper_list.matrix[1][1]         1.0000000000 
_pdbx_struct_oper_list.matrix[1][2]         0.0000000000 
_pdbx_struct_oper_list.matrix[1][3]         0.0000000000 
_pdbx_struct_oper_list.vector[1]            0.0000000000 
_pdbx_struct_oper_list.matrix[2][1]         0.0000000000 
_pdbx_struct_oper_list.matrix[2][2]         1.0000000000 
_pdbx_struct_oper_list.matrix[2][3]         0.0000000000 
_pdbx_struct_oper_list.vector[2]            0.0000000000 
_pdbx_struct_oper_list.matrix[3][1]         0.0000000000 
_pdbx_struct_oper_list.matrix[3][2]         0.0000000000 
_pdbx_struct_oper_list.matrix[3][3]         1.0000000000 
_pdbx_struct_oper_list.vector[3]            0.0000000000 
# 
loop_
_struct_conf.conf_type_id 
_struct_conf.id 
_struct_conf.pdbx_PDB_helix_id 
_struct_conf.beg_label_comp_id 
_struct_conf.beg_label_asym_id 
_struct_conf.beg_label_seq_id 
_struct_conf.pdbx_beg_PDB_ins_code 
_struct_conf.end_label_comp_id 
_struct_conf.end_label_asym_id 
_struct_conf.end_label_seq_id 
_struct_conf.pdbx_end_PDB_ins_code 
_struct_conf.beg_auth_comp_id 
_struct_conf.beg_auth_asym_id 
_struct_conf.beg_auth_seq_id 
_struct_conf.end_auth_comp_id 
_struct_conf.end_auth_asym_id 
_struct_conf.end_auth_seq_id 
_struct_conf.pdbx_PDB_helix_class 
_struct_conf.details 
_struct_conf.pdbx_PDB_helix_length 
HELX_P HELX_P1 AA1 SER A 2   ? GLY A 14  ? SER B 2   GLY B 14  1 ? 13 
HELX_P HELX_P2 AA2 LYS A 52  ? CYS A 56  ? LYS B 52  CYS B 56  5 ? 5  
HELX_P HELX_P3 AA3 PRO A 119 ? THR A 124 ? PRO B 119 THR B 124 1 ? 6  
# 
_struct_conf_type.id          HELX_P 
_struct_conf_type.criteria    ? 
_struct_conf_type.reference   ? 
# 
loop_
_struct_sheet.id 
_struct_sheet.type 
_struct_sheet.number_strands 
_struct_sheet.details 
AA1 ? 4 ? 
AA2 ? 5 ? 
# 
loop_
_struct_sheet_order.sheet_id 
_struct_sheet_order.range_id_1 
_struct_sheet_order.range_id_2 
_struct_sheet_order.offset 
_struct_sheet_order.sense 
AA1 1 2 ? anti-parallel 
AA1 2 3 ? anti-parallel 
AA1 3 4 ? anti-parallel 
AA2 1 2 ? parallel      
AA2 2 3 ? anti-parallel 
AA2 3 4 ? anti-parallel 
AA2 4 5 ? anti-parallel 
# 
loop_
_struct_sheet_range.sheet_id 
_struct_sheet_range.id 
_struct_sheet_range.beg_label_comp_id 
_struct_sheet_range.beg_label_asym_id 
_struct_sheet_range.beg_label_seq_id 
_struct_sheet_range.pdbx_beg_PDB_ins_code 
_struct_sheet_range.end_label_comp_id 
_struct_sheet_range.end_label_asym_id 
_struct_sheet_range.end_label_seq_id 
_struct_sheet_range.pdbx_end_PDB_ins_code 
_struct_sheet_range.beg_auth_comp_id 
_struct_sheet_range.beg_auth_asym_id 
_struct_sheet_range.beg_auth_seq_id 
_struct_sheet_range.end_auth_comp_id 
_struct_sheet_range.end_auth_asym_id 
_struct_sheet_range.end_auth_seq_id 
AA1 1 ILE A 30  ? GLY A 34  ? ILE B 30  GLY B 34  
AA1 2 PHE A 15  ? ASP A 24  ? PHE B 15  ASP B 24  
AA1 3 ALA A 58  ? SER A 67  ? ALA B 58  SER B 67  
AA1 4 SER A 101 ? GLU A 110 ? SER B 101 GLU B 110 
AA2 1 GLU A 44  ? PRO A 50  ? GLU B 44  PRO B 50  
AA2 2 LEU A 138 ? VAL A 150 ? LEU B 138 VAL B 150 
AA2 3 VAL A 127 ? ASP A 135 ? VAL B 127 ASP B 135 
AA2 4 MET A 71  ? PHE A 82  ? MET B 71  PHE B 82  
AA2 5 GLN A 85  ? VAL A 97  ? GLN B 85  VAL B 97  
# 
loop_
_pdbx_struct_sheet_hbond.sheet_id 
_pdbx_struct_sheet_hbond.range_id_1 
_pdbx_struct_sheet_hbond.range_id_2 
_pdbx_struct_sheet_hbond.range_1_label_atom_id 
_pdbx_struct_sheet_hbond.range_1_label_comp_id 
_pdbx_struct_sheet_hbond.range_1_label_asym_id 
_pdbx_struct_sheet_hbond.range_1_label_seq_id 
_pdbx_struct_sheet_hbond.range_1_PDB_ins_code 
_pdbx_struct_sheet_hbond.range_1_auth_atom_id 
_pdbx_struct_sheet_hbond.range_1_auth_comp_id 
_pdbx_struct_sheet_hbond.range_1_auth_asym_id 
_pdbx_struct_sheet_hbond.range_1_auth_seq_id 
_pdbx_struct_sheet_hbond.range_2_label_atom_id 
_pdbx_struct_sheet_hbond.range_2_label_comp_id 
_pdbx_struct_sheet_hbond.range_2_label_asym_id 
_pdbx_struct_sheet_hbond.range_2_label_seq_id 
_pdbx_struct_sheet_hbond.range_2_PDB_ins_code 
_pdbx_struct_sheet_hbond.range_2_auth_atom_id 
_pdbx_struct_sheet_hbond.range_2_auth_comp_id 
_pdbx_struct_sheet_hbond.range_2_auth_asym_id 
_pdbx_struct_sheet_hbond.range_2_auth_seq_id 
AA1 1 2 O GLY A 34  ? O GLY B 34  N MET A 20  ? N MET B 20  
AA1 2 3 N ARG A 23  ? N ARG B 23  O SER A 60  ? O SER B 60  
AA1 3 4 N VAL A 59  ? N VAL B 59  O ILE A 109 ? O ILE B 109 
AA2 1 2 N HIS A 45  ? N HIS B 45  O ARG A 146 ? O ARG B 146 
AA2 2 3 O VAL A 140 ? O VAL B 140 N PHE A 133 ? N PHE B 133 
AA2 3 4 O ILE A 128 ? O ILE B 128 N TYR A 81  ? N TYR B 81  
AA2 4 5 N MET A 71  ? N MET B 71  O VAL A 97  ? O VAL B 97  
# 
_struct_site.id                   AC1 
_struct_site.pdbx_evidence_code   Software 
_struct_site.pdbx_auth_asym_id    B 
_struct_site.pdbx_auth_comp_id    8SF 
_struct_site.pdbx_auth_seq_id     201 
_struct_site.pdbx_auth_ins_code   ? 
_struct_site.pdbx_num_residues    8 
_struct_site.details              'binding site for residue 8SF B 201' 
# 
loop_
_struct_site_gen.id 
_struct_site_gen.site_id 
_struct_site_gen.pdbx_num_res 
_struct_site_gen.label_comp_id 
_struct_site_gen.label_asym_id 
_struct_site_gen.label_seq_id 
_struct_site_gen.pdbx_auth_ins_code 
_struct_site_gen.auth_comp_id 
_struct_site_gen.auth_asym_id 
_struct_site_gen.auth_seq_id 
_struct_site_gen.label_atom_id 
_struct_site_gen.label_alt_id 
_struct_site_gen.symmetry 
_struct_site_gen.details 
1 AC1 8 LEU A 22  ? LEU B 22  . ? 1_555 ? 
2 AC1 8 TRP A 32  ? TRP B 32  . ? 1_555 ? 
3 AC1 8 LEU A 38  ? LEU B 38  . ? 1_555 ? 
4 AC1 8 ALA A 47  ? ALA B 47  . ? 1_555 ? 
5 AC1 8 ARG A 61  ? ARG B 61  . ? 1_555 ? 
6 AC1 8 GLN A 78  ? GLN B 78  . ? 1_555 ? 
7 AC1 8 THR A 131 ? THR B 131 . ? 1_555 ? 
8 AC1 8 LEU A 147 ? LEU B 147 . ? 1_555 ? 
# 
loop_
_pdbx_validate_close_contact.id 
_pdbx_validate_close_contact.PDB_model_num 
_pdbx_validate_close_contact.auth_atom_id_1 
_pdbx_validate_close_contact.auth_asym_id_1 
_pdbx_validate_close_contact.auth_comp_id_1 
_pdbx_validate_close_contact.auth_seq_id_1 
_pdbx_validate_close_contact.PDB_ins_code_1 
_pdbx_validate_close_contact.label_alt_id_1 
_pdbx_validate_close_contact.auth_atom_id_2 
_pdbx_validate_close_contact.auth_asym_id_2 
_pdbx_validate_close_contact.auth_comp_id_2 
_pdbx_validate_close_contact.auth_seq_id_2 
_pdbx_validate_close_contact.PDB_ins_code_2 
_pdbx_validate_close_contact.label_alt_id_2 
_pdbx_validate_close_contact.dist 
1 1 O  B HOH 358 ? ? O B HOH 385 ? ? 2.13 
2 1 O  B HOH 302 ? ? O B HOH 306 ? ? 2.16 
3 1 O  B HOH 311 ? ? O B HOH 329 ? ? 2.18 
4 1 NZ B LYS 132 ? ? O B HOH 301 ? ? 2.18 
# 
loop_
_pdbx_validate_torsion.id 
_pdbx_validate_torsion.PDB_model_num 
_pdbx_validate_torsion.auth_comp_id 
_pdbx_validate_torsion.auth_asym_id 
_pdbx_validate_torsion.auth_seq_id 
_pdbx_validate_torsion.PDB_ins_code 
_pdbx_validate_torsion.label_alt_id 
_pdbx_validate_torsion.phi 
_pdbx_validate_torsion.psi 
1 1 GLU B 88  ? ? -171.44 140.93 
2 1 ASP B 136 ? ? 54.55   -99.98 
# 
_pdbx_struct_special_symmetry.id              1 
_pdbx_struct_special_symmetry.PDB_model_num   1 
_pdbx_struct_special_symmetry.auth_asym_id    B 
_pdbx_struct_special_symmetry.auth_comp_id    HOH 
_pdbx_struct_special_symmetry.auth_seq_id     372 
_pdbx_struct_special_symmetry.PDB_ins_code    ? 
_pdbx_struct_special_symmetry.label_asym_id   C 
_pdbx_struct_special_symmetry.label_comp_id   HOH 
_pdbx_struct_special_symmetry.label_seq_id    . 
# 
loop_
_pdbx_unobs_or_zero_occ_residues.id 
_pdbx_unobs_or_zero_occ_residues.PDB_model_num 
_pdbx_unobs_or_zero_occ_residues.polymer_flag 
_pdbx_unobs_or_zero_occ_residues.occupancy_flag 
_pdbx_unobs_or_zero_occ_residues.auth_asym_id 
_pdbx_unobs_or_zero_occ_residues.auth_comp_id 
_pdbx_unobs_or_zero_occ_residues.auth_seq_id 
_pdbx_unobs_or_zero_occ_residues.PDB_ins_code 
_pdbx_unobs_or_zero_occ_residues.label_asym_id 
_pdbx_unobs_or_zero_occ_residues.label_comp_id 
_pdbx_unobs_or_zero_occ_residues.label_seq_id 
1 1 Y 1 B MET 1   ? A MET 1   
2 1 Y 1 B GLU 26  ? A GLU 26  
3 1 Y 1 B PRO 113 ? A PRO 113 
4 1 Y 1 B GLU 114 ? A GLU 114 
# 
loop_
_chem_comp_atom.comp_id 
_chem_comp_atom.atom_id 
_chem_comp_atom.type_symbol 
_chem_comp_atom.pdbx_aromatic_flag 
_chem_comp_atom.pdbx_stereo_config 
_chem_comp_atom.pdbx_ordinal 
8SF C13  C N N 1   
8SF C15  C N N 2   
8SF C01  C Y N 3   
8SF C02  C Y N 4   
8SF C03  C Y N 5   
8SF C04  C Y N 6   
8SF C05  C Y N 7   
8SF C06  C Y N 8   
8SF N07  N Y N 9   
8SF C08  C Y N 10  
8SF N09  N Y N 11  
8SF N10  N Y N 12  
8SF N11  N Y N 13  
8SF S12  S N N 14  
8SF C14  C N N 15  
8SF H1   H N N 16  
8SF H2   H N N 17  
8SF H3   H N N 18  
8SF H4   H N N 19  
8SF H5   H N N 20  
8SF H6   H N N 21  
8SF H7   H N N 22  
8SF H8   H N N 23  
8SF H9   H N N 24  
8SF H10  H N N 25  
8SF H11  H N N 26  
8SF H12  H N N 27  
ALA N    N N N 28  
ALA CA   C N S 29  
ALA C    C N N 30  
ALA O    O N N 31  
ALA CB   C N N 32  
ALA OXT  O N N 33  
ALA H    H N N 34  
ALA H2   H N N 35  
ALA HA   H N N 36  
ALA HB1  H N N 37  
ALA HB2  H N N 38  
ALA HB3  H N N 39  
ALA HXT  H N N 40  
ARG N    N N N 41  
ARG CA   C N S 42  
ARG C    C N N 43  
ARG O    O N N 44  
ARG CB   C N N 45  
ARG CG   C N N 46  
ARG CD   C N N 47  
ARG NE   N N N 48  
ARG CZ   C N N 49  
ARG NH1  N N N 50  
ARG NH2  N N N 51  
ARG OXT  O N N 52  
ARG H    H N N 53  
ARG H2   H N N 54  
ARG HA   H N N 55  
ARG HB2  H N N 56  
ARG HB3  H N N 57  
ARG HG2  H N N 58  
ARG HG3  H N N 59  
ARG HD2  H N N 60  
ARG HD3  H N N 61  
ARG HE   H N N 62  
ARG HH11 H N N 63  
ARG HH12 H N N 64  
ARG HH21 H N N 65  
ARG HH22 H N N 66  
ARG HXT  H N N 67  
ASN N    N N N 68  
ASN CA   C N S 69  
ASN C    C N N 70  
ASN O    O N N 71  
ASN CB   C N N 72  
ASN CG   C N N 73  
ASN OD1  O N N 74  
ASN ND2  N N N 75  
ASN OXT  O N N 76  
ASN H    H N N 77  
ASN H2   H N N 78  
ASN HA   H N N 79  
ASN HB2  H N N 80  
ASN HB3  H N N 81  
ASN HD21 H N N 82  
ASN HD22 H N N 83  
ASN HXT  H N N 84  
ASP N    N N N 85  
ASP CA   C N S 86  
ASP C    C N N 87  
ASP O    O N N 88  
ASP CB   C N N 89  
ASP CG   C N N 90  
ASP OD1  O N N 91  
ASP OD2  O N N 92  
ASP OXT  O N N 93  
ASP H    H N N 94  
ASP H2   H N N 95  
ASP HA   H N N 96  
ASP HB2  H N N 97  
ASP HB3  H N N 98  
ASP HD2  H N N 99  
ASP HXT  H N N 100 
CYS N    N N N 101 
CYS CA   C N R 102 
CYS C    C N N 103 
CYS O    O N N 104 
CYS CB   C N N 105 
CYS SG   S N N 106 
CYS OXT  O N N 107 
CYS H    H N N 108 
CYS H2   H N N 109 
CYS HA   H N N 110 
CYS HB2  H N N 111 
CYS HB3  H N N 112 
CYS HG   H N N 113 
CYS HXT  H N N 114 
GLN N    N N N 115 
GLN CA   C N S 116 
GLN C    C N N 117 
GLN O    O N N 118 
GLN CB   C N N 119 
GLN CG   C N N 120 
GLN CD   C N N 121 
GLN OE1  O N N 122 
GLN NE2  N N N 123 
GLN OXT  O N N 124 
GLN H    H N N 125 
GLN H2   H N N 126 
GLN HA   H N N 127 
GLN HB2  H N N 128 
GLN HB3  H N N 129 
GLN HG2  H N N 130 
GLN HG3  H N N 131 
GLN HE21 H N N 132 
GLN HE22 H N N 133 
GLN HXT  H N N 134 
GLU N    N N N 135 
GLU CA   C N S 136 
GLU C    C N N 137 
GLU O    O N N 138 
GLU CB   C N N 139 
GLU CG   C N N 140 
GLU CD   C N N 141 
GLU OE1  O N N 142 
GLU OE2  O N N 143 
GLU OXT  O N N 144 
GLU H    H N N 145 
GLU H2   H N N 146 
GLU HA   H N N 147 
GLU HB2  H N N 148 
GLU HB3  H N N 149 
GLU HG2  H N N 150 
GLU HG3  H N N 151 
GLU HE2  H N N 152 
GLU HXT  H N N 153 
GLY N    N N N 154 
GLY CA   C N N 155 
GLY C    C N N 156 
GLY O    O N N 157 
GLY OXT  O N N 158 
GLY H    H N N 159 
GLY H2   H N N 160 
GLY HA2  H N N 161 
GLY HA3  H N N 162 
GLY HXT  H N N 163 
HIS N    N N N 164 
HIS CA   C N S 165 
HIS C    C N N 166 
HIS O    O N N 167 
HIS CB   C N N 168 
HIS CG   C Y N 169 
HIS ND1  N Y N 170 
HIS CD2  C Y N 171 
HIS CE1  C Y N 172 
HIS NE2  N Y N 173 
HIS OXT  O N N 174 
HIS H    H N N 175 
HIS H2   H N N 176 
HIS HA   H N N 177 
HIS HB2  H N N 178 
HIS HB3  H N N 179 
HIS HD1  H N N 180 
HIS HD2  H N N 181 
HIS HE1  H N N 182 
HIS HE2  H N N 183 
HIS HXT  H N N 184 
HOH O    O N N 185 
HOH H1   H N N 186 
HOH H2   H N N 187 
ILE N    N N N 188 
ILE CA   C N S 189 
ILE C    C N N 190 
ILE O    O N N 191 
ILE CB   C N S 192 
ILE CG1  C N N 193 
ILE CG2  C N N 194 
ILE CD1  C N N 195 
ILE OXT  O N N 196 
ILE H    H N N 197 
ILE H2   H N N 198 
ILE HA   H N N 199 
ILE HB   H N N 200 
ILE HG12 H N N 201 
ILE HG13 H N N 202 
ILE HG21 H N N 203 
ILE HG22 H N N 204 
ILE HG23 H N N 205 
ILE HD11 H N N 206 
ILE HD12 H N N 207 
ILE HD13 H N N 208 
ILE HXT  H N N 209 
LEU N    N N N 210 
LEU CA   C N S 211 
LEU C    C N N 212 
LEU O    O N N 213 
LEU CB   C N N 214 
LEU CG   C N N 215 
LEU CD1  C N N 216 
LEU CD2  C N N 217 
LEU OXT  O N N 218 
LEU H    H N N 219 
LEU H2   H N N 220 
LEU HA   H N N 221 
LEU HB2  H N N 222 
LEU HB3  H N N 223 
LEU HG   H N N 224 
LEU HD11 H N N 225 
LEU HD12 H N N 226 
LEU HD13 H N N 227 
LEU HD21 H N N 228 
LEU HD22 H N N 229 
LEU HD23 H N N 230 
LEU HXT  H N N 231 
LYS N    N N N 232 
LYS CA   C N S 233 
LYS C    C N N 234 
LYS O    O N N 235 
LYS CB   C N N 236 
LYS CG   C N N 237 
LYS CD   C N N 238 
LYS CE   C N N 239 
LYS NZ   N N N 240 
LYS OXT  O N N 241 
LYS H    H N N 242 
LYS H2   H N N 243 
LYS HA   H N N 244 
LYS HB2  H N N 245 
LYS HB3  H N N 246 
LYS HG2  H N N 247 
LYS HG3  H N N 248 
LYS HD2  H N N 249 
LYS HD3  H N N 250 
LYS HE2  H N N 251 
LYS HE3  H N N 252 
LYS HZ1  H N N 253 
LYS HZ2  H N N 254 
LYS HZ3  H N N 255 
LYS HXT  H N N 256 
MET N    N N N 257 
MET CA   C N S 258 
MET C    C N N 259 
MET O    O N N 260 
MET CB   C N N 261 
MET CG   C N N 262 
MET SD   S N N 263 
MET CE   C N N 264 
MET OXT  O N N 265 
MET H    H N N 266 
MET H2   H N N 267 
MET HA   H N N 268 
MET HB2  H N N 269 
MET HB3  H N N 270 
MET HG2  H N N 271 
MET HG3  H N N 272 
MET HE1  H N N 273 
MET HE2  H N N 274 
MET HE3  H N N 275 
MET HXT  H N N 276 
PHE N    N N N 277 
PHE CA   C N S 278 
PHE C    C N N 279 
PHE O    O N N 280 
PHE CB   C N N 281 
PHE CG   C Y N 282 
PHE CD1  C Y N 283 
PHE CD2  C Y N 284 
PHE CE1  C Y N 285 
PHE CE2  C Y N 286 
PHE CZ   C Y N 287 
PHE OXT  O N N 288 
PHE H    H N N 289 
PHE H2   H N N 290 
PHE HA   H N N 291 
PHE HB2  H N N 292 
PHE HB3  H N N 293 
PHE HD1  H N N 294 
PHE HD2  H N N 295 
PHE HE1  H N N 296 
PHE HE2  H N N 297 
PHE HZ   H N N 298 
PHE HXT  H N N 299 
PRO N    N N N 300 
PRO CA   C N S 301 
PRO C    C N N 302 
PRO O    O N N 303 
PRO CB   C N N 304 
PRO CG   C N N 305 
PRO CD   C N N 306 
PRO OXT  O N N 307 
PRO H    H N N 308 
PRO HA   H N N 309 
PRO HB2  H N N 310 
PRO HB3  H N N 311 
PRO HG2  H N N 312 
PRO HG3  H N N 313 
PRO HD2  H N N 314 
PRO HD3  H N N 315 
PRO HXT  H N N 316 
SER N    N N N 317 
SER CA   C N S 318 
SER C    C N N 319 
SER O    O N N 320 
SER CB   C N N 321 
SER OG   O N N 322 
SER OXT  O N N 323 
SER H    H N N 324 
SER H2   H N N 325 
SER HA   H N N 326 
SER HB2  H N N 327 
SER HB3  H N N 328 
SER HG   H N N 329 
SER HXT  H N N 330 
THR N    N N N 331 
THR CA   C N S 332 
THR C    C N N 333 
THR O    O N N 334 
THR CB   C N R 335 
THR OG1  O N N 336 
THR CG2  C N N 337 
THR OXT  O N N 338 
THR H    H N N 339 
THR H2   H N N 340 
THR HA   H N N 341 
THR HB   H N N 342 
THR HG1  H N N 343 
THR HG21 H N N 344 
THR HG22 H N N 345 
THR HG23 H N N 346 
THR HXT  H N N 347 
TRP N    N N N 348 
TRP CA   C N S 349 
TRP C    C N N 350 
TRP O    O N N 351 
TRP CB   C N N 352 
TRP CG   C Y N 353 
TRP CD1  C Y N 354 
TRP CD2  C Y N 355 
TRP NE1  N Y N 356 
TRP CE2  C Y N 357 
TRP CE3  C Y N 358 
TRP CZ2  C Y N 359 
TRP CZ3  C Y N 360 
TRP CH2  C Y N 361 
TRP OXT  O N N 362 
TRP H    H N N 363 
TRP H2   H N N 364 
TRP HA   H N N 365 
TRP HB2  H N N 366 
TRP HB3  H N N 367 
TRP HD1  H N N 368 
TRP HE1  H N N 369 
TRP HE3  H N N 370 
TRP HZ2  H N N 371 
TRP HZ3  H N N 372 
TRP HH2  H N N 373 
TRP HXT  H N N 374 
TYR N    N N N 375 
TYR CA   C N S 376 
TYR C    C N N 377 
TYR O    O N N 378 
TYR CB   C N N 379 
TYR CG   C Y N 380 
TYR CD1  C Y N 381 
TYR CD2  C Y N 382 
TYR CE1  C Y N 383 
TYR CE2  C Y N 384 
TYR CZ   C Y N 385 
TYR OH   O N N 386 
TYR OXT  O N N 387 
TYR H    H N N 388 
TYR H2   H N N 389 
TYR HA   H N N 390 
TYR HB2  H N N 391 
TYR HB3  H N N 392 
TYR HD1  H N N 393 
TYR HD2  H N N 394 
TYR HE1  H N N 395 
TYR HE2  H N N 396 
TYR HH   H N N 397 
TYR HXT  H N N 398 
VAL N    N N N 399 
VAL CA   C N S 400 
VAL C    C N N 401 
VAL O    O N N 402 
VAL CB   C N N 403 
VAL CG1  C N N 404 
VAL CG2  C N N 405 
VAL OXT  O N N 406 
VAL H    H N N 407 
VAL H2   H N N 408 
VAL HA   H N N 409 
VAL HB   H N N 410 
VAL HG11 H N N 411 
VAL HG12 H N N 412 
VAL HG13 H N N 413 
VAL HG21 H N N 414 
VAL HG22 H N N 415 
VAL HG23 H N N 416 
VAL HXT  H N N 417 
# 
loop_
_chem_comp_bond.comp_id 
_chem_comp_bond.atom_id_1 
_chem_comp_bond.atom_id_2 
_chem_comp_bond.value_order 
_chem_comp_bond.pdbx_aromatic_flag 
_chem_comp_bond.pdbx_stereo_config 
_chem_comp_bond.pdbx_ordinal 
8SF C13 C15  sing N N 1   
8SF C13 S12  sing N N 2   
8SF C13 C14  sing N N 3   
8SF C01 C02  doub Y N 4   
8SF C01 C06  sing Y N 5   
8SF C02 C03  sing Y N 6   
8SF C03 C04  doub Y N 7   
8SF C04 C05  sing Y N 8   
8SF C05 C06  doub Y N 9   
8SF C06 N07  sing N N 10  
8SF N07 C08  sing Y N 11  
8SF N07 N11  sing Y N 12  
8SF C08 N09  doub Y N 13  
8SF C08 S12  sing N N 14  
8SF N09 N10  sing Y N 15  
8SF N10 N11  doub Y N 16  
8SF C13 H12  sing N N 17  
8SF C15 H1   sing N N 18  
8SF C15 H2   sing N N 19  
8SF C15 H3   sing N N 20  
8SF C01 H4   sing N N 21  
8SF C02 H5   sing N N 22  
8SF C03 H6   sing N N 23  
8SF C04 H7   sing N N 24  
8SF C05 H8   sing N N 25  
8SF C14 H9   sing N N 26  
8SF C14 H10  sing N N 27  
8SF C14 H11  sing N N 28  
ALA N   CA   sing N N 29  
ALA N   H    sing N N 30  
ALA N   H2   sing N N 31  
ALA CA  C    sing N N 32  
ALA CA  CB   sing N N 33  
ALA CA  HA   sing N N 34  
ALA C   O    doub N N 35  
ALA C   OXT  sing N N 36  
ALA CB  HB1  sing N N 37  
ALA CB  HB2  sing N N 38  
ALA CB  HB3  sing N N 39  
ALA OXT HXT  sing N N 40  
ARG N   CA   sing N N 41  
ARG N   H    sing N N 42  
ARG N   H2   sing N N 43  
ARG CA  C    sing N N 44  
ARG CA  CB   sing N N 45  
ARG CA  HA   sing N N 46  
ARG C   O    doub N N 47  
ARG C   OXT  sing N N 48  
ARG CB  CG   sing N N 49  
ARG CB  HB2  sing N N 50  
ARG CB  HB3  sing N N 51  
ARG CG  CD   sing N N 52  
ARG CG  HG2  sing N N 53  
ARG CG  HG3  sing N N 54  
ARG CD  NE   sing N N 55  
ARG CD  HD2  sing N N 56  
ARG CD  HD3  sing N N 57  
ARG NE  CZ   sing N N 58  
ARG NE  HE   sing N N 59  
ARG CZ  NH1  sing N N 60  
ARG CZ  NH2  doub N N 61  
ARG NH1 HH11 sing N N 62  
ARG NH1 HH12 sing N N 63  
ARG NH2 HH21 sing N N 64  
ARG NH2 HH22 sing N N 65  
ARG OXT HXT  sing N N 66  
ASN N   CA   sing N N 67  
ASN N   H    sing N N 68  
ASN N   H2   sing N N 69  
ASN CA  C    sing N N 70  
ASN CA  CB   sing N N 71  
ASN CA  HA   sing N N 72  
ASN C   O    doub N N 73  
ASN C   OXT  sing N N 74  
ASN CB  CG   sing N N 75  
ASN CB  HB2  sing N N 76  
ASN CB  HB3  sing N N 77  
ASN CG  OD1  doub N N 78  
ASN CG  ND2  sing N N 79  
ASN ND2 HD21 sing N N 80  
ASN ND2 HD22 sing N N 81  
ASN OXT HXT  sing N N 82  
ASP N   CA   sing N N 83  
ASP N   H    sing N N 84  
ASP N   H2   sing N N 85  
ASP CA  C    sing N N 86  
ASP CA  CB   sing N N 87  
ASP CA  HA   sing N N 88  
ASP C   O    doub N N 89  
ASP C   OXT  sing N N 90  
ASP CB  CG   sing N N 91  
ASP CB  HB2  sing N N 92  
ASP CB  HB3  sing N N 93  
ASP CG  OD1  doub N N 94  
ASP CG  OD2  sing N N 95  
ASP OD2 HD2  sing N N 96  
ASP OXT HXT  sing N N 97  
CYS N   CA   sing N N 98  
CYS N   H    sing N N 99  
CYS N   H2   sing N N 100 
CYS CA  C    sing N N 101 
CYS CA  CB   sing N N 102 
CYS CA  HA   sing N N 103 
CYS C   O    doub N N 104 
CYS C   OXT  sing N N 105 
CYS CB  SG   sing N N 106 
CYS CB  HB2  sing N N 107 
CYS CB  HB3  sing N N 108 
CYS SG  HG   sing N N 109 
CYS OXT HXT  sing N N 110 
GLN N   CA   sing N N 111 
GLN N   H    sing N N 112 
GLN N   H2   sing N N 113 
GLN CA  C    sing N N 114 
GLN CA  CB   sing N N 115 
GLN CA  HA   sing N N 116 
GLN C   O    doub N N 117 
GLN C   OXT  sing N N 118 
GLN CB  CG   sing N N 119 
GLN CB  HB2  sing N N 120 
GLN CB  HB3  sing N N 121 
GLN CG  CD   sing N N 122 
GLN CG  HG2  sing N N 123 
GLN CG  HG3  sing N N 124 
GLN CD  OE1  doub N N 125 
GLN CD  NE2  sing N N 126 
GLN NE2 HE21 sing N N 127 
GLN NE2 HE22 sing N N 128 
GLN OXT HXT  sing N N 129 
GLU N   CA   sing N N 130 
GLU N   H    sing N N 131 
GLU N   H2   sing N N 132 
GLU CA  C    sing N N 133 
GLU CA  CB   sing N N 134 
GLU CA  HA   sing N N 135 
GLU C   O    doub N N 136 
GLU C   OXT  sing N N 137 
GLU CB  CG   sing N N 138 
GLU CB  HB2  sing N N 139 
GLU CB  HB3  sing N N 140 
GLU CG  CD   sing N N 141 
GLU CG  HG2  sing N N 142 
GLU CG  HG3  sing N N 143 
GLU CD  OE1  doub N N 144 
GLU CD  OE2  sing N N 145 
GLU OE2 HE2  sing N N 146 
GLU OXT HXT  sing N N 147 
GLY N   CA   sing N N 148 
GLY N   H    sing N N 149 
GLY N   H2   sing N N 150 
GLY CA  C    sing N N 151 
GLY CA  HA2  sing N N 152 
GLY CA  HA3  sing N N 153 
GLY C   O    doub N N 154 
GLY C   OXT  sing N N 155 
GLY OXT HXT  sing N N 156 
HIS N   CA   sing N N 157 
HIS N   H    sing N N 158 
HIS N   H2   sing N N 159 
HIS CA  C    sing N N 160 
HIS CA  CB   sing N N 161 
HIS CA  HA   sing N N 162 
HIS C   O    doub N N 163 
HIS C   OXT  sing N N 164 
HIS CB  CG   sing N N 165 
HIS CB  HB2  sing N N 166 
HIS CB  HB3  sing N N 167 
HIS CG  ND1  sing Y N 168 
HIS CG  CD2  doub Y N 169 
HIS ND1 CE1  doub Y N 170 
HIS ND1 HD1  sing N N 171 
HIS CD2 NE2  sing Y N 172 
HIS CD2 HD2  sing N N 173 
HIS CE1 NE2  sing Y N 174 
HIS CE1 HE1  sing N N 175 
HIS NE2 HE2  sing N N 176 
HIS OXT HXT  sing N N 177 
HOH O   H1   sing N N 178 
HOH O   H2   sing N N 179 
ILE N   CA   sing N N 180 
ILE N   H    sing N N 181 
ILE N   H2   sing N N 182 
ILE CA  C    sing N N 183 
ILE CA  CB   sing N N 184 
ILE CA  HA   sing N N 185 
ILE C   O    doub N N 186 
ILE C   OXT  sing N N 187 
ILE CB  CG1  sing N N 188 
ILE CB  CG2  sing N N 189 
ILE CB  HB   sing N N 190 
ILE CG1 CD1  sing N N 191 
ILE CG1 HG12 sing N N 192 
ILE CG1 HG13 sing N N 193 
ILE CG2 HG21 sing N N 194 
ILE CG2 HG22 sing N N 195 
ILE CG2 HG23 sing N N 196 
ILE CD1 HD11 sing N N 197 
ILE CD1 HD12 sing N N 198 
ILE CD1 HD13 sing N N 199 
ILE OXT HXT  sing N N 200 
LEU N   CA   sing N N 201 
LEU N   H    sing N N 202 
LEU N   H2   sing N N 203 
LEU CA  C    sing N N 204 
LEU CA  CB   sing N N 205 
LEU CA  HA   sing N N 206 
LEU C   O    doub N N 207 
LEU C   OXT  sing N N 208 
LEU CB  CG   sing N N 209 
LEU CB  HB2  sing N N 210 
LEU CB  HB3  sing N N 211 
LEU CG  CD1  sing N N 212 
LEU CG  CD2  sing N N 213 
LEU CG  HG   sing N N 214 
LEU CD1 HD11 sing N N 215 
LEU CD1 HD12 sing N N 216 
LEU CD1 HD13 sing N N 217 
LEU CD2 HD21 sing N N 218 
LEU CD2 HD22 sing N N 219 
LEU CD2 HD23 sing N N 220 
LEU OXT HXT  sing N N 221 
LYS N   CA   sing N N 222 
LYS N   H    sing N N 223 
LYS N   H2   sing N N 224 
LYS CA  C    sing N N 225 
LYS CA  CB   sing N N 226 
LYS CA  HA   sing N N 227 
LYS C   O    doub N N 228 
LYS C   OXT  sing N N 229 
LYS CB  CG   sing N N 230 
LYS CB  HB2  sing N N 231 
LYS CB  HB3  sing N N 232 
LYS CG  CD   sing N N 233 
LYS CG  HG2  sing N N 234 
LYS CG  HG3  sing N N 235 
LYS CD  CE   sing N N 236 
LYS CD  HD2  sing N N 237 
LYS CD  HD3  sing N N 238 
LYS CE  NZ   sing N N 239 
LYS CE  HE2  sing N N 240 
LYS CE  HE3  sing N N 241 
LYS NZ  HZ1  sing N N 242 
LYS NZ  HZ2  sing N N 243 
LYS NZ  HZ3  sing N N 244 
LYS OXT HXT  sing N N 245 
MET N   CA   sing N N 246 
MET N   H    sing N N 247 
MET N   H2   sing N N 248 
MET CA  C    sing N N 249 
MET CA  CB   sing N N 250 
MET CA  HA   sing N N 251 
MET C   O    doub N N 252 
MET C   OXT  sing N N 253 
MET CB  CG   sing N N 254 
MET CB  HB2  sing N N 255 
MET CB  HB3  sing N N 256 
MET CG  SD   sing N N 257 
MET CG  HG2  sing N N 258 
MET CG  HG3  sing N N 259 
MET SD  CE   sing N N 260 
MET CE  HE1  sing N N 261 
MET CE  HE2  sing N N 262 
MET CE  HE3  sing N N 263 
MET OXT HXT  sing N N 264 
PHE N   CA   sing N N 265 
PHE N   H    sing N N 266 
PHE N   H2   sing N N 267 
PHE CA  C    sing N N 268 
PHE CA  CB   sing N N 269 
PHE CA  HA   sing N N 270 
PHE C   O    doub N N 271 
PHE C   OXT  sing N N 272 
PHE CB  CG   sing N N 273 
PHE CB  HB2  sing N N 274 
PHE CB  HB3  sing N N 275 
PHE CG  CD1  doub Y N 276 
PHE CG  CD2  sing Y N 277 
PHE CD1 CE1  sing Y N 278 
PHE CD1 HD1  sing N N 279 
PHE CD2 CE2  doub Y N 280 
PHE CD2 HD2  sing N N 281 
PHE CE1 CZ   doub Y N 282 
PHE CE1 HE1  sing N N 283 
PHE CE2 CZ   sing Y N 284 
PHE CE2 HE2  sing N N 285 
PHE CZ  HZ   sing N N 286 
PHE OXT HXT  sing N N 287 
PRO N   CA   sing N N 288 
PRO N   CD   sing N N 289 
PRO N   H    sing N N 290 
PRO CA  C    sing N N 291 
PRO CA  CB   sing N N 292 
PRO CA  HA   sing N N 293 
PRO C   O    doub N N 294 
PRO C   OXT  sing N N 295 
PRO CB  CG   sing N N 296 
PRO CB  HB2  sing N N 297 
PRO CB  HB3  sing N N 298 
PRO CG  CD   sing N N 299 
PRO CG  HG2  sing N N 300 
PRO CG  HG3  sing N N 301 
PRO CD  HD2  sing N N 302 
PRO CD  HD3  sing N N 303 
PRO OXT HXT  sing N N 304 
SER N   CA   sing N N 305 
SER N   H    sing N N 306 
SER N   H2   sing N N 307 
SER CA  C    sing N N 308 
SER CA  CB   sing N N 309 
SER CA  HA   sing N N 310 
SER C   O    doub N N 311 
SER C   OXT  sing N N 312 
SER CB  OG   sing N N 313 
SER CB  HB2  sing N N 314 
SER CB  HB3  sing N N 315 
SER OG  HG   sing N N 316 
SER OXT HXT  sing N N 317 
THR N   CA   sing N N 318 
THR N   H    sing N N 319 
THR N   H2   sing N N 320 
THR CA  C    sing N N 321 
THR CA  CB   sing N N 322 
THR CA  HA   sing N N 323 
THR C   O    doub N N 324 
THR C   OXT  sing N N 325 
THR CB  OG1  sing N N 326 
THR CB  CG2  sing N N 327 
THR CB  HB   sing N N 328 
THR OG1 HG1  sing N N 329 
THR CG2 HG21 sing N N 330 
THR CG2 HG22 sing N N 331 
THR CG2 HG23 sing N N 332 
THR OXT HXT  sing N N 333 
TRP N   CA   sing N N 334 
TRP N   H    sing N N 335 
TRP N   H2   sing N N 336 
TRP CA  C    sing N N 337 
TRP CA  CB   sing N N 338 
TRP CA  HA   sing N N 339 
TRP C   O    doub N N 340 
TRP C   OXT  sing N N 341 
TRP CB  CG   sing N N 342 
TRP CB  HB2  sing N N 343 
TRP CB  HB3  sing N N 344 
TRP CG  CD1  doub Y N 345 
TRP CG  CD2  sing Y N 346 
TRP CD1 NE1  sing Y N 347 
TRP CD1 HD1  sing N N 348 
TRP CD2 CE2  doub Y N 349 
TRP CD2 CE3  sing Y N 350 
TRP NE1 CE2  sing Y N 351 
TRP NE1 HE1  sing N N 352 
TRP CE2 CZ2  sing Y N 353 
TRP CE3 CZ3  doub Y N 354 
TRP CE3 HE3  sing N N 355 
TRP CZ2 CH2  doub Y N 356 
TRP CZ2 HZ2  sing N N 357 
TRP CZ3 CH2  sing Y N 358 
TRP CZ3 HZ3  sing N N 359 
TRP CH2 HH2  sing N N 360 
TRP OXT HXT  sing N N 361 
TYR N   CA   sing N N 362 
TYR N   H    sing N N 363 
TYR N   H2   sing N N 364 
TYR CA  C    sing N N 365 
TYR CA  CB   sing N N 366 
TYR CA  HA   sing N N 367 
TYR C   O    doub N N 368 
TYR C   OXT  sing N N 369 
TYR CB  CG   sing N N 370 
TYR CB  HB2  sing N N 371 
TYR CB  HB3  sing N N 372 
TYR CG  CD1  doub Y N 373 
TYR CG  CD2  sing Y N 374 
TYR CD1 CE1  sing Y N 375 
TYR CD1 HD1  sing N N 376 
TYR CD2 CE2  doub Y N 377 
TYR CD2 HD2  sing N N 378 
TYR CE1 CZ   doub Y N 379 
TYR CE1 HE1  sing N N 380 
TYR CE2 CZ   sing Y N 381 
TYR CE2 HE2  sing N N 382 
TYR CZ  OH   sing N N 383 
TYR OH  HH   sing N N 384 
TYR OXT HXT  sing N N 385 
VAL N   CA   sing N N 386 
VAL N   H    sing N N 387 
VAL N   H2   sing N N 388 
VAL CA  C    sing N N 389 
VAL CA  CB   sing N N 390 
VAL CA  HA   sing N N 391 
VAL C   O    doub N N 392 
VAL C   OXT  sing N N 393 
VAL CB  CG1  sing N N 394 
VAL CB  CG2  sing N N 395 
VAL CB  HB   sing N N 396 
VAL CG1 HG11 sing N N 397 
VAL CG1 HG12 sing N N 398 
VAL CG1 HG13 sing N N 399 
VAL CG2 HG21 sing N N 400 
VAL CG2 HG22 sing N N 401 
VAL CG2 HG23 sing N N 402 
VAL OXT HXT  sing N N 403 
# 
_pdbx_entity_instance_feature.ordinal        1 
_pdbx_entity_instance_feature.comp_id        8SF 
_pdbx_entity_instance_feature.asym_id        ? 
_pdbx_entity_instance_feature.seq_num        ? 
_pdbx_entity_instance_feature.auth_comp_id   8SF 
_pdbx_entity_instance_feature.auth_asym_id   ? 
_pdbx_entity_instance_feature.auth_seq_num   ? 
_pdbx_entity_instance_feature.feature_type   'SUBJECT OF INVESTIGATION' 
_pdbx_entity_instance_feature.details        ? 
# 
_atom_sites.entry_id                    5YAV 
_atom_sites.fract_transf_matrix[1][1]   -0.01924806 
_atom_sites.fract_transf_matrix[1][2]   0.00095315 
_atom_sites.fract_transf_matrix[1][3]   0.00755905 
_atom_sites.fract_transf_matrix[2][1]   -0.01563751 
_atom_sites.fract_transf_matrix[2][2]   -0.00874162 
_atom_sites.fract_transf_matrix[2][3]   -0.01037226 
_atom_sites.fract_transf_matrix[3][1]   0.00130923 
_atom_sites.fract_transf_matrix[3][2]   -0.00740569 
_atom_sites.fract_transf_matrix[3][3]   0.00426759 
_atom_sites.fract_transf_vector[1]      0.153443 
_atom_sites.fract_transf_vector[2]      -0.411209 
_atom_sites.fract_transf_vector[3]      0.089892 
# 
loop_
_atom_type.symbol 
C 
H 
N 
O 
S 
# 
loop_
_atom_site.group_PDB 
_atom_site.id 
_atom_site.type_symbol 
_atom_site.label_atom_id 
_atom_site.label_alt_id 
_atom_site.label_comp_id 
_atom_site.label_asym_id 
_atom_site.label_entity_id 
_atom_site.label_seq_id 
_atom_site.pdbx_PDB_ins_code 
_atom_site.Cartn_x 
_atom_site.Cartn_y 
_atom_site.Cartn_z 
_atom_site.occupancy 
_atom_site.B_iso_or_equiv 
_atom_site.pdbx_formal_charge 
_atom_site.auth_seq_id 
_atom_site.auth_comp_id 
_atom_site.auth_asym_id 
_atom_site.auth_atom_id 
_atom_site.pdbx_PDB_model_num 
ATOM   1    N N   . SER A 1 2   ? 12.205  19.198  15.706  1.00 47.74 ? 2   SER B N   1 
ATOM   2    C CA  . SER A 1 2   ? 12.184  19.375  14.253  1.00 48.58 ? 2   SER B CA  1 
ATOM   3    C C   . SER A 1 2   ? 10.822  19.846  13.748  1.00 48.73 ? 2   SER B C   1 
ATOM   4    O O   . SER A 1 2   ? 9.794   19.261  14.089  1.00 49.04 ? 2   SER B O   1 
ATOM   5    C CB  . SER A 1 2   ? 12.560  18.071  13.553  1.00 53.20 ? 2   SER B CB  1 
ATOM   6    O OG  . SER A 1 2   ? 12.250  18.126  12.167  1.00 50.25 ? 2   SER B OG  1 
ATOM   7    N N   . ALA A 1 3   ? 10.806  20.892  12.927  1.00 46.07 ? 3   ALA B N   1 
ATOM   8    C CA  . ALA A 1 3   ? 9.541   21.411  12.411  1.00 46.96 ? 3   ALA B CA  1 
ATOM   9    C C   . ALA A 1 3   ? 8.905   20.387  11.479  1.00 46.58 ? 3   ALA B C   1 
ATOM   10   O O   . ALA A 1 3   ? 7.698   20.162  11.518  1.00 43.53 ? 3   ALA B O   1 
ATOM   11   C CB  . ALA A 1 3   ? 9.749   22.738  11.689  1.00 50.76 ? 3   ALA B CB  1 
ATOM   12   N N   . LYS A 1 4   ? 9.733   19.764  10.651  1.00 46.33 ? 4   LYS B N   1 
ATOM   13   C CA  . LYS A 1 4   ? 9.283   18.696  9.764   1.00 47.81 ? 4   LYS B CA  1 
ATOM   14   C C   . LYS A 1 4   ? 8.731   17.486  10.532  1.00 43.91 ? 4   LYS B C   1 
ATOM   15   O O   . LYS A 1 4   ? 7.642   17.004  10.207  1.00 41.65 ? 4   LYS B O   1 
ATOM   16   C CB  . LYS A 1 4   ? 10.425  18.265  8.838   1.00 49.39 ? 4   LYS B CB  1 
ATOM   17   C CG  . LYS A 1 4   ? 10.737  19.295  7.754   1.00 51.84 ? 4   LYS B CG  1 
ATOM   18   C CD  . LYS A 1 4   ? 11.768  18.779  6.761   1.00 57.04 ? 4   LYS B CD  1 
ATOM   19   C CE  . LYS A 1 4   ? 11.954  19.750  5.607   1.00 62.42 ? 4   LYS B CE  1 
ATOM   20   N NZ  . LYS A 1 4   ? 13.050  19.323  4.689   1.00 67.67 ? 4   LYS B NZ  1 
ATOM   21   N N   . ASP A 1 5   ? 9.468   17.004  11.535  1.00 43.95 ? 5   ASP B N   1 
ATOM   22   C CA  . ASP A 1 5   ? 9.012   15.887  12.368  1.00 41.83 ? 5   ASP B CA  1 
ATOM   23   C C   . ASP A 1 5   ? 7.615   16.128  12.937  1.00 39.76 ? 5   ASP B C   1 
ATOM   24   O O   . ASP A 1 5   ? 6.792   15.217  13.015  1.00 34.84 ? 5   ASP B O   1 
ATOM   25   C CB  . ASP A 1 5   ? 9.970   15.629  13.539  1.00 46.01 ? 5   ASP B CB  1 
ATOM   26   C CG  . ASP A 1 5   ? 11.341  15.156  13.091  1.00 50.78 ? 5   ASP B CG  1 
ATOM   27   O OD1 . ASP A 1 5   ? 12.276  15.201  13.919  1.00 55.56 ? 5   ASP B OD1 1 
ATOM   28   O OD2 . ASP A 1 5   ? 11.487  14.751  11.921  1.00 48.84 ? 5   ASP B OD2 1 
ATOM   29   N N   . GLU A 1 6   ? 7.369   17.357  13.367  1.00 38.81 ? 6   GLU B N   1 
ATOM   30   C CA  . GLU A 1 6   ? 6.098   17.710  13.971  1.00 38.72 ? 6   GLU B CA  1 
ATOM   31   C C   . GLU A 1 6   ? 4.985   17.674  12.914  1.00 35.67 ? 6   GLU B C   1 
ATOM   32   O O   . GLU A 1 6   ? 3.881   17.208  13.180  1.00 31.12 ? 6   GLU B O   1 
ATOM   33   C CB  . GLU A 1 6   ? 6.210   19.088  14.634  1.00 40.33 ? 6   GLU B CB  1 
ATOM   34   C CG  . GLU A 1 6   ? 4.906   19.707  15.058  1.00 39.66 ? 6   GLU B CG  1 
ATOM   35   C CD  . GLU A 1 6   ? 4.243   18.974  16.195  1.00 48.11 ? 6   GLU B CD  1 
ATOM   36   O OE1 . GLU A 1 6   ? 4.958   18.274  16.954  1.00 45.10 ? 6   GLU B OE1 1 
ATOM   37   O OE2 . GLU A 1 6   ? 3.002   19.102  16.324  1.00 48.59 ? 6   GLU B OE2 1 
ATOM   38   N N   . ARG A 1 7   ? 5.290   18.148  11.710  1.00 36.08 ? 7   ARG B N   1 
ATOM   39   C CA  . ARG A 1 7   ? 4.315   18.139  10.616  1.00 36.85 ? 7   ARG B CA  1 
ATOM   40   C C   . ARG A 1 7   ? 3.941   16.709  10.193  1.00 32.72 ? 7   ARG B C   1 
ATOM   41   O O   . ARG A 1 7   ? 2.770   16.416  9.942   1.00 31.80 ? 7   ARG B O   1 
ATOM   42   C CB  . ARG A 1 7   ? 4.857   18.915  9.409   1.00 35.25 ? 7   ARG B CB  1 
ATOM   43   C CG  . ARG A 1 7   ? 3.883   19.011  8.242   1.00 39.13 ? 7   ARG B CG  1 
ATOM   44   C CD  . ARG A 1 7   ? 2.625   19.786  8.641   1.00 41.31 ? 7   ARG B CD  1 
ATOM   45   N NE  . ARG A 1 7   ? 1.662   19.894  7.546   1.00 48.83 ? 7   ARG B NE  1 
ATOM   46   C CZ  . ARG A 1 7   ? 0.340   19.838  7.701   1.00 40.89 ? 7   ARG B CZ  1 
ATOM   47   N NH1 . ARG A 1 7   ? -0.184  19.674  8.913   1.00 35.48 ? 7   ARG B NH1 1 
ATOM   48   N NH2 . ARG A 1 7   ? -0.457  19.943  6.643   1.00 36.52 ? 7   ARG B NH2 1 
ATOM   49   N N   . ALA A 1 8   ? 4.937   15.838  10.079  1.00 30.36 ? 8   ALA B N   1 
ATOM   50   C CA  . ALA A 1 8   ? 4.687   14.429  9.742   1.00 31.25 ? 8   ALA B CA  1 
ATOM   51   C C   . ALA A 1 8   ? 3.723   13.785  10.735  1.00 28.48 ? 8   ALA B C   1 
ATOM   52   O O   . ALA A 1 8   ? 2.802   13.062  10.347  1.00 29.17 ? 8   ALA B O   1 
ATOM   53   C CB  . ALA A 1 8   ? 5.995   13.646  9.696   1.00 29.37 ? 8   ALA B CB  1 
ATOM   54   N N   . ARG A 1 9   ? 3.922   14.065  12.016  1.00 26.38 ? 9   ARG B N   1 
ATOM   55   C CA  . ARG A 1 9   ? 3.062   13.502  13.053  1.00 28.19 ? 9   ARG B CA  1 
ATOM   56   C C   . ARG A 1 9   ? 1.627   14.026  13.011  1.00 28.00 ? 9   ARG B C   1 
ATOM   57   O O   . ARG A 1 9   ? 0.682   13.301  13.314  1.00 22.00 ? 9   ARG B O   1 
ATOM   58   C CB  . ARG A 1 9   ? 3.668   13.775  14.429  1.00 34.41 ? 9   ARG B CB  1 
ATOM   59   C CG  . ARG A 1 9   ? 4.976   13.035  14.667  1.00 32.07 ? 9   ARG B CG  1 
ATOM   60   C CD  . ARG A 1 9   ? 5.444   13.242  16.092  1.00 38.57 ? 9   ARG B CD  1 
ATOM   61   N NE  . ARG A 1 9   ? 6.737   12.617  16.321  1.00 46.08 ? 9   ARG B NE  1 
ATOM   62   C CZ  . ARG A 1 9   ? 7.337   12.563  17.504  1.00 45.18 ? 9   ARG B CZ  1 
ATOM   63   N NH1 . ARG A 1 9   ? 6.744   13.087  18.571  1.00 47.75 ? 9   ARG B NH1 1 
ATOM   64   N NH2 . ARG A 1 9   ? 8.523   11.976  17.619  1.00 51.22 ? 9   ARG B NH2 1 
ATOM   65   N N   . GLU A 1 10  ? 1.451   15.299  12.673  1.00 24.63 ? 10  GLU B N   1 
ATOM   66   C CA  . GLU A 1 10  ? 0.095   15.821  12.563  1.00 24.58 ? 10  GLU B CA  1 
ATOM   67   C C   . GLU A 1 10  ? -0.615  15.189  11.375  1.00 26.56 ? 10  GLU B C   1 
ATOM   68   O O   . GLU A 1 10  ? -1.798  14.910  11.452  1.00 26.05 ? 10  GLU B O   1 
ATOM   69   C CB  . GLU A 1 10  ? 0.093   17.352  12.428  1.00 30.87 ? 10  GLU B CB  1 
ATOM   70   C CG  . GLU A 1 10  ? -1.334  17.975  12.503  1.00 38.39 ? 10  GLU B CG  1 
ATOM   71   C CD  . GLU A 1 10  ? -2.231  17.353  13.598  1.00 42.16 ? 10  GLU B CD  1 
ATOM   72   O OE1 . GLU A 1 10  ? -2.036  17.692  14.795  1.00 38.70 ? 10  GLU B OE1 1 
ATOM   73   O OE2 . GLU A 1 10  ? -3.133  16.532  13.258  1.00 40.58 ? 10  GLU B OE2 1 
ATOM   74   N N   . ILE A 1 11  ? 0.102   14.978  10.271  1.00 22.37 ? 11  ILE B N   1 
ATOM   75   C CA  . ILE A 1 11  ? -0.483  14.316  9.115   1.00 23.22 ? 11  ILE B CA  1 
ATOM   76   C C   . ILE A 1 11  ? -0.858  12.878  9.469   1.00 24.41 ? 11  ILE B C   1 
ATOM   77   O O   . ILE A 1 11  ? -1.976  12.427  9.198   1.00 28.51 ? 11  ILE B O   1 
ATOM   78   C CB  . ILE A 1 11  ? 0.486   14.313  7.908   1.00 26.01 ? 11  ILE B CB  1 
ATOM   79   C CG1 . ILE A 1 11  ? 0.650   15.738  7.354   1.00 25.77 ? 11  ILE B CG1 1 
ATOM   80   C CG2 . ILE A 1 11  ? -0.037  13.411  6.807   1.00 26.28 ? 11  ILE B CG2 1 
ATOM   81   C CD1 . ILE A 1 11  ? 1.801   15.871  6.374   1.00 29.29 ? 11  ILE B CD1 1 
ATOM   82   N N   . LEU A 1 12  ? 0.077   12.165  10.079  1.00 24.60 ? 12  LEU B N   1 
ATOM   83   C CA  . LEU A 1 12  ? -0.208  10.786  10.534  1.00 22.15 ? 12  LEU B CA  1 
ATOM   84   C C   . LEU A 1 12  ? -1.425  10.767  11.441  1.00 24.45 ? 12  LEU B C   1 
ATOM   85   O O   . LEU A 1 12  ? -2.352  9.987   11.234  1.00 25.05 ? 12  LEU B O   1 
ATOM   86   C CB  . LEU A 1 12  ? 0.985   10.197  11.260  1.00 23.45 ? 12  LEU B CB  1 
ATOM   87   C CG  . LEU A 1 12  ? 0.734   8.813   11.902  1.00 22.00 ? 12  LEU B CG  1 
ATOM   88   C CD1 . LEU A 1 12  ? 0.035   7.903   10.909  1.00 25.77 ? 12  LEU B CD1 1 
ATOM   89   C CD2 . LEU A 1 12  ? 2.047   8.196   12.345  1.00 24.14 ? 12  LEU B CD2 1 
ATOM   90   N N   . ARG A 1 13  ? -1.434  11.653  12.433  1.00 24.63 ? 13  ARG B N   1 
ATOM   91   C CA  . ARG A 1 13  ? -2.557  11.721  13.367  1.00 28.17 ? 13  ARG B CA  1 
ATOM   92   C C   . ARG A 1 13  ? -3.912  11.930  12.672  1.00 27.89 ? 13  ARG B C   1 
ATOM   93   O O   . ARG A 1 13  ? -4.946  11.411  13.119  1.00 27.15 ? 13  ARG B O   1 
ATOM   94   C CB  . ARG A 1 13  ? -2.328  12.835  14.389  1.00 23.59 ? 13  ARG B CB  1 
ATOM   95   C CG  . ARG A 1 13  ? -3.505  13.021  15.318  1.00 23.42 ? 13  ARG B CG  1 
ATOM   96   C CD  . ARG A 1 13  ? -3.266  14.063  16.390  1.00 25.45 ? 13  ARG B CD  1 
ATOM   97   N NE  . ARG A 1 13  ? -4.520  14.319  17.087  1.00 26.88 ? 13  ARG B NE  1 
ATOM   98   C CZ  . ARG A 1 13  ? -4.981  13.573  18.090  1.00 28.14 ? 13  ARG B CZ  1 
ATOM   99   N NH1 . ARG A 1 13  ? -4.271  12.537  18.521  1.00 24.71 ? 13  ARG B NH1 1 
ATOM   100  N NH2 . ARG A 1 13  ? -6.141  13.862  18.665  1.00 25.82 ? 13  ARG B NH2 1 
ATOM   101  N N   . GLY A 1 14  ? -3.902  12.677  11.570  1.00 28.21 ? 14  GLY B N   1 
ATOM   102  C CA  . GLY A 1 14  ? -5.134  12.988  10.856  1.00 25.75 ? 14  GLY B CA  1 
ATOM   103  C C   . GLY A 1 14  ? -5.466  12.013  9.740   1.00 29.39 ? 14  GLY B C   1 
ATOM   104  O O   . GLY A 1 14  ? -6.453  12.188  9.030   1.00 25.26 ? 14  GLY B O   1 
ATOM   105  N N   . PHE A 1 15  ? -4.662  10.960  9.586   1.00 27.72 ? 15  PHE B N   1 
ATOM   106  C CA  . PHE A 1 15  ? -4.825  10.080  8.426   1.00 25.89 ? 15  PHE B CA  1 
ATOM   107  C C   . PHE A 1 15  ? -5.493  8.755   8.758   1.00 30.83 ? 15  PHE B C   1 
ATOM   108  O O   . PHE A 1 15  ? -5.231  8.180   9.807   1.00 26.71 ? 15  PHE B O   1 
ATOM   109  C CB  . PHE A 1 15  ? -3.468  9.812   7.782   1.00 26.92 ? 15  PHE B CB  1 
ATOM   110  C CG  . PHE A 1 15  ? -3.542  8.947   6.567   1.00 27.55 ? 15  PHE B CG  1 
ATOM   111  C CD1 . PHE A 1 15  ? -3.789  9.503   5.325   1.00 26.57 ? 15  PHE B CD1 1 
ATOM   112  C CD2 . PHE A 1 15  ? -3.358  7.575   6.662   1.00 31.82 ? 15  PHE B CD2 1 
ATOM   113  C CE1 . PHE A 1 15  ? -3.858  8.714   4.200   1.00 30.37 ? 15  PHE B CE1 1 
ATOM   114  C CE2 . PHE A 1 15  ? -3.422  6.774   5.534   1.00 32.35 ? 15  PHE B CE2 1 
ATOM   115  C CZ  . PHE A 1 15  ? -3.676  7.352   4.298   1.00 28.37 ? 15  PHE B CZ  1 
ATOM   116  N N   . LYS A 1 16  ? -6.352  8.279   7.857   1.00 29.96 ? 16  LYS B N   1 
ATOM   117  C CA  . LYS A 1 16  ? -6.995  6.981   8.019   1.00 34.78 ? 16  LYS B CA  1 
ATOM   118  C C   . LYS A 1 16  ? -7.176  6.296   6.669   1.00 34.97 ? 16  LYS B C   1 
ATOM   119  O O   . LYS A 1 16  ? -7.653  6.906   5.701   1.00 30.19 ? 16  LYS B O   1 
ATOM   120  C CB  . LYS A 1 16  ? -8.356  7.121   8.715   1.00 33.85 ? 16  LYS B CB  1 
ATOM   121  C CG  . LYS A 1 16  ? -9.035  5.784   9.049   1.00 38.83 ? 16  LYS B CG  1 
ATOM   122  C CD  . LYS A 1 16  ? -8.679  5.289   10.449  1.00 41.27 ? 16  LYS B CD  1 
ATOM   123  C CE  . LYS A 1 16  ? -9.023  3.800   10.676  1.00 40.72 ? 16  LYS B CE  1 
ATOM   124  N NZ  . LYS A 1 16  ? -10.490 3.519   10.775  1.00 46.05 ? 16  LYS B NZ  1 
ATOM   125  N N   . LEU A 1 17  ? -6.772  5.029   6.599   1.00 29.06 ? 17  LEU B N   1 
ATOM   126  C CA  . LEU A 1 17  ? -7.088  4.216   5.440   1.00 29.99 ? 17  LEU B CA  1 
ATOM   127  C C   . LEU A 1 17  ? -8.403  3.493   5.733   1.00 35.10 ? 17  LEU B C   1 
ATOM   128  O O   . LEU A 1 17  ? -8.490  2.668   6.657   1.00 31.91 ? 17  LEU B O   1 
ATOM   129  C CB  . LEU A 1 17  ? -5.956  3.242   5.129   1.00 34.40 ? 17  LEU B CB  1 
ATOM   130  C CG  . LEU A 1 17  ? -5.922  2.716   3.697   1.00 37.78 ? 17  LEU B CG  1 
ATOM   131  C CD1 . LEU A 1 17  ? -4.601  2.018   3.411   1.00 39.55 ? 17  LEU B CD1 1 
ATOM   132  C CD2 . LEU A 1 17  ? -7.086  1.774   3.476   1.00 37.36 ? 17  LEU B CD2 1 
ATOM   133  N N   . ASN A 1 18  ? -9.433  3.841   4.965   1.00 32.57 ? 18  ASN B N   1 
ATOM   134  C CA  . ASN A 1 18  ? -10.798 3.381   5.218   1.00 34.44 ? 18  ASN B CA  1 
ATOM   135  C C   . ASN A 1 18  ? -11.103 1.998   4.663   1.00 33.00 ? 18  ASN B C   1 
ATOM   136  O O   . ASN A 1 18  ? -11.660 1.155   5.361   1.00 35.91 ? 18  ASN B O   1 
ATOM   137  C CB  . ASN A 1 18  ? -11.800 4.374   4.629   1.00 35.13 ? 18  ASN B CB  1 
ATOM   138  C CG  . ASN A 1 18  ? -11.744 5.722   5.307   1.00 33.29 ? 18  ASN B CG  1 
ATOM   139  O OD1 . ASN A 1 18  ? -11.735 5.815   6.534   1.00 35.00 ? 18  ASN B OD1 1 
ATOM   140  N ND2 . ASN A 1 18  ? -11.693 6.774   4.511   1.00 31.33 ? 18  ASN B ND2 1 
ATOM   141  N N   . TRP A 1 19  ? -10.765 1.785   3.396   1.00 33.27 ? 19  TRP B N   1 
ATOM   142  C CA  . TRP A 1 19  ? -10.955 0.485   2.761   1.00 38.67 ? 19  TRP B CA  1 
ATOM   143  C C   . TRP A 1 19  ? -10.087 0.381   1.517   1.00 36.00 ? 19  TRP B C   1 
ATOM   144  O O   . TRP A 1 19  ? -9.517  1.378   1.064   1.00 34.30 ? 19  TRP B O   1 
ATOM   145  C CB  . TRP A 1 19  ? -12.435 0.234   2.416   1.00 38.50 ? 19  TRP B CB  1 
ATOM   146  C CG  . TRP A 1 19  ? -13.124 1.267   1.542   1.00 38.66 ? 19  TRP B CG  1 
ATOM   147  C CD1 . TRP A 1 19  ? -13.978 2.256   1.961   1.00 38.84 ? 19  TRP B CD1 1 
ATOM   148  C CD2 . TRP A 1 19  ? -13.058 1.382   0.107   1.00 39.83 ? 19  TRP B CD2 1 
ATOM   149  N NE1 . TRP A 1 19  ? -14.423 2.984   0.885   1.00 37.11 ? 19  TRP B NE1 1 
ATOM   150  C CE2 . TRP A 1 19  ? -13.872 2.474   -0.263  1.00 38.64 ? 19  TRP B CE2 1 
ATOM   151  C CE3 . TRP A 1 19  ? -12.372 0.685   -0.893  1.00 40.01 ? 19  TRP B CE3 1 
ATOM   152  C CZ2 . TRP A 1 19  ? -14.028 2.880   -1.591  1.00 40.66 ? 19  TRP B CZ2 1 
ATOM   153  C CZ3 . TRP A 1 19  ? -12.528 1.094   -2.221  1.00 41.45 ? 19  TRP B CZ3 1 
ATOM   154  C CH2 . TRP A 1 19  ? -13.352 2.179   -2.553  1.00 40.17 ? 19  TRP B CH2 1 
ATOM   155  N N   . MET A 1 20  ? -9.981  -0.831  0.977   1.00 32.30 ? 20  MET B N   1 
ATOM   156  C CA  . MET A 1 20  ? -9.133  -1.071  -0.176  1.00 30.86 ? 20  MET B CA  1 
ATOM   157  C C   . MET A 1 20  ? -9.521  -2.353  -0.896  1.00 37.56 ? 20  MET B C   1 
ATOM   158  O O   . MET A 1 20  ? -10.036 -3.284  -0.277  1.00 39.45 ? 20  MET B O   1 
ATOM   159  C CB  . MET A 1 20  ? -7.676  -1.121  0.278   1.00 35.41 ? 20  MET B CB  1 
ATOM   160  C CG  . MET A 1 20  ? -6.668  -1.537  -0.770  1.00 39.66 ? 20  MET B CG  1 
ATOM   161  S SD  . MET A 1 20  ? -4.991  -1.345  -0.096  1.00 52.00 ? 20  MET B SD  1 
ATOM   162  C CE  . MET A 1 20  ? -5.211  -1.939  1.582   1.00 43.51 ? 20  MET B CE  1 
ATOM   163  N N   . ASN A 1 21  ? -9.281  -2.405  -2.201  1.00 38.20 ? 21  ASN B N   1 
ATOM   164  C CA  . ASN A 1 21  ? -9.458  -3.655  -2.927  1.00 38.20 ? 21  ASN B CA  1 
ATOM   165  C C   . ASN A 1 21  ? -8.479  -3.787  -4.080  1.00 39.98 ? 21  ASN B C   1 
ATOM   166  O O   . ASN A 1 21  ? -7.833  -2.822  -4.481  1.00 40.21 ? 21  ASN B O   1 
ATOM   167  C CB  . ASN A 1 21  ? -10.900 -3.806  -3.430  1.00 39.90 ? 21  ASN B CB  1 
ATOM   168  C CG  . ASN A 1 21  ? -11.288 -2.762  -4.469  1.00 42.93 ? 21  ASN B CG  1 
ATOM   169  O OD1 . ASN A 1 21  ? -10.525 -2.438  -5.379  1.00 47.13 ? 21  ASN B OD1 1 
ATOM   170  N ND2 . ASN A 1 21  ? -12.496 -2.241  -4.336  1.00 45.23 ? 21  ASN B ND2 1 
ATOM   171  N N   . LEU A 1 22  ? -8.370  -5.010  -4.587  1.00 41.25 ? 22  LEU B N   1 
ATOM   172  C CA  . LEU A 1 22  ? -7.503  -5.341  -5.706  1.00 41.18 ? 22  LEU B CA  1 
ATOM   173  C C   . LEU A 1 22  ? -8.334  -6.105  -6.720  1.00 43.42 ? 22  LEU B C   1 
ATOM   174  O O   . LEU A 1 22  ? -9.087  -7.008  -6.346  1.00 43.53 ? 22  LEU B O   1 
ATOM   175  C CB  . LEU A 1 22  ? -6.309  -6.195  -5.260  1.00 42.07 ? 22  LEU B CB  1 
ATOM   176  C CG  . LEU A 1 22  ? -5.477  -5.724  -4.069  1.00 41.31 ? 22  LEU B CG  1 
ATOM   177  C CD1 . LEU A 1 22  ? -4.453  -6.797  -3.672  1.00 40.65 ? 22  LEU B CD1 1 
ATOM   178  C CD2 . LEU A 1 22  ? -4.797  -4.413  -4.395  1.00 41.85 ? 22  LEU B CD2 1 
ATOM   179  N N   . ARG A 1 23  ? -8.209  -5.739  -7.989  1.00 43.46 ? 23  ARG B N   1 
ATOM   180  C CA  . ARG A 1 23  ? -8.892  -6.444  -9.066  1.00 48.07 ? 23  ARG B CA  1 
ATOM   181  C C   . ARG A 1 23  ? -7.910  -6.849  -10.156 1.00 47.55 ? 23  ARG B C   1 
ATOM   182  O O   . ARG A 1 23  ? -6.908  -6.170  -10.365 1.00 46.22 ? 23  ARG B O   1 
ATOM   183  C CB  . ARG A 1 23  ? -9.983  -5.574  -9.681  1.00 52.58 ? 23  ARG B CB  1 
ATOM   184  C CG  . ARG A 1 23  ? -11.102 -5.172  -8.751  1.00 51.79 ? 23  ARG B CG  1 
ATOM   185  C CD  . ARG A 1 23  ? -11.936 -4.083  -9.420  1.00 57.53 ? 23  ARG B CD  1 
ATOM   186  N NE  . ARG A 1 23  ? -13.216 -3.893  -8.753  1.00 60.70 ? 23  ARG B NE  1 
ATOM   187  C CZ  . ARG A 1 23  ? -13.444 -2.966  -7.831  1.00 61.32 ? 23  ARG B CZ  1 
ATOM   188  N NH1 . ARG A 1 23  ? -12.472 -2.138  -7.476  1.00 60.36 ? 23  ARG B NH1 1 
ATOM   189  N NH2 . ARG A 1 23  ? -14.642 -2.865  -7.269  1.00 62.75 ? 23  ARG B NH2 1 
ATOM   190  N N   . ASP A 1 24  ? -8.188  -7.956  -10.842 1.00 52.04 ? 24  ASP B N   1 
ATOM   191  C CA  . ASP A 1 24  ? -7.488  -8.261  -12.086 1.00 51.49 ? 24  ASP B CA  1 
ATOM   192  C C   . ASP A 1 24  ? -7.802  -7.137  -13.067 1.00 56.22 ? 24  ASP B C   1 
ATOM   193  O O   . ASP A 1 24  ? -8.944  -6.684  -13.152 1.00 57.52 ? 24  ASP B O   1 
ATOM   194  C CB  . ASP A 1 24  ? -7.909  -9.624  -12.651 1.00 56.55 ? 24  ASP B CB  1 
ATOM   195  C CG  . ASP A 1 24  ? -7.156  -9.999  -13.928 1.00 57.32 ? 24  ASP B CG  1 
ATOM   196  O OD1 . ASP A 1 24  ? -6.989  -9.140  -14.821 1.00 63.77 ? 24  ASP B OD1 1 
ATOM   197  O OD2 . ASP A 1 24  ? -6.732  -11.165 -14.046 1.00 58.02 ? 24  ASP B OD2 1 
ATOM   198  N N   . ALA A 1 25  ? -6.789  -6.689  -13.802 1.00 54.09 ? 25  ALA B N   1 
ATOM   199  C CA  . ALA A 1 25  ? -6.944  -5.555  -14.706 1.00 57.11 ? 25  ALA B CA  1 
ATOM   200  C C   . ALA A 1 25  ? -7.544  -5.962  -16.053 1.00 61.65 ? 25  ALA B C   1 
ATOM   201  O O   . ALA A 1 25  ? -7.058  -6.882  -16.712 1.00 64.11 ? 25  ALA B O   1 
ATOM   202  C CB  . ALA A 1 25  ? -5.601  -4.866  -14.908 1.00 52.93 ? 25  ALA B CB  1 
ATOM   203  N N   . THR A 1 27  ? -10.951 -10.408 -16.205 1.00 63.10 ? 27  THR B N   1 
ATOM   204  C CA  . THR A 1 27  ? -10.392 -9.219  -15.582 1.00 59.68 ? 27  THR B CA  1 
ATOM   205  C C   . THR A 1 27  ? -11.505 -8.396  -14.935 1.00 62.68 ? 27  THR B C   1 
ATOM   206  O O   . THR A 1 27  ? -12.681 -8.761  -15.004 1.00 64.49 ? 27  THR B O   1 
ATOM   207  C CB  . THR A 1 27  ? -9.612  -8.354  -16.599 1.00 62.02 ? 27  THR B CB  1 
ATOM   208  O OG1 . THR A 1 27  ? -10.521 -7.686  -17.481 1.00 67.39 ? 27  THR B OG1 1 
ATOM   209  C CG2 . THR A 1 27  ? -8.658  -9.213  -17.417 1.00 65.15 ? 27  THR B CG2 1 
ATOM   210  N N   . GLY A 1 28  ? -11.128 -7.295  -14.293 1.00 61.31 ? 28  GLY B N   1 
ATOM   211  C CA  . GLY A 1 28  ? -12.072 -6.483  -13.543 1.00 57.04 ? 28  GLY B CA  1 
ATOM   212  C C   . GLY A 1 28  ? -12.589 -7.204  -12.311 1.00 57.73 ? 28  GLY B C   1 
ATOM   213  O O   . GLY A 1 28  ? -13.384 -6.653  -11.550 1.00 62.96 ? 28  GLY B O   1 
ATOM   214  N N   . LYS A 1 29  ? -12.123 -8.435  -12.111 1.00 54.07 ? 29  LYS B N   1 
ATOM   215  C CA  . LYS A 1 29  ? -12.619 -9.303  -11.049 1.00 54.85 ? 29  LYS B CA  1 
ATOM   216  C C   . LYS A 1 29  ? -11.928 -9.042  -9.705  1.00 53.11 ? 29  LYS B C   1 
ATOM   217  O O   . LYS A 1 29  ? -10.704 -8.944  -9.641  1.00 50.25 ? 29  LYS B O   1 
ATOM   218  C CB  . LYS A 1 29  ? -12.433 -10.766 -11.450 1.00 57.72 ? 29  LYS B CB  1 
ATOM   219  C CG  . LYS A 1 29  ? -13.649 -11.638 -11.213 1.00 57.92 ? 29  LYS B CG  1 
ATOM   220  C CD  . LYS A 1 29  ? -14.846 -11.117 -11.983 1.00 61.74 ? 29  LYS B CD  1 
ATOM   221  C CE  . LYS A 1 29  ? -15.899 -12.194 -12.139 1.00 57.62 ? 29  LYS B CE  1 
ATOM   222  N NZ  . LYS A 1 29  ? -15.334 -13.395 -12.822 1.00 63.23 ? 29  LYS B NZ  1 
ATOM   223  N N   . ILE A 1 30  ? -12.717 -8.945  -8.638  1.00 47.82 ? 30  ILE B N   1 
ATOM   224  C CA  . ILE A 1 30  ? -12.196 -8.628  -7.309  1.00 50.82 ? 30  ILE B CA  1 
ATOM   225  C C   . ILE A 1 30  ? -11.447 -9.798  -6.650  1.00 49.01 ? 30  ILE B C   1 
ATOM   226  O O   . ILE A 1 30  ? -12.055 -10.805 -6.280  1.00 50.56 ? 30  ILE B O   1 
ATOM   227  C CB  . ILE A 1 30  ? -13.333 -8.174  -6.364  1.00 50.98 ? 30  ILE B CB  1 
ATOM   228  C CG1 . ILE A 1 30  ? -13.902 -6.825  -6.824  1.00 56.78 ? 30  ILE B CG1 1 
ATOM   229  C CG2 . ILE A 1 30  ? -12.832 -8.083  -4.928  1.00 51.37 ? 30  ILE B CG2 1 
ATOM   230  C CD1 . ILE A 1 30  ? -14.940 -6.232  -5.885  1.00 56.53 ? 30  ILE B CD1 1 
ATOM   231  N N   . LEU A 1 31  ? -10.134 -9.639  -6.495  1.00 42.97 ? 31  LEU B N   1 
ATOM   232  C CA  . LEU A 1 31  ? -9.270  -10.654 -5.892  1.00 46.40 ? 31  LEU B CA  1 
ATOM   233  C C   . LEU A 1 31  ? -9.245  -10.553 -4.371  1.00 47.27 ? 31  LEU B C   1 
ATOM   234  O O   . LEU A 1 31  ? -9.190  -11.564 -3.674  1.00 48.99 ? 31  LEU B O   1 
ATOM   235  C CB  . LEU A 1 31  ? -7.842  -10.529 -6.438  1.00 48.26 ? 31  LEU B CB  1 
ATOM   236  C CG  . LEU A 1 31  ? -7.730  -10.383 -7.958  1.00 48.26 ? 31  LEU B CG  1 
ATOM   237  C CD1 . LEU A 1 31  ? -6.299  -10.097 -8.398  1.00 46.23 ? 31  LEU B CD1 1 
ATOM   238  C CD2 . LEU A 1 31  ? -8.267  -11.629 -8.643  1.00 52.35 ? 31  LEU B CD2 1 
ATOM   239  N N   . TRP A 1 32  ? -9.287  -9.328  -3.857  1.00 47.67 ? 32  TRP B N   1 
ATOM   240  C CA  . TRP A 1 32  ? -9.194  -9.105  -2.421  1.00 42.65 ? 32  TRP B CA  1 
ATOM   241  C C   . TRP A 1 32  ? -9.846  -7.784  -2.053  1.00 42.84 ? 32  TRP B C   1 
ATOM   242  O O   . TRP A 1 32  ? -9.901  -6.863  -2.857  1.00 40.37 ? 32  TRP B O   1 
ATOM   243  C CB  . TRP A 1 32  ? -7.729  -9.124  -1.987  1.00 42.17 ? 32  TRP B CB  1 
ATOM   244  C CG  . TRP A 1 32  ? -7.487  -8.947  -0.528  1.00 41.62 ? 32  TRP B CG  1 
ATOM   245  C CD1 . TRP A 1 32  ? -7.271  -9.933  0.399   1.00 41.37 ? 32  TRP B CD1 1 
ATOM   246  C CD2 . TRP A 1 32  ? -7.407  -7.707  0.178   1.00 40.35 ? 32  TRP B CD2 1 
ATOM   247  N NE1 . TRP A 1 32  ? -7.077  -9.377  1.644   1.00 39.38 ? 32  TRP B NE1 1 
ATOM   248  C CE2 . TRP A 1 32  ? -7.155  -8.011  1.533   1.00 40.41 ? 32  TRP B CE2 1 
ATOM   249  C CE3 . TRP A 1 32  ? -7.534  -6.364  -0.201  1.00 43.73 ? 32  TRP B CE3 1 
ATOM   250  C CZ2 . TRP A 1 32  ? -7.019  -7.020  2.507   1.00 43.18 ? 32  TRP B CZ2 1 
ATOM   251  C CZ3 . TRP A 1 32  ? -7.398  -5.383  0.767   1.00 41.30 ? 32  TRP B CZ3 1 
ATOM   252  C CH2 . TRP A 1 32  ? -7.149  -5.716  2.104   1.00 42.49 ? 32  TRP B CH2 1 
ATOM   253  N N   . GLN A 1 33  ? -10.353 -7.692  -0.834  1.00 43.16 ? 33  GLN B N   1 
ATOM   254  C CA  . GLN A 1 33  ? -10.879 -6.427  -0.344  1.00 45.20 ? 33  GLN B CA  1 
ATOM   255  C C   . GLN A 1 33  ? -10.910 -6.455  1.170   1.00 44.31 ? 33  GLN B C   1 
ATOM   256  O O   . GLN A 1 33  ? -11.106 -7.509  1.771   1.00 44.57 ? 33  GLN B O   1 
ATOM   257  C CB  . GLN A 1 33  ? -12.272 -6.161  -0.904  1.00 47.60 ? 33  GLN B CB  1 
ATOM   258  C CG  . GLN A 1 33  ? -13.315 -7.163  -0.450  1.00 50.66 ? 33  GLN B CG  1 
ATOM   259  C CD  . GLN A 1 33  ? -14.659 -6.945  -1.124  1.00 63.36 ? 33  GLN B CD  1 
ATOM   260  O OE1 . GLN A 1 33  ? -14.729 -6.487  -2.267  1.00 64.97 ? 33  GLN B OE1 1 
ATOM   261  N NE2 . GLN A 1 33  ? -15.735 -7.266  -0.413  1.00 70.45 ? 33  GLN B NE2 1 
ATOM   262  N N   . GLY A 1 34  ? -10.707 -5.300  1.790   1.00 40.74 ? 34  GLY B N   1 
ATOM   263  C CA  . GLY A 1 34  ? -10.663 -5.238  3.240   1.00 42.34 ? 34  GLY B CA  1 
ATOM   264  C C   . GLY A 1 34  ? -10.972 -3.844  3.746   1.00 40.95 ? 34  GLY B C   1 
ATOM   265  O O   . GLY A 1 34  ? -11.032 -2.897  2.971   1.00 40.18 ? 34  GLY B O   1 
ATOM   266  N N   . THR A 1 35  ? -11.175 -3.732  5.052   1.00 42.43 ? 35  THR B N   1 
ATOM   267  C CA  . THR A 1 35  ? -11.459 -2.449  5.683   1.00 44.70 ? 35  THR B CA  1 
ATOM   268  C C   . THR A 1 35  ? -10.571 -2.256  6.913   1.00 42.93 ? 35  THR B C   1 
ATOM   269  O O   . THR A 1 35  ? -10.823 -1.383  7.743   1.00 41.00 ? 35  THR B O   1 
ATOM   270  C CB  . THR A 1 35  ? -12.939 -2.337  6.090   1.00 47.53 ? 35  THR B CB  1 
ATOM   271  O OG1 . THR A 1 35  ? -13.231 -3.294  7.117   1.00 45.68 ? 35  THR B OG1 1 
ATOM   272  C CG2 . THR A 1 35  ? -13.830 -2.605  4.892   1.00 45.51 ? 35  THR B CG2 1 
ATOM   273  N N   . GLU A 1 36  ? -9.548  -3.100  7.032   1.00 42.39 ? 36  GLU B N   1 
ATOM   274  C CA  . GLU A 1 36  ? -8.517  -2.919  8.047   1.00 43.70 ? 36  GLU B CA  1 
ATOM   275  C C   . GLU A 1 36  ? -7.574  -1.820  7.577   1.00 39.00 ? 36  GLU B C   1 
ATOM   276  O O   . GLU A 1 36  ? -7.195  -1.778  6.401   1.00 40.82 ? 36  GLU B O   1 
ATOM   277  C CB  . GLU A 1 36  ? -7.753  -4.230  8.300   1.00 41.28 ? 36  GLU B CB  1 
ATOM   278  C CG  . GLU A 1 36  ? -6.460  -4.073  9.112   1.00 44.04 ? 36  GLU B CG  1 
ATOM   279  C CD  . GLU A 1 36  ? -5.759  -5.411  9.398   1.00 49.43 ? 36  GLU B CD  1 
ATOM   280  O OE1 . GLU A 1 36  ? -6.333  -6.474  9.060   1.00 51.58 ? 36  GLU B OE1 1 
ATOM   281  O OE2 . GLU A 1 36  ? -4.632  -5.398  9.958   1.00 47.23 ? 36  GLU B OE2 1 
ATOM   282  N N   . ASP A 1 37  ? -7.214  -0.907  8.471   1.00 36.95 ? 37  ASP B N   1 
ATOM   283  C CA  . ASP A 1 37  ? -6.268  0.127   8.087   1.00 34.79 ? 37  ASP B CA  1 
ATOM   284  C C   . ASP A 1 37  ? -4.868  -0.467  8.078   1.00 34.16 ? 37  ASP B C   1 
ATOM   285  O O   . ASP A 1 37  ? -4.169  -0.444  9.084   1.00 32.44 ? 37  ASP B O   1 
ATOM   286  C CB  . ASP A 1 37  ? -6.331  1.329   9.025   1.00 31.95 ? 37  ASP B CB  1 
ATOM   287  C CG  . ASP A 1 37  ? -5.488  2.500   8.526   1.00 39.09 ? 37  ASP B CG  1 
ATOM   288  O OD1 . ASP A 1 37  ? -4.528  2.267   7.755   1.00 37.48 ? 37  ASP B OD1 1 
ATOM   289  O OD2 . ASP A 1 37  ? -5.781  3.653   8.909   1.00 35.25 ? 37  ASP B OD2 1 
ATOM   290  N N   . LEU A 1 38  ? -4.460  -0.973  6.923   1.00 35.94 ? 38  LEU B N   1 
ATOM   291  C CA  . LEU A 1 38  ? -3.142  -1.576  6.775   1.00 35.60 ? 38  LEU B CA  1 
ATOM   292  C C   . LEU A 1 38  ? -2.013  -0.548  6.778   1.00 35.80 ? 38  LEU B C   1 
ATOM   293  O O   . LEU A 1 38  ? -0.849  -0.904  6.620   1.00 39.36 ? 38  LEU B O   1 
ATOM   294  C CB  . LEU A 1 38  ? -3.085  -2.395  5.481   1.00 37.78 ? 38  LEU B CB  1 
ATOM   295  C CG  . LEU A 1 38  ? -4.123  -3.510  5.352   1.00 37.22 ? 38  LEU B CG  1 
ATOM   296  C CD1 . LEU A 1 38  ? -3.991  -4.232  4.021   1.00 40.44 ? 38  LEU B CD1 1 
ATOM   297  C CD2 . LEU A 1 38  ? -3.985  -4.476  6.510   1.00 37.02 ? 38  LEU B CD2 1 
ATOM   298  N N   . SER A 1 39  ? -2.335  0.725   6.960   1.00 32.85 ? 39  SER B N   1 
ATOM   299  C CA  . SER A 1 39  ? -1.284  1.735   6.903   1.00 36.17 ? 39  SER B CA  1 
ATOM   300  C C   . SER A 1 39  ? -0.747  2.055   8.295   1.00 34.40 ? 39  SER B C   1 
ATOM   301  O O   . SER A 1 39  ? 0.247   2.761   8.433   1.00 31.84 ? 39  SER B O   1 
ATOM   302  C CB  . SER A 1 39  ? -1.794  3.010   6.228   1.00 34.30 ? 39  SER B CB  1 
ATOM   303  O OG  . SER A 1 39  ? -2.607  3.751   7.113   1.00 36.67 ? 39  SER B OG  1 
ATOM   304  N N   . VAL A 1 40  ? -1.394  1.517   9.324   1.00 35.39 ? 40  VAL B N   1 
ATOM   305  C CA  . VAL A 1 40  ? -0.982  1.771   10.702  1.00 30.32 ? 40  VAL B CA  1 
ATOM   306  C C   . VAL A 1 40  ? 0.424   1.228   10.919  1.00 30.00 ? 40  VAL B C   1 
ATOM   307  O O   . VAL A 1 40  ? 0.681   0.066   10.627  1.00 31.58 ? 40  VAL B O   1 
ATOM   308  C CB  . VAL A 1 40  ? -1.967  1.130   11.707  1.00 33.39 ? 40  VAL B CB  1 
ATOM   309  C CG1 . VAL A 1 40  ? -1.506  1.352   13.134  1.00 32.42 ? 40  VAL B CG1 1 
ATOM   310  C CG2 . VAL A 1 40  ? -3.377  1.699   11.495  1.00 36.28 ? 40  VAL B CG2 1 
ATOM   311  N N   . PRO A 1 41  ? 1.345   2.070   11.408  1.00 27.21 ? 41  PRO B N   1 
ATOM   312  C CA  . PRO A 1 41  ? 2.739   1.663   11.612  1.00 28.14 ? 41  PRO B CA  1 
ATOM   313  C C   . PRO A 1 41  ? 2.996   0.980   12.964  1.00 34.70 ? 41  PRO B C   1 
ATOM   314  O O   . PRO A 1 41  ? 2.166   1.079   13.865  1.00 34.84 ? 41  PRO B O   1 
ATOM   315  C CB  . PRO A 1 41  ? 3.499   2.998   11.517  1.00 32.19 ? 41  PRO B CB  1 
ATOM   316  C CG  . PRO A 1 41  ? 2.526   4.007   11.974  1.00 31.81 ? 41  PRO B CG  1 
ATOM   317  C CD  . PRO A 1 41  ? 1.161   3.527   11.564  1.00 32.25 ? 41  PRO B CD  1 
ATOM   318  N N   . GLY A 1 42  ? 4.117   0.272   13.094  1.00 33.01 ? 42  GLY B N   1 
ATOM   319  C CA  . GLY A 1 42  ? 4.523   -0.248  14.389  1.00 34.88 ? 42  GLY B CA  1 
ATOM   320  C C   . GLY A 1 42  ? 4.019   -1.640  14.729  1.00 38.65 ? 42  GLY B C   1 
ATOM   321  O O   . GLY A 1 42  ? 4.476   -2.234  15.706  1.00 41.37 ? 42  GLY B O   1 
ATOM   322  N N   . VAL A 1 43  ? 3.072   -2.150  13.949  1.00 31.54 ? 43  VAL B N   1 
ATOM   323  C CA  . VAL A 1 43  ? 2.623   -3.535  14.089  1.00 36.27 ? 43  VAL B CA  1 
ATOM   324  C C   . VAL A 1 43  ? 2.635   -4.222  12.729  1.00 34.41 ? 43  VAL B C   1 
ATOM   325  O O   . VAL A 1 43  ? 2.300   -3.614  11.725  1.00 34.95 ? 43  VAL B O   1 
ATOM   326  C CB  . VAL A 1 43  ? 1.207   -3.637  14.699  1.00 36.02 ? 43  VAL B CB  1 
ATOM   327  C CG1 . VAL A 1 43  ? 1.150   -2.905  16.030  1.00 37.24 ? 43  VAL B CG1 1 
ATOM   328  C CG2 . VAL A 1 43  ? 0.170   -3.096  13.733  1.00 39.61 ? 43  VAL B CG2 1 
ATOM   329  N N   . GLU A 1 44  ? 3.046   -5.486  12.684  1.00 32.17 ? 44  GLU B N   1 
ATOM   330  C CA  . GLU A 1 44  ? 3.034   -6.195  11.412  1.00 33.62 ? 44  GLU B CA  1 
ATOM   331  C C   . GLU A 1 44  ? 1.641   -6.690  11.053  1.00 34.26 ? 44  GLU B C   1 
ATOM   332  O O   . GLU A 1 44  ? 1.100   -7.568  11.719  1.00 34.58 ? 44  GLU B O   1 
ATOM   333  C CB  . GLU A 1 44  ? 3.995   -7.378  11.439  1.00 37.50 ? 44  GLU B CB  1 
ATOM   334  C CG  . GLU A 1 44  ? 3.864   -8.282  10.225  1.00 30.43 ? 44  GLU B CG  1 
ATOM   335  C CD  . GLU A 1 44  ? 4.792   -9.482  10.318  1.00 40.00 ? 44  GLU B CD  1 
ATOM   336  O OE1 . GLU A 1 44  ? 6.023   -9.281  10.262  1.00 38.31 ? 44  GLU B OE1 1 
ATOM   337  O OE2 . GLU A 1 44  ? 4.279   -10.615 10.466  1.00 38.20 ? 44  GLU B OE2 1 
ATOM   338  N N   . HIS A 1 45  ? 1.074   -6.153  9.984   1.00 27.43 ? 45  HIS B N   1 
ATOM   339  C CA  . HIS A 1 45  ? -0.228  -6.611  9.513   1.00 29.71 ? 45  HIS B CA  1 
ATOM   340  C C   . HIS A 1 45  ? -0.117  -7.953  8.800   1.00 30.38 ? 45  HIS B C   1 
ATOM   341  O O   . HIS A 1 45  ? 0.958   -8.342  8.359   1.00 29.17 ? 45  HIS B O   1 
ATOM   342  C CB  . HIS A 1 45  ? -0.849  -5.580  8.573   1.00 28.68 ? 45  HIS B CB  1 
ATOM   343  C CG  . HIS A 1 45  ? -0.980  -4.223  9.185   1.00 32.70 ? 45  HIS B CG  1 
ATOM   344  N ND1 . HIS A 1 45  ? -2.087  -3.835  9.907   1.00 32.36 ? 45  HIS B ND1 1 
ATOM   345  C CD2 . HIS A 1 45  ? -0.123  -3.171  9.219   1.00 33.69 ? 45  HIS B CD2 1 
ATOM   346  C CE1 . HIS A 1 45  ? -1.923  -2.595  10.335  1.00 35.99 ? 45  HIS B CE1 1 
ATOM   347  N NE2 . HIS A 1 45  ? -0.739  -2.170  9.929   1.00 33.16 ? 45  HIS B NE2 1 
ATOM   348  N N   . GLU A 1 46  ? -1.242  -8.632  8.659   1.00 28.85 ? 46  GLU B N   1 
ATOM   349  C CA  . GLU A 1 46  ? -1.281  -9.872  7.904   1.00 31.27 ? 46  GLU B CA  1 
ATOM   350  C C   . GLU A 1 46  ? -2.441  -9.808  6.938   1.00 30.78 ? 46  GLU B C   1 
ATOM   351  O O   . GLU A 1 46  ? -3.490  -9.265  7.266   1.00 33.87 ? 46  GLU B O   1 
ATOM   352  C CB  . GLU A 1 46  ? -1.409  -11.091 8.844   1.00 32.15 ? 46  GLU B CB  1 
ATOM   353  C CG  . GLU A 1 46  ? -0.224  -11.274 9.789   1.00 35.83 ? 46  GLU B CG  1 
ATOM   354  C CD  . GLU A 1 46  ? -0.383  -12.469 10.731  1.00 49.78 ? 46  GLU B CD  1 
ATOM   355  O OE1 . GLU A 1 46  ? -1.516  -12.988 10.856  1.00 48.28 ? 46  GLU B OE1 1 
ATOM   356  O OE2 . GLU A 1 46  ? 0.628   -12.889 11.350  1.00 54.60 ? 46  GLU B OE2 1 
ATOM   357  N N   . ALA A 1 47  ? -2.257  -10.345 5.738   1.00 27.75 ? 47  ALA B N   1 
ATOM   358  C CA  . ALA A 1 47  ? -3.350  -10.423 4.785   1.00 28.45 ? 47  ALA B CA  1 
ATOM   359  C C   . ALA A 1 47  ? -3.289  -11.719 4.003   1.00 30.71 ? 47  ALA B C   1 
ATOM   360  O O   . ALA A 1 47  ? -2.203  -12.200 3.688   1.00 28.79 ? 47  ALA B O   1 
ATOM   361  C CB  . ALA A 1 47  ? -3.316  -9.230  3.824   1.00 32.25 ? 47  ALA B CB  1 
ATOM   362  N N   . ARG A 1 48  ? -4.460  -12.255 3.670   1.00 30.34 ? 48  ARG B N   1 
ATOM   363  C CA  . ARG A 1 48  ? -4.578  -13.460 2.850   1.00 34.05 ? 48  ARG B CA  1 
ATOM   364  C C   . ARG A 1 48  ? -5.037  -13.124 1.451   1.00 33.79 ? 48  ARG B C   1 
ATOM   365  O O   . ARG A 1 48  ? -6.111  -12.563 1.281   1.00 35.93 ? 48  ARG B O   1 
ATOM   366  C CB  . ARG A 1 48  ? -5.581  -14.452 3.456   1.00 35.10 ? 48  ARG B CB  1 
ATOM   367  C CG  . ARG A 1 48  ? -5.361  -14.842 4.900   1.00 38.72 ? 48  ARG B CG  1 
ATOM   368  C CD  . ARG A 1 48  ? -6.568  -15.643 5.392   1.00 40.63 ? 48  ARG B CD  1 
ATOM   369  N NE  . ARG A 1 48  ? -6.529  -15.894 6.825   1.00 48.56 ? 48  ARG B NE  1 
ATOM   370  C CZ  . ARG A 1 48  ? -7.457  -16.581 7.492   1.00 49.58 ? 48  ARG B CZ  1 
ATOM   371  N NH1 . ARG A 1 48  ? -8.510  -17.082 6.849   1.00 43.08 ? 48  ARG B NH1 1 
ATOM   372  N NH2 . ARG A 1 48  ? -7.334  -16.765 8.807   1.00 49.06 ? 48  ARG B NH2 1 
ATOM   373  N N   . VAL A 1 49  ? -4.249  -13.489 0.446   1.00 34.01 ? 49  VAL B N   1 
ATOM   374  C CA  . VAL A 1 49  ? -4.614  -13.197 -0.933  1.00 37.81 ? 49  VAL B CA  1 
ATOM   375  C C   . VAL A 1 49  ? -4.639  -14.461 -1.771  1.00 37.93 ? 49  VAL B C   1 
ATOM   376  O O   . VAL A 1 49  ? -3.853  -15.382 -1.533  1.00 38.68 ? 49  VAL B O   1 
ATOM   377  C CB  . VAL A 1 49  ? -3.640  -12.184 -1.579  1.00 39.40 ? 49  VAL B CB  1 
ATOM   378  C CG1 . VAL A 1 49  ? -3.673  -10.867 -0.824  1.00 39.05 ? 49  VAL B CG1 1 
ATOM   379  C CG2 . VAL A 1 49  ? -2.226  -12.739 -1.593  1.00 33.70 ? 49  VAL B CG2 1 
ATOM   380  N N   . PRO A 1 50  ? -5.548  -14.508 -2.754  1.00 38.58 ? 50  PRO B N   1 
ATOM   381  C CA  . PRO A 1 50  ? -5.678  -15.631 -3.685  1.00 39.02 ? 50  PRO B CA  1 
ATOM   382  C C   . PRO A 1 50  ? -4.372  -15.854 -4.430  1.00 39.76 ? 50  PRO B C   1 
ATOM   383  O O   . PRO A 1 50  ? -3.777  -14.879 -4.883  1.00 35.32 ? 50  PRO B O   1 
ATOM   384  C CB  . PRO A 1 50  ? -6.791  -15.174 -4.642  1.00 40.43 ? 50  PRO B CB  1 
ATOM   385  C CG  . PRO A 1 50  ? -7.552  -14.154 -3.866  1.00 42.67 ? 50  PRO B CG  1 
ATOM   386  C CD  . PRO A 1 50  ? -6.521  -13.442 -3.046  1.00 39.66 ? 50  PRO B CD  1 
ATOM   387  N N   . LYS A 1 51  ? -3.929  -17.104 -4.550  1.00 36.62 ? 51  LYS B N   1 
ATOM   388  C CA  . LYS A 1 51  ? -2.667  -17.387 -5.223  1.00 35.08 ? 51  LYS B CA  1 
ATOM   389  C C   . LYS A 1 51  ? -2.719  -16.995 -6.687  1.00 36.33 ? 51  LYS B C   1 
ATOM   390  O O   . LYS A 1 51  ? -1.687  -16.733 -7.290  1.00 36.24 ? 51  LYS B O   1 
ATOM   391  C CB  . LYS A 1 51  ? -2.284  -18.868 -5.091  1.00 40.93 ? 51  LYS B CB  1 
ATOM   392  C CG  . LYS A 1 51  ? -3.315  -19.847 -5.608  1.00 43.12 ? 51  LYS B CG  1 
ATOM   393  C CD  . LYS A 1 51  ? -2.913  -21.285 -5.276  1.00 43.79 ? 51  LYS B CD  1 
ATOM   394  C CE  . LYS A 1 51  ? -1.652  -21.686 -6.025  1.00 48.92 ? 51  LYS B CE  1 
ATOM   395  N NZ  . LYS A 1 51  ? -1.275  -23.114 -5.770  1.00 56.41 ? 51  LYS B NZ  1 
ATOM   396  N N   . LYS A 1 52  ? -3.917  -16.940 -7.257  1.00 37.29 ? 52  LYS B N   1 
ATOM   397  C CA  . LYS A 1 52  ? -4.048  -16.610 -8.681  1.00 40.86 ? 52  LYS B CA  1 
ATOM   398  C C   . LYS A 1 52  ? -3.525  -15.210 -9.013  1.00 40.64 ? 52  LYS B C   1 
ATOM   399  O O   . LYS A 1 52  ? -3.173  -14.930 -10.162 1.00 44.03 ? 52  LYS B O   1 
ATOM   400  C CB  . LYS A 1 52  ? -5.508  -16.744 -9.131  1.00 44.28 ? 52  LYS B CB  1 
ATOM   401  C CG  . LYS A 1 52  ? -6.503  -16.012 -8.249  1.00 47.69 ? 52  LYS B CG  1 
ATOM   402  C CD  . LYS A 1 52  ? -7.950  -16.382 -8.578  1.00 55.53 ? 52  LYS B CD  1 
ATOM   403  C CE  . LYS A 1 52  ? -8.921  -15.543 -7.743  1.00 60.10 ? 52  LYS B CE  1 
ATOM   404  N NZ  . LYS A 1 52  ? -10.336 -16.022 -7.799  1.00 66.70 ? 52  LYS B NZ  1 
ATOM   405  N N   . ILE A 1 53  ? -3.460  -14.332 -8.013  1.00 38.01 ? 53  ILE B N   1 
ATOM   406  C CA  . ILE A 1 53  ? -2.943  -12.987 -8.234  1.00 37.13 ? 53  ILE B CA  1 
ATOM   407  C C   . ILE A 1 53  ? -1.532  -13.037 -8.806  1.00 40.60 ? 53  ILE B C   1 
ATOM   408  O O   . ILE A 1 53  ? -1.143  -12.177 -9.595  1.00 36.90 ? 53  ILE B O   1 
ATOM   409  C CB  . ILE A 1 53  ? -2.929  -12.153 -6.937  1.00 40.75 ? 53  ILE B CB  1 
ATOM   410  C CG1 . ILE A 1 53  ? -2.670  -10.681 -7.262  1.00 38.01 ? 53  ILE B CG1 1 
ATOM   411  C CG2 . ILE A 1 53  ? -1.889  -12.677 -5.955  1.00 36.13 ? 53  ILE B CG2 1 
ATOM   412  C CD1 . ILE A 1 53  ? -2.649  -9.792  -6.043  1.00 37.02 ? 53  ILE B CD1 1 
ATOM   413  N N   . LEU A 1 54  ? -0.775  -14.062 -8.422  1.00 36.89 ? 54  LEU B N   1 
ATOM   414  C CA  . LEU A 1 54  ? 0.593   -14.221 -8.911  1.00 38.85 ? 54  LEU B CA  1 
ATOM   415  C C   . LEU A 1 54  ? 0.614   -14.455 -10.428 1.00 38.45 ? 54  LEU B C   1 
ATOM   416  O O   . LEU A 1 54  ? 1.662   -14.325 -11.072 1.00 37.27 ? 54  LEU B O   1 
ATOM   417  C CB  . LEU A 1 54  ? 1.302   -15.374 -8.169  1.00 32.38 ? 54  LEU B CB  1 
ATOM   418  C CG  . LEU A 1 54  ? 1.540   -15.144 -6.672  1.00 33.44 ? 54  LEU B CG  1 
ATOM   419  C CD1 . LEU A 1 54  ? 1.910   -16.437 -5.905  1.00 30.99 ? 54  LEU B CD1 1 
ATOM   420  C CD2 . LEU A 1 54  ? 2.599   -14.064 -6.453  1.00 29.14 ? 54  LEU B CD2 1 
ATOM   421  N N   . LYS A 1 55  ? -0.544  -14.773 -11.001 1.00 36.43 ? 55  LYS B N   1 
ATOM   422  C CA  . LYS A 1 55  ? -0.616  -15.026 -12.439 1.00 39.48 ? 55  LYS B CA  1 
ATOM   423  C C   . LYS A 1 55  ? -1.037  -13.786 -13.255 1.00 43.62 ? 55  LYS B C   1 
ATOM   424  O O   . LYS A 1 55  ? -0.971  -13.798 -14.482 1.00 41.13 ? 55  LYS B O   1 
ATOM   425  C CB  . LYS A 1 55  ? -1.580  -16.184 -12.719 1.00 42.63 ? 55  LYS B CB  1 
ATOM   426  C CG  . LYS A 1 55  ? -1.262  -17.480 -11.959 1.00 42.61 ? 55  LYS B CG  1 
ATOM   427  C CD  . LYS A 1 55  ? 0.003   -18.143 -12.496 1.00 48.91 ? 55  LYS B CD  1 
ATOM   428  C CE  . LYS A 1 55  ? 0.154   -19.579 -11.994 1.00 53.66 ? 55  LYS B CE  1 
ATOM   429  N NZ  . LYS A 1 55  ? 1.289   -20.282 -12.666 1.00 52.95 ? 55  LYS B NZ  1 
ATOM   430  N N   . CYS A 1 56  ? -1.462  -12.719 -12.584 1.00 44.69 ? 56  CYS B N   1 
ATOM   431  C CA  . CYS A 1 56  ? -1.926  -11.510 -13.282 1.00 41.43 ? 56  CYS B CA  1 
ATOM   432  C C   . CYS A 1 56  ? -0.769  -10.698 -13.830 1.00 46.16 ? 56  CYS B C   1 
ATOM   433  O O   . CYS A 1 56  ? 0.219   -10.488 -13.131 1.00 44.69 ? 56  CYS B O   1 
ATOM   434  C CB  . CYS A 1 56  ? -2.747  -10.613 -12.349 1.00 43.94 ? 56  CYS B CB  1 
ATOM   435  S SG  . CYS A 1 56  ? -4.224  -11.349 -11.632 1.00 49.94 ? 56  CYS B SG  1 
ATOM   436  N N   . LYS A 1 57  ? -0.892  -10.211 -15.065 1.00 44.87 ? 57  LYS B N   1 
ATOM   437  C CA  . LYS A 1 57  ? 0.115   -9.297  -15.593 1.00 49.96 ? 57  LYS B CA  1 
ATOM   438  C C   . LYS A 1 57  ? -0.006  -7.936  -14.911 1.00 49.20 ? 57  LYS B C   1 
ATOM   439  O O   . LYS A 1 57  ? 0.997   -7.259  -14.683 1.00 51.88 ? 57  LYS B O   1 
ATOM   440  C CB  . LYS A 1 57  ? -0.004  -9.138  -17.109 1.00 53.07 ? 57  LYS B CB  1 
ATOM   441  C CG  . LYS A 1 57  ? 0.793   -7.952  -17.651 1.00 58.86 ? 57  LYS B CG  1 
ATOM   442  C CD  . LYS A 1 57  ? 2.262   -8.002  -17.218 1.00 61.56 ? 57  LYS B CD  1 
ATOM   443  C CE  . LYS A 1 57  ? 2.852   -6.601  -17.018 1.00 60.01 ? 57  LYS B CE  1 
ATOM   444  N NZ  . LYS A 1 57  ? 2.762   -5.749  -18.240 1.00 63.74 ? 57  LYS B NZ  1 
ATOM   445  N N   . ALA A 1 58  ? -1.230  -7.550  -14.564 1.00 44.11 ? 58  ALA B N   1 
ATOM   446  C CA  . ALA A 1 58  ? -1.448  -6.277  -13.890 1.00 45.81 ? 58  ALA B CA  1 
ATOM   447  C C   . ALA A 1 58  ? -2.628  -6.353  -12.929 1.00 47.44 ? 58  ALA B C   1 
ATOM   448  O O   . ALA A 1 58  ? -3.612  -7.046  -13.199 1.00 47.67 ? 58  ALA B O   1 
ATOM   449  C CB  . ALA A 1 58  ? -1.668  -5.155  -14.917 1.00 50.33 ? 58  ALA B CB  1 
ATOM   450  N N   . VAL A 1 59  ? -2.517  -5.642  -11.808 1.00 46.01 ? 59  VAL B N   1 
ATOM   451  C CA  . VAL A 1 59  ? -3.579  -5.591  -10.813 1.00 43.98 ? 59  VAL B CA  1 
ATOM   452  C C   . VAL A 1 59  ? -4.032  -4.143  -10.583 1.00 46.14 ? 59  VAL B C   1 
ATOM   453  O O   . VAL A 1 59  ? -3.207  -3.237  -10.472 1.00 45.24 ? 59  VAL B O   1 
ATOM   454  C CB  . VAL A 1 59  ? -3.123  -6.216  -9.479  1.00 42.42 ? 59  VAL B CB  1 
ATOM   455  C CG1 . VAL A 1 59  ? -4.122  -5.921  -8.374  1.00 42.44 ? 59  VAL B CG1 1 
ATOM   456  C CG2 . VAL A 1 59  ? -2.920  -7.718  -9.646  1.00 45.51 ? 59  VAL B CG2 1 
ATOM   457  N N   . SER A 1 60  ? -5.345  -3.935  -10.523 1.00 42.02 ? 60  SER B N   1 
ATOM   458  C CA  . SER A 1 60  ? -5.891  -2.615  -10.245 1.00 44.93 ? 60  SER B CA  1 
ATOM   459  C C   . SER A 1 60  ? -6.276  -2.485  -8.775  1.00 44.30 ? 60  SER B C   1 
ATOM   460  O O   . SER A 1 60  ? -7.059  -3.285  -8.252  1.00 43.93 ? 60  SER B O   1 
ATOM   461  C CB  . SER A 1 60  ? -7.105  -2.336  -11.134 1.00 49.94 ? 60  SER B CB  1 
ATOM   462  O OG  . SER A 1 60  ? -7.526  -0.991  -11.006 1.00 54.61 ? 60  SER B OG  1 
ATOM   463  N N   . ARG A 1 61  ? -5.722  -1.474  -8.111  1.00 40.89 ? 61  ARG B N   1 
ATOM   464  C CA  . ARG A 1 61  ? -6.006  -1.235  -6.700  1.00 37.06 ? 61  ARG B CA  1 
ATOM   465  C C   . ARG A 1 61  ? -6.884  -0.014  -6.488  1.00 41.46 ? 61  ARG B C   1 
ATOM   466  O O   . ARG A 1 61  ? -6.677  1.034   -7.113  1.00 39.44 ? 61  ARG B O   1 
ATOM   467  C CB  . ARG A 1 61  ? -4.708  -1.059  -5.921  1.00 36.49 ? 61  ARG B CB  1 
ATOM   468  C CG  . ARG A 1 61  ? -4.902  -0.678  -4.465  1.00 36.26 ? 61  ARG B CG  1 
ATOM   469  C CD  . ARG A 1 61  ? -3.555  -0.466  -3.800  1.00 38.69 ? 61  ARG B CD  1 
ATOM   470  N NE  . ARG A 1 61  ? -2.862  0.700   -4.346  1.00 37.31 ? 61  ARG B NE  1 
ATOM   471  C CZ  . ARG A 1 61  ? -1.540  0.846   -4.359  1.00 39.51 ? 61  ARG B CZ  1 
ATOM   472  N NH1 . ARG A 1 61  ? -0.763  -0.106  -3.854  1.00 39.11 ? 61  ARG B NH1 1 
ATOM   473  N NH2 . ARG A 1 61  ? -0.992  1.942   -4.874  1.00 37.50 ? 61  ARG B NH2 1 
ATOM   474  N N   . GLU A 1 62  ? -7.866  -0.151  -5.607  1.00 38.14 ? 62  GLU B N   1 
ATOM   475  C CA  . GLU A 1 62  ? -8.631  0.999   -5.174  1.00 42.24 ? 62  GLU B CA  1 
ATOM   476  C C   . GLU A 1 62  ? -8.425  1.189   -3.681  1.00 39.28 ? 62  GLU B C   1 
ATOM   477  O O   . GLU A 1 62  ? -8.530  0.251   -2.896  1.00 39.96 ? 62  GLU B O   1 
ATOM   478  C CB  . GLU A 1 62  ? -10.106 0.841   -5.516  1.00 46.76 ? 62  GLU B CB  1 
ATOM   479  C CG  . GLU A 1 62  ? -10.639 2.009   -6.310  1.00 53.24 ? 62  GLU B CG  1 
ATOM   480  C CD  . GLU A 1 62  ? -11.622 1.581   -7.365  1.00 61.77 ? 62  GLU B CD  1 
ATOM   481  O OE1 . GLU A 1 62  ? -12.627 0.930   -6.998  1.00 64.88 ? 62  GLU B OE1 1 
ATOM   482  O OE2 . GLU A 1 62  ? -11.384 1.885   -8.557  1.00 61.90 ? 62  GLU B OE2 1 
ATOM   483  N N   . LEU A 1 63  ? -8.122  2.423   -3.311  1.00 37.70 ? 63  LEU B N   1 
ATOM   484  C CA  . LEU A 1 63  ? -7.644  2.754   -1.990  1.00 34.41 ? 63  LEU B CA  1 
ATOM   485  C C   . LEU A 1 63  ? -8.384  3.988   -1.479  1.00 37.37 ? 63  LEU B C   1 
ATOM   486  O O   . LEU A 1 63  ? -8.223  5.077   -2.023  1.00 38.56 ? 63  LEU B O   1 
ATOM   487  C CB  . LEU A 1 63  ? -6.139  2.989   -2.058  1.00 37.85 ? 63  LEU B CB  1 
ATOM   488  C CG  . LEU A 1 63  ? -5.294  3.156   -0.809  1.00 41.56 ? 63  LEU B CG  1 
ATOM   489  C CD1 . LEU A 1 63  ? -3.831  3.074   -1.203  1.00 40.64 ? 63  LEU B CD1 1 
ATOM   490  C CD2 . LEU A 1 63  ? -5.600  4.486   -0.163  1.00 36.35 ? 63  LEU B CD2 1 
ATOM   491  N N   . ASN A 1 64  ? -9.212  3.815   -0.455  1.00 34.28 ? 64  ASN B N   1 
ATOM   492  C CA  . ASN A 1 64  ? -10.009 4.927   0.064   1.00 37.78 ? 64  ASN B CA  1 
ATOM   493  C C   . ASN A 1 64  ? -9.451  5.435   1.387   1.00 36.46 ? 64  ASN B C   1 
ATOM   494  O O   . ASN A 1 64  ? -9.272  4.652   2.328   1.00 33.52 ? 64  ASN B O   1 
ATOM   495  C CB  . ASN A 1 64  ? -11.467 4.507   0.230   1.00 35.57 ? 64  ASN B CB  1 
ATOM   496  C CG  . ASN A 1 64  ? -12.350 5.637   0.728   1.00 36.87 ? 64  ASN B CG  1 
ATOM   497  O OD1 . ASN A 1 64  ? -12.395 5.922   1.925   1.00 39.28 ? 64  ASN B OD1 1 
ATOM   498  N ND2 . ASN A 1 64  ? -13.070 6.281   -0.191  1.00 33.88 ? 64  ASN B ND2 1 
ATOM   499  N N   . PHE A 1 65  ? -9.164  6.735   1.452   1.00 31.93 ? 65  PHE B N   1 
ATOM   500  C CA  . PHE A 1 65  ? -8.522  7.314   2.628   1.00 30.11 ? 65  PHE B CA  1 
ATOM   501  C C   . PHE A 1 65  ? -9.079  8.686   3.007   1.00 33.14 ? 65  PHE B C   1 
ATOM   502  O O   . PHE A 1 65  ? -9.560  9.438   2.157   1.00 30.33 ? 65  PHE B O   1 
ATOM   503  C CB  . PHE A 1 65  ? -7.010  7.427   2.401   1.00 31.35 ? 65  PHE B CB  1 
ATOM   504  C CG  . PHE A 1 65  ? -6.629  8.413   1.329   1.00 31.11 ? 65  PHE B CG  1 
ATOM   505  C CD1 . PHE A 1 65  ? -6.350  9.735   1.653   1.00 31.89 ? 65  PHE B CD1 1 
ATOM   506  C CD2 . PHE A 1 65  ? -6.561  8.022   0.005   1.00 31.10 ? 65  PHE B CD2 1 
ATOM   507  C CE1 . PHE A 1 65  ? -6.011  10.660  0.671   1.00 32.32 ? 65  PHE B CE1 1 
ATOM   508  C CE2 . PHE A 1 65  ? -6.227  8.942   -0.992  1.00 32.64 ? 65  PHE B CE2 1 
ATOM   509  C CZ  . PHE A 1 65  ? -5.947  10.260  -0.653  1.00 34.23 ? 65  PHE B CZ  1 
ATOM   510  N N   . SER A 1 66  ? -9.007  9.001   4.298   1.00 30.85 ? 66  SER B N   1 
ATOM   511  C CA  . SER A 1 66  ? -9.373  10.321  4.806   1.00 31.53 ? 66  SER B CA  1 
ATOM   512  C C   . SER A 1 66  ? -8.149  11.044  5.366   1.00 29.87 ? 66  SER B C   1 
ATOM   513  O O   . SER A 1 66  ? -7.216  10.402  5.859   1.00 26.63 ? 66  SER B O   1 
ATOM   514  C CB  . SER A 1 66  ? -10.449 10.185  5.884   1.00 32.51 ? 66  SER B CB  1 
ATOM   515  O OG  . SER A 1 66  ? -11.505 9.355   5.422   1.00 34.68 ? 66  SER B OG  1 
ATOM   516  N N   . SER A 1 67  ? -8.141  12.376  5.303   1.00 27.43 ? 67  SER B N   1 
ATOM   517  C CA  . SER A 1 67  ? -7.016  13.135  5.854   1.00 26.32 ? 67  SER B CA  1 
ATOM   518  C C   . SER A 1 67  ? -7.473  14.467  6.416   1.00 31.10 ? 67  SER B C   1 
ATOM   519  O O   . SER A 1 67  ? -7.992  15.293  5.676   1.00 31.28 ? 67  SER B O   1 
ATOM   520  C CB  . SER A 1 67  ? -5.943  13.362  4.782   1.00 27.89 ? 67  SER B CB  1 
ATOM   521  O OG  . SER A 1 67  ? -4.860  14.143  5.275   1.00 28.08 ? 67  SER B OG  1 
ATOM   522  N N   . THR A 1 68  ? -7.281  14.692  7.713   1.00 29.56 ? 68  THR B N   1 
ATOM   523  C CA  . THR A 1 68  ? -7.622  16.009  8.259   1.00 31.13 ? 68  THR B CA  1 
ATOM   524  C C   . THR A 1 68  ? -6.700  17.054  7.666   1.00 32.04 ? 68  THR B C   1 
ATOM   525  O O   . THR A 1 68  ? -7.128  18.175  7.358   1.00 29.53 ? 68  THR B O   1 
ATOM   526  C CB  . THR A 1 68  ? -7.536  16.063  9.804   1.00 31.57 ? 68  THR B CB  1 
ATOM   527  O OG1 . THR A 1 68  ? -6.192  15.796  10.239  1.00 31.10 ? 68  THR B OG1 1 
ATOM   528  C CG2 . THR A 1 68  ? -8.504  15.059  10.430  1.00 33.57 ? 68  THR B CG2 1 
ATOM   529  N N   . GLU A 1 69  ? -5.440  16.674  7.462   1.00 30.13 ? 69  GLU B N   1 
ATOM   530  C CA  . GLU A 1 69  ? -4.430  17.634  7.021   1.00 33.14 ? 69  GLU B CA  1 
ATOM   531  C C   . GLU A 1 69  ? -4.351  17.790  5.511   1.00 30.61 ? 69  GLU B C   1 
ATOM   532  O O   . GLU A 1 69  ? -4.522  16.833  4.745   1.00 25.42 ? 69  GLU B O   1 
ATOM   533  C CB  . GLU A 1 69  ? -3.052  17.233  7.556   1.00 28.67 ? 69  GLU B CB  1 
ATOM   534  C CG  . GLU A 1 69  ? -3.013  17.119  9.052   1.00 28.26 ? 69  GLU B CG  1 
ATOM   535  C CD  . GLU A 1 69  ? -3.586  18.342  9.711   1.00 34.60 ? 69  GLU B CD  1 
ATOM   536  O OE1 . GLU A 1 69  ? -2.959  19.417  9.589   1.00 34.90 ? 69  GLU B OE1 1 
ATOM   537  O OE2 . GLU A 1 69  ? -4.669  18.236  10.327  1.00 34.15 ? 69  GLU B OE2 1 
ATOM   538  N N   . GLN A 1 70  ? -4.059  19.009  5.085   1.00 28.40 ? 70  GLN B N   1 
ATOM   539  C CA  . GLN A 1 70  ? -3.826  19.256  3.677   1.00 28.52 ? 70  GLN B CA  1 
ATOM   540  C C   . GLN A 1 70  ? -2.483  18.636  3.303   1.00 29.04 ? 70  GLN B C   1 
ATOM   541  O O   . GLN A 1 70  ? -1.549  18.672  4.095   1.00 30.83 ? 70  GLN B O   1 
ATOM   542  C CB  . GLN A 1 70  ? -3.853  20.772  3.384   1.00 27.38 ? 70  GLN B CB  1 
ATOM   543  C CG  . GLN A 1 70  ? -3.238  21.165  2.058   1.00 26.10 ? 70  GLN B CG  1 
ATOM   544  C CD  . GLN A 1 70  ? -3.497  22.647  1.711   1.00 27.54 ? 70  GLN B CD  1 
ATOM   545  O OE1 . GLN A 1 70  ? -4.603  23.140  1.890   1.00 25.98 ? 70  GLN B OE1 1 
ATOM   546  N NE2 . GLN A 1 70  ? -2.468  23.341  1.247   1.00 27.61 ? 70  GLN B NE2 1 
ATOM   547  N N   . MET A 1 71  ? -2.398  18.044  2.117   1.00 24.26 ? 71  MET B N   1 
ATOM   548  C CA  . MET A 1 71  ? -1.113  17.592  1.580   1.00 29.47 ? 71  MET B CA  1 
ATOM   549  C C   . MET A 1 71  ? -0.942  18.075  0.144   1.00 31.82 ? 71  MET B C   1 
ATOM   550  O O   . MET A 1 71  ? -1.896  18.074  -0.636  1.00 32.62 ? 71  MET B O   1 
ATOM   551  C CB  . MET A 1 71  ? -0.985  16.065  1.619   1.00 28.98 ? 71  MET B CB  1 
ATOM   552  C CG  . MET A 1 71  ? -0.828  15.482  3.017   1.00 30.94 ? 71  MET B CG  1 
ATOM   553  S SD  . MET A 1 71  ? -0.518  13.686  2.991   1.00 30.50 ? 71  MET B SD  1 
ATOM   554  C CE  . MET A 1 71  ? -2.175  13.052  2.832   1.00 28.71 ? 71  MET B CE  1 
ATOM   555  N N   . GLU A 1 72  ? 0.284   18.442  -0.207  1.00 33.16 ? 72  GLU B N   1 
ATOM   556  C CA  . GLU A 1 72  ? 0.565   18.994  -1.526  1.00 35.78 ? 72  GLU B CA  1 
ATOM   557  C C   . GLU A 1 72  ? 0.939   17.945  -2.564  1.00 36.38 ? 72  GLU B C   1 
ATOM   558  O O   . GLU A 1 72  ? 0.553   18.052  -3.723  1.00 32.06 ? 72  GLU B O   1 
ATOM   559  C CB  . GLU A 1 72  ? 1.677   20.031  -1.423  1.00 42.18 ? 72  GLU B CB  1 
ATOM   560  C CG  . GLU A 1 72  ? 1.219   21.324  -0.783  1.00 49.21 ? 72  GLU B CG  1 
ATOM   561  C CD  . GLU A 1 72  ? 2.265   22.411  -0.887  1.00 58.27 ? 72  GLU B CD  1 
ATOM   562  O OE1 . GLU A 1 72  ? 3.444   22.086  -1.171  1.00 64.11 ? 72  GLU B OE1 1 
ATOM   563  O OE2 . GLU A 1 72  ? 1.905   23.587  -0.691  1.00 51.26 ? 72  GLU B OE2 1 
ATOM   564  N N   . LYS A 1 73  ? 1.710   16.944  -2.152  1.00 33.80 ? 73  LYS B N   1 
ATOM   565  C CA  . LYS A 1 73  ? 2.093   15.858  -3.046  1.00 32.69 ? 73  LYS B CA  1 
ATOM   566  C C   . LYS A 1 73  ? 2.111   14.515  -2.289  1.00 27.95 ? 73  LYS B C   1 
ATOM   567  O O   . LYS A 1 73  ? 3.167   13.974  -1.998  1.00 29.38 ? 73  LYS B O   1 
ATOM   568  C CB  . LYS A 1 73  ? 3.456   16.140  -3.676  1.00 32.92 ? 73  LYS B CB  1 
ATOM   569  C CG  . LYS A 1 73  ? 3.502   17.499  -4.399  1.00 45.24 ? 73  LYS B CG  1 
ATOM   570  C CD  . LYS A 1 73  ? 4.633   17.583  -5.417  1.00 49.12 ? 73  LYS B CD  1 
ATOM   571  C CE  . LYS A 1 73  ? 4.432   18.751  -6.385  1.00 54.13 ? 73  LYS B CE  1 
ATOM   572  N NZ  . LYS A 1 73  ? 3.215   18.571  -7.233  1.00 58.71 ? 73  LYS B NZ  1 
ATOM   573  N N   . PHE A 1 74  ? 0.925   14.010  -1.972  1.00 29.97 ? 74  PHE B N   1 
ATOM   574  C CA  . PHE A 1 74  ? 0.782   12.709  -1.319  1.00 30.39 ? 74  PHE B CA  1 
ATOM   575  C C   . PHE A 1 74  ? 1.232   11.620  -2.286  1.00 29.09 ? 74  PHE B C   1 
ATOM   576  O O   . PHE A 1 74  ? 0.828   11.598  -3.461  1.00 30.37 ? 74  PHE B O   1 
ATOM   577  C CB  . PHE A 1 74  ? -0.670  12.505  -0.873  1.00 29.68 ? 74  PHE B CB  1 
ATOM   578  C CG  . PHE A 1 74  ? -0.927  11.197  -0.157  1.00 28.70 ? 74  PHE B CG  1 
ATOM   579  C CD1 . PHE A 1 74  ? -0.122  10.792  0.889   1.00 30.59 ? 74  PHE B CD1 1 
ATOM   580  C CD2 . PHE A 1 74  ? -2.007  10.404  -0.513  1.00 27.87 ? 74  PHE B CD2 1 
ATOM   581  C CE1 . PHE A 1 74  ? -0.372  9.599   1.551   1.00 33.63 ? 74  PHE B CE1 1 
ATOM   582  C CE2 . PHE A 1 74  ? -2.268  9.215   0.148   1.00 34.98 ? 74  PHE B CE2 1 
ATOM   583  C CZ  . PHE A 1 74  ? -1.445  8.809   1.178   1.00 31.71 ? 74  PHE B CZ  1 
ATOM   584  N N   . ARG A 1 75  ? 2.099   10.730  -1.812  1.00 29.82 ? 75  ARG B N   1 
ATOM   585  C CA  . ARG A 1 75  ? 2.584   9.666   -2.678  1.00 28.01 ? 75  ARG B CA  1 
ATOM   586  C C   . ARG A 1 75  ? 3.080   8.490   -1.856  1.00 28.45 ? 75  ARG B C   1 
ATOM   587  O O   . ARG A 1 75  ? 3.268   8.602   -0.651  1.00 25.56 ? 75  ARG B O   1 
ATOM   588  C CB  . ARG A 1 75  ? 3.701   10.175  -3.591  1.00 27.64 ? 75  ARG B CB  1 
ATOM   589  C CG  . ARG A 1 75  ? 4.933   10.605  -2.833  1.00 28.78 ? 75  ARG B CG  1 
ATOM   590  C CD  . ARG A 1 75  ? 6.073   11.040  -3.759  1.00 31.70 ? 75  ARG B CD  1 
ATOM   591  N NE  . ARG A 1 75  ? 7.267   11.333  -2.968  1.00 32.94 ? 75  ARG B NE  1 
ATOM   592  C CZ  . ARG A 1 75  ? 8.220   10.452  -2.678  1.00 38.03 ? 75  ARG B CZ  1 
ATOM   593  N NH1 . ARG A 1 75  ? 8.153   9.201   -3.138  1.00 35.34 ? 75  ARG B NH1 1 
ATOM   594  N NH2 . ARG A 1 75  ? 9.251   10.822  -1.933  1.00 35.64 ? 75  ARG B NH2 1 
ATOM   595  N N   . LEU A 1 76  ? 3.301   7.367   -2.528  1.00 28.30 ? 76  LEU B N   1 
ATOM   596  C CA  . LEU A 1 76  ? 3.697   6.137   -1.849  1.00 29.13 ? 76  LEU B CA  1 
ATOM   597  C C   . LEU A 1 76  ? 4.944   5.576   -2.475  1.00 30.19 ? 76  LEU B C   1 
ATOM   598  O O   . LEU A 1 76  ? 5.146   5.717   -3.677  1.00 27.09 ? 76  LEU B O   1 
ATOM   599  C CB  . LEU A 1 76  ? 2.605   5.073   -1.940  1.00 33.86 ? 76  LEU B CB  1 
ATOM   600  C CG  . LEU A 1 76  ? 1.162   5.393   -1.579  1.00 34.60 ? 76  LEU B CG  1 
ATOM   601  C CD1 . LEU A 1 76  ? 0.276   4.250   -2.038  1.00 35.69 ? 76  LEU B CD1 1 
ATOM   602  C CD2 . LEU A 1 76  ? 1.022   5.616   -0.084  1.00 36.59 ? 76  LEU B CD2 1 
ATOM   603  N N   . GLU A 1 77  ? 5.758   4.909   -1.662  1.00 28.09 ? 77  GLU B N   1 
ATOM   604  C CA  . GLU A 1 77  ? 6.795   4.040   -2.181  1.00 28.54 ? 77  GLU B CA  1 
ATOM   605  C C   . GLU A 1 77  ? 6.536   2.668   -1.557  1.00 30.62 ? 77  GLU B C   1 
ATOM   606  O O   . GLU A 1 77  ? 6.333   2.566   -0.341  1.00 25.00 ? 77  GLU B O   1 
ATOM   607  C CB  . GLU A 1 77  ? 8.195   4.553   -1.834  1.00 29.37 ? 77  GLU B CB  1 
ATOM   608  C CG  . GLU A 1 77  ? 8.499   5.969   -2.315  1.00 39.61 ? 77  GLU B CG  1 
ATOM   609  C CD  . GLU A 1 77  ? 9.912   6.415   -1.957  1.00 43.46 ? 77  GLU B CD  1 
ATOM   610  O OE1 . GLU A 1 77  ? 10.622  5.640   -1.267  1.00 41.50 ? 77  GLU B OE1 1 
ATOM   611  O OE2 . GLU A 1 77  ? 10.306  7.533   -2.366  1.00 40.45 ? 77  GLU B OE2 1 
ATOM   612  N N   . GLN A 1 78  ? 6.502   1.633   -2.388  1.00 27.46 ? 78  GLN B N   1 
ATOM   613  C CA  . GLN A 1 78  ? 6.231   0.291   -1.894  1.00 30.33 ? 78  GLN B CA  1 
ATOM   614  C C   . GLN A 1 78  ? 7.302   -0.658  -2.373  1.00 33.95 ? 78  GLN B C   1 
ATOM   615  O O   . GLN A 1 78  ? 7.713   -0.590  -3.527  1.00 32.41 ? 78  GLN B O   1 
ATOM   616  C CB  . GLN A 1 78  ? 4.865   -0.197  -2.353  1.00 30.11 ? 78  GLN B CB  1 
ATOM   617  C CG  . GLN A 1 78  ? 3.707   0.539   -1.728  1.00 33.00 ? 78  GLN B CG  1 
ATOM   618  C CD  . GLN A 1 78  ? 2.392   0.050   -2.267  1.00 35.83 ? 78  GLN B CD  1 
ATOM   619  O OE1 . GLN A 1 78  ? 2.101   0.205   -3.448  1.00 37.71 ? 78  GLN B OE1 1 
ATOM   620  N NE2 . GLN A 1 78  ? 1.594   -0.562  -1.407  1.00 38.04 ? 78  GLN B NE2 1 
ATOM   621  N N   . LYS A 1 79  ? 7.735   -1.541  -1.474  1.00 29.70 ? 79  LYS B N   1 
ATOM   622  C CA  . LYS A 1 79  ? 8.754   -2.547  -1.760  1.00 31.21 ? 79  LYS B CA  1 
ATOM   623  C C   . LYS A 1 79  ? 8.264   -3.942  -1.400  1.00 34.37 ? 79  LYS B C   1 
ATOM   624  O O   . LYS A 1 79  ? 7.678   -4.134  -0.335  1.00 30.90 ? 79  LYS B O   1 
ATOM   625  C CB  . LYS A 1 79  ? 10.032  -2.260  -0.977  1.00 29.77 ? 79  LYS B CB  1 
ATOM   626  C CG  . LYS A 1 79  ? 10.850  -1.094  -1.501  1.00 34.19 ? 79  LYS B CG  1 
ATOM   627  C CD  . LYS A 1 79  ? 12.084  -0.911  -0.649  1.00 37.15 ? 79  LYS B CD  1 
ATOM   628  C CE  . LYS A 1 79  ? 12.987  0.180   -1.207  1.00 40.03 ? 79  LYS B CE  1 
ATOM   629  N NZ  . LYS A 1 79  ? 14.229  0.275   -0.397  1.00 47.59 ? 79  LYS B NZ  1 
ATOM   630  N N   . VAL A 1 80  ? 8.508   -4.911  -2.279  1.00 32.71 ? 80  VAL B N   1 
ATOM   631  C CA  . VAL A 1 80  ? 8.186   -6.296  -1.972  1.00 33.30 ? 80  VAL B CA  1 
ATOM   632  C C   . VAL A 1 80  ? 9.430   -7.013  -1.466  1.00 33.33 ? 80  VAL B C   1 
ATOM   633  O O   . VAL A 1 80  ? 10.435  -7.072  -2.159  1.00 29.33 ? 80  VAL B O   1 
ATOM   634  C CB  . VAL A 1 80  ? 7.632   -7.041  -3.190  1.00 36.00 ? 80  VAL B CB  1 
ATOM   635  C CG1 . VAL A 1 80  ? 7.437   -8.513  -2.850  1.00 38.09 ? 80  VAL B CG1 1 
ATOM   636  C CG2 . VAL A 1 80  ? 6.328   -6.415  -3.632  1.00 39.88 ? 80  VAL B CG2 1 
ATOM   637  N N   . TYR A 1 81  ? 9.370   -7.528  -0.242  1.00 29.55 ? 81  TYR B N   1 
ATOM   638  C CA  . TYR A 1 81  ? 10.509  -8.237  0.333   1.00 31.31 ? 81  TYR B CA  1 
ATOM   639  C C   . TYR A 1 81  ? 10.216  -9.729  0.428   1.00 30.11 ? 81  TYR B C   1 
ATOM   640  O O   . TYR A 1 81  ? 9.133   -10.126 0.879   1.00 28.61 ? 81  TYR B O   1 
ATOM   641  C CB  . TYR A 1 81  ? 10.855  -7.700  1.724   1.00 28.89 ? 81  TYR B CB  1 
ATOM   642  C CG  . TYR A 1 81  ? 11.519  -6.328  1.776   1.00 30.39 ? 81  TYR B CG  1 
ATOM   643  C CD1 . TYR A 1 81  ? 10.763  -5.162  1.907   1.00 33.91 ? 81  TYR B CD1 1 
ATOM   644  C CD2 . TYR A 1 81  ? 12.897  -6.206  1.745   1.00 32.37 ? 81  TYR B CD2 1 
ATOM   645  C CE1 . TYR A 1 81  ? 11.376  -3.913  1.977   1.00 36.04 ? 81  TYR B CE1 1 
ATOM   646  C CE2 . TYR A 1 81  ? 13.518  -4.964  1.815   1.00 33.26 ? 81  TYR B CE2 1 
ATOM   647  C CZ  . TYR A 1 81  ? 12.754  -3.829  1.931   1.00 36.18 ? 81  TYR B CZ  1 
ATOM   648  O OH  . TYR A 1 81  ? 13.384  -2.610  2.006   1.00 40.33 ? 81  TYR B OH  1 
ATOM   649  N N   . PHE A 1 82  ? 11.175  -10.546 -0.003  1.00 30.72 ? 82  PHE B N   1 
ATOM   650  C CA  . PHE A 1 82  ? 11.115  -12.002 0.177   1.00 26.26 ? 82  PHE B CA  1 
ATOM   651  C C   . PHE A 1 82  ? 12.268  -12.414 1.057   1.00 30.04 ? 82  PHE B C   1 
ATOM   652  O O   . PHE A 1 82  ? 13.433  -12.206 0.698   1.00 29.23 ? 82  PHE B O   1 
ATOM   653  C CB  . PHE A 1 82  ? 11.177  -12.746 -1.162  1.00 27.47 ? 82  PHE B CB  1 
ATOM   654  C CG  . PHE A 1 82  ? 11.333  -14.243 -1.019  1.00 27.17 ? 82  PHE B CG  1 
ATOM   655  C CD1 . PHE A 1 82  ? 10.239  -15.042 -0.695  1.00 25.99 ? 82  PHE B CD1 1 
ATOM   656  C CD2 . PHE A 1 82  ? 12.567  -14.851 -1.199  1.00 26.59 ? 82  PHE B CD2 1 
ATOM   657  C CE1 . PHE A 1 82  ? 10.382  -16.432 -0.559  1.00 26.25 ? 82  PHE B CE1 1 
ATOM   658  C CE2 . PHE A 1 82  ? 12.710  -16.236 -1.064  1.00 27.89 ? 82  PHE B CE2 1 
ATOM   659  C CZ  . PHE A 1 82  ? 11.621  -17.017 -0.746  1.00 24.58 ? 82  PHE B CZ  1 
ATOM   660  N N   . LYS A 1 83  ? 11.932  -12.978 2.217   1.00 27.00 ? 83  LYS B N   1 
ATOM   661  C CA  . LYS A 1 83  ? 12.898  -13.325 3.246   1.00 31.60 ? 83  LYS B CA  1 
ATOM   662  C C   . LYS A 1 83  ? 13.894  -12.203 3.515   1.00 30.96 ? 83  LYS B C   1 
ATOM   663  O O   . LYS A 1 83  ? 15.071  -12.462 3.756   1.00 33.15 ? 83  LYS B O   1 
ATOM   664  C CB  . LYS A 1 83  ? 13.652  -14.615 2.869   1.00 30.45 ? 83  LYS B CB  1 
ATOM   665  C CG  . LYS A 1 83  ? 12.752  -15.828 2.674   1.00 28.00 ? 83  LYS B CG  1 
ATOM   666  C CD  . LYS A 1 83  ? 13.573  -17.130 2.719   1.00 27.13 ? 83  LYS B CD  1 
ATOM   667  C CE  . LYS A 1 83  ? 12.688  -18.345 2.519   1.00 32.29 ? 83  LYS B CE  1 
ATOM   668  N NZ  . LYS A 1 83  ? 13.483  -19.617 2.544   1.00 32.22 ? 83  LYS B NZ  1 
ATOM   669  N N   . GLY A 1 84  ? 13.422  -10.957 3.494   1.00 31.60 ? 84  GLY B N   1 
ATOM   670  C CA  . GLY A 1 84  ? 14.283  -9.829  3.809   1.00 29.45 ? 84  GLY B CA  1 
ATOM   671  C C   . GLY A 1 84  ? 14.957  -9.165  2.612   1.00 32.16 ? 84  GLY B C   1 
ATOM   672  O O   . GLY A 1 84  ? 15.627  -8.142  2.761   1.00 33.87 ? 84  GLY B O   1 
ATOM   673  N N   . GLN A 1 85  ? 14.786  -9.725  1.420   1.00 30.73 ? 85  GLN B N   1 
ATOM   674  C CA  . GLN A 1 85  ? 15.427  -9.149  0.239   1.00 31.76 ? 85  GLN B CA  1 
ATOM   675  C C   . GLN A 1 85  ? 14.426  -8.446  -0.678  1.00 32.16 ? 85  GLN B C   1 
ATOM   676  O O   . GLN A 1 85  ? 13.394  -9.009  -1.037  1.00 29.12 ? 85  GLN B O   1 
ATOM   677  C CB  . GLN A 1 85  ? 16.172  -10.232 -0.534  1.00 34.68 ? 85  GLN B CB  1 
ATOM   678  C CG  . GLN A 1 85  ? 16.906  -9.709  -1.764  1.00 34.03 ? 85  GLN B CG  1 
ATOM   679  C CD  . GLN A 1 85  ? 17.509  -10.834 -2.570  1.00 38.31 ? 85  GLN B CD  1 
ATOM   680  O OE1 . GLN A 1 85  ? 17.826  -11.893 -2.026  1.00 38.89 ? 85  GLN B OE1 1 
ATOM   681  N NE2 . GLN A 1 85  ? 17.624  -10.637 -3.874  1.00 38.46 ? 85  GLN B NE2 1 
ATOM   682  N N   . CYS A 1 86  ? 14.738  -7.215  -1.072  1.00 33.90 ? 86  CYS B N   1 
ATOM   683  C CA  . CYS A 1 86  ? 13.829  -6.454  -1.928  1.00 28.30 ? 86  CYS B CA  1 
ATOM   684  C C   . CYS A 1 86  ? 13.845  -7.003  -3.352  1.00 31.91 ? 86  CYS B C   1 
ATOM   685  O O   . CYS A 1 86  ? 14.882  -7.013  -3.999  1.00 34.75 ? 86  CYS B O   1 
ATOM   686  C CB  . CYS A 1 86  ? 14.205  -4.966  -1.927  1.00 33.39 ? 86  CYS B CB  1 
ATOM   687  S SG  . CYS A 1 86  ? 13.061  -3.966  -2.887  1.00 37.66 ? 86  CYS B SG  1 
ATOM   688  N N   . LEU A 1 87  ? 12.698  -7.467  -3.836  1.00 29.11 ? 87  LEU B N   1 
ATOM   689  C CA  . LEU A 1 87  ? 12.605  -8.026  -5.183  1.00 30.03 ? 87  LEU B CA  1 
ATOM   690  C C   . LEU A 1 87  ? 12.025  -7.034  -6.183  1.00 33.76 ? 87  LEU B C   1 
ATOM   691  O O   . LEU A 1 87  ? 12.107  -7.236  -7.394  1.00 31.69 ? 87  LEU B O   1 
ATOM   692  C CB  . LEU A 1 87  ? 11.724  -9.265  -5.200  1.00 34.59 ? 87  LEU B CB  1 
ATOM   693  C CG  . LEU A 1 87  ? 12.309  -10.633 -4.856  1.00 34.25 ? 87  LEU B CG  1 
ATOM   694  C CD1 . LEU A 1 87  ? 13.366  -10.522 -3.795  1.00 32.97 ? 87  LEU B CD1 1 
ATOM   695  C CD2 . LEU A 1 87  ? 11.173  -11.489 -4.413  1.00 34.66 ? 87  LEU B CD2 1 
ATOM   696  N N   . GLU A 1 88  ? 11.399  -5.982  -5.674  1.00 34.43 ? 88  GLU B N   1 
ATOM   697  C CA  . GLU A 1 88  ? 10.637  -5.099  -6.540  1.00 37.85 ? 88  GLU B CA  1 
ATOM   698  C C   . GLU A 1 88  ? 10.196  -3.871  -5.774  1.00 39.09 ? 88  GLU B C   1 
ATOM   699  O O   . GLU A 1 88  ? 9.817   -3.978  -4.607  1.00 35.36 ? 88  GLU B O   1 
ATOM   700  C CB  . GLU A 1 88  ? 9.424   -5.840  -7.100  1.00 39.79 ? 88  GLU B CB  1 
ATOM   701  C CG  . GLU A 1 88  ? 8.736   -5.131  -8.241  1.00 48.51 ? 88  GLU B CG  1 
ATOM   702  C CD  . GLU A 1 88  ? 7.784   -6.052  -8.969  1.00 55.64 ? 88  GLU B CD  1 
ATOM   703  O OE1 . GLU A 1 88  ? 7.428   -5.745  -10.129 1.00 63.69 ? 88  GLU B OE1 1 
ATOM   704  O OE2 . GLU A 1 88  ? 7.397   -7.085  -8.375  1.00 58.70 ? 88  GLU B OE2 1 
ATOM   705  N N   . GLU A 1 89  ? 10.238  -2.714  -6.434  1.00 34.23 ? 89  GLU B N   1 
ATOM   706  C CA  . GLU A 1 89  ? 9.822   -1.459  -5.822  1.00 36.04 ? 89  GLU B CA  1 
ATOM   707  C C   . GLU A 1 89  ? 8.861   -0.710  -6.739  1.00 42.74 ? 89  GLU B C   1 
ATOM   708  O O   . GLU A 1 89  ? 9.076   -0.667  -7.950  1.00 37.29 ? 89  GLU B O   1 
ATOM   709  C CB  . GLU A 1 89  ? 11.040  -0.590  -5.512  1.00 37.52 ? 89  GLU B CB  1 
ATOM   710  C CG  . GLU A 1 89  ? 10.701  0.779   -4.937  1.00 41.57 ? 89  GLU B CG  1 
ATOM   711  C CD  . GLU A 1 89  ? 11.936  1.554   -4.514  1.00 43.38 ? 89  GLU B CD  1 
ATOM   712  O OE1 . GLU A 1 89  ? 13.000  1.370   -5.137  1.00 50.54 ? 89  GLU B OE1 1 
ATOM   713  O OE2 . GLU A 1 89  ? 11.846  2.338   -3.547  1.00 45.29 ? 89  GLU B OE2 1 
ATOM   714  N N   . TRP A 1 90  ? 7.808   -0.133  -6.155  1.00 37.72 ? 90  TRP B N   1 
ATOM   715  C CA  . TRP A 1 90  ? 6.806   0.631   -6.899  1.00 37.05 ? 90  TRP B CA  1 
ATOM   716  C C   . TRP A 1 90  ? 6.678   2.057   -6.367  1.00 36.91 ? 90  TRP B C   1 
ATOM   717  O O   . TRP A 1 90  ? 6.803   2.281   -5.158  1.00 34.43 ? 90  TRP B O   1 
ATOM   718  C CB  . TRP A 1 90  ? 5.428   -0.030  -6.829  1.00 36.90 ? 90  TRP B CB  1 
ATOM   719  C CG  . TRP A 1 90  ? 5.362   -1.431  -7.326  1.00 45.96 ? 90  TRP B CG  1 
ATOM   720  C CD1 . TRP A 1 90  ? 5.861   -1.915  -8.498  1.00 47.54 ? 90  TRP B CD1 1 
ATOM   721  C CD2 . TRP A 1 90  ? 4.725   -2.536  -6.673  1.00 43.72 ? 90  TRP B CD2 1 
ATOM   722  N NE1 . TRP A 1 90  ? 5.583   -3.258  -8.612  1.00 48.88 ? 90  TRP B NE1 1 
ATOM   723  C CE2 . TRP A 1 90  ? 4.886   -3.663  -7.501  1.00 50.39 ? 90  TRP B CE2 1 
ATOM   724  C CE3 . TRP A 1 90  ? 4.031   -2.681  -5.465  1.00 47.41 ? 90  TRP B CE3 1 
ATOM   725  C CZ2 . TRP A 1 90  ? 4.393   -4.926  -7.158  1.00 52.33 ? 90  TRP B CZ2 1 
ATOM   726  C CZ3 . TRP A 1 90  ? 3.531   -3.941  -5.124  1.00 47.56 ? 90  TRP B CZ3 1 
ATOM   727  C CH2 . TRP A 1 90  ? 3.718   -5.043  -5.969  1.00 49.99 ? 90  TRP B CH2 1 
ATOM   728  N N   . PHE A 1 91  ? 6.426   3.003   -7.274  1.00 36.32 ? 91  PHE B N   1 
ATOM   729  C CA  . PHE A 1 91  ? 6.160   4.401   -6.917  1.00 33.55 ? 91  PHE B CA  1 
ATOM   730  C C   . PHE A 1 91  ? 4.789   4.812   -7.424  1.00 33.08 ? 91  PHE B C   1 
ATOM   731  O O   . PHE A 1 91  ? 4.456   4.552   -8.573  1.00 35.25 ? 91  PHE B O   1 
ATOM   732  C CB  . PHE A 1 91  ? 7.218   5.330   -7.507  1.00 35.42 ? 91  PHE B CB  1 
ATOM   733  C CG  . PHE A 1 91  ? 8.608   4.945   -7.152  1.00 36.02 ? 91  PHE B CG  1 
ATOM   734  C CD1 . PHE A 1 91  ? 9.227   5.493   -6.043  1.00 36.73 ? 91  PHE B CD1 1 
ATOM   735  C CD2 . PHE A 1 91  ? 9.297   4.019   -7.914  1.00 36.80 ? 91  PHE B CD2 1 
ATOM   736  C CE1 . PHE A 1 91  ? 10.510  5.134   -5.701  1.00 40.27 ? 91  PHE B CE1 1 
ATOM   737  C CE2 . PHE A 1 91  ? 10.585  3.654   -7.574  1.00 39.78 ? 91  PHE B CE2 1 
ATOM   738  C CZ  . PHE A 1 91  ? 11.191  4.209   -6.464  1.00 40.38 ? 91  PHE B CZ  1 
ATOM   739  N N   . PHE A 1 92  ? 3.995   5.445   -6.571  1.00 32.74 ? 92  PHE B N   1 
ATOM   740  C CA  . PHE A 1 92  ? 2.674   5.929   -6.972  1.00 32.15 ? 92  PHE B CA  1 
ATOM   741  C C   . PHE A 1 92  ? 2.474   7.331   -6.416  1.00 34.84 ? 92  PHE B C   1 
ATOM   742  O O   . PHE A 1 92  ? 2.864   7.607   -5.282  1.00 31.07 ? 92  PHE B O   1 
ATOM   743  C CB  . PHE A 1 92  ? 1.550   5.012   -6.470  1.00 32.98 ? 92  PHE B CB  1 
ATOM   744  C CG  . PHE A 1 92  ? 1.733   3.553   -6.822  1.00 35.13 ? 92  PHE B CG  1 
ATOM   745  C CD1 . PHE A 1 92  ? 1.381   3.081   -8.076  1.00 37.54 ? 92  PHE B CD1 1 
ATOM   746  C CD2 . PHE A 1 92  ? 2.231   2.653   -5.890  1.00 36.92 ? 92  PHE B CD2 1 
ATOM   747  C CE1 . PHE A 1 92  ? 1.538   1.738   -8.398  1.00 41.77 ? 92  PHE B CE1 1 
ATOM   748  C CE2 . PHE A 1 92  ? 2.389   1.312   -6.213  1.00 34.91 ? 92  PHE B CE2 1 
ATOM   749  C CZ  . PHE A 1 92  ? 2.044   0.858   -7.463  1.00 34.86 ? 92  PHE B CZ  1 
ATOM   750  N N   . GLU A 1 93  ? 1.869   8.214   -7.211  1.00 33.04 ? 93  GLU B N   1 
ATOM   751  C CA  . GLU A 1 93  ? 1.564   9.568   -6.742  1.00 35.18 ? 93  GLU B CA  1 
ATOM   752  C C   . GLU A 1 93  ? 0.067   9.868   -6.777  1.00 35.09 ? 93  GLU B C   1 
ATOM   753  O O   . GLU A 1 93  ? -0.613  9.545   -7.753  1.00 32.03 ? 93  GLU B O   1 
ATOM   754  C CB  . GLU A 1 93  ? 2.303   10.614  -7.576  1.00 38.84 ? 93  GLU B CB  1 
ATOM   755  C CG  . GLU A 1 93  ? 2.114   12.030  -7.047  1.00 39.68 ? 93  GLU B CG  1 
ATOM   756  C CD  . GLU A 1 93  ? 2.537   13.092  -8.042  1.00 53.63 ? 93  GLU B CD  1 
ATOM   757  O OE1 . GLU A 1 93  ? 1.878   14.159  -8.094  1.00 50.67 ? 93  GLU B OE1 1 
ATOM   758  O OE2 . GLU A 1 93  ? 3.529   12.862  -8.768  1.00 61.78 ? 93  GLU B OE2 1 
ATOM   759  N N   . PHE A 1 94  ? -0.445  10.482  -5.710  1.00 34.69 ? 94  PHE B N   1 
ATOM   760  C CA  . PHE A 1 94  ? -1.822  10.966  -5.705  1.00 31.92 ? 94  PHE B CA  1 
ATOM   761  C C   . PHE A 1 94  ? -1.873  12.460  -6.025  1.00 35.64 ? 94  PHE B C   1 
ATOM   762  O O   . PHE A 1 94  ? -2.665  12.892  -6.858  1.00 33.95 ? 94  PHE B O   1 
ATOM   763  C CB  . PHE A 1 94  ? -2.498  10.712  -4.358  1.00 34.93 ? 94  PHE B CB  1 
ATOM   764  C CG  . PHE A 1 94  ? -3.938  11.155  -4.310  1.00 33.09 ? 94  PHE B CG  1 
ATOM   765  C CD1 . PHE A 1 94  ? -4.950  10.326  -4.779  1.00 34.69 ? 94  PHE B CD1 1 
ATOM   766  C CD2 . PHE A 1 94  ? -4.282  12.393  -3.784  1.00 34.01 ? 94  PHE B CD2 1 
ATOM   767  C CE1 . PHE A 1 94  ? -6.275  10.723  -4.737  1.00 37.14 ? 94  PHE B CE1 1 
ATOM   768  C CE2 . PHE A 1 94  ? -5.606  12.805  -3.741  1.00 34.79 ? 94  PHE B CE2 1 
ATOM   769  C CZ  . PHE A 1 94  ? -6.608  11.968  -4.219  1.00 38.65 ? 94  PHE B CZ  1 
ATOM   770  N N   . GLY A 1 95  ? -1.031  13.242  -5.349  1.00 33.42 ? 95  GLY B N   1 
ATOM   771  C CA  . GLY A 1 95  ? -1.002  14.689  -5.545  1.00 33.09 ? 95  GLY B CA  1 
ATOM   772  C C   . GLY A 1 95  ? -1.664  15.438  -4.399  1.00 34.77 ? 95  GLY B C   1 
ATOM   773  O O   . GLY A 1 95  ? -1.641  15.007  -3.239  1.00 28.33 ? 95  GLY B O   1 
ATOM   774  N N   . PHE A 1 96  ? -2.289  16.559  -4.734  1.00 31.06 ? 96  PHE B N   1 
ATOM   775  C CA  . PHE A 1 96  ? -2.885  17.443  -3.750  1.00 28.57 ? 96  PHE B CA  1 
ATOM   776  C C   . PHE A 1 96  ? -4.051  16.803  -3.002  1.00 31.74 ? 96  PHE B C   1 
ATOM   777  O O   . PHE A 1 96  ? -4.904  16.153  -3.601  1.00 32.39 ? 96  PHE B O   1 
ATOM   778  C CB  . PHE A 1 96  ? -3.345  18.741  -4.449  1.00 34.78 ? 96  PHE B CB  1 
ATOM   779  C CG  . PHE A 1 96  ? -3.984  19.728  -3.523  1.00 33.25 ? 96  PHE B CG  1 
ATOM   780  C CD1 . PHE A 1 96  ? -3.208  20.511  -2.683  1.00 38.62 ? 96  PHE B CD1 1 
ATOM   781  C CD2 . PHE A 1 96  ? -5.355  19.873  -3.485  1.00 35.01 ? 96  PHE B CD2 1 
ATOM   782  C CE1 . PHE A 1 96  ? -3.792  21.426  -1.824  1.00 31.47 ? 96  PHE B CE1 1 
ATOM   783  C CE2 . PHE A 1 96  ? -5.943  20.788  -2.634  1.00 35.18 ? 96  PHE B CE2 1 
ATOM   784  C CZ  . PHE A 1 96  ? -5.158  21.556  -1.797  1.00 30.43 ? 96  PHE B CZ  1 
ATOM   785  N N   . VAL A 1 97  ? -4.077  16.983  -1.682  1.00 29.37 ? 97  VAL B N   1 
ATOM   786  C CA  . VAL A 1 97  ? -5.150  16.451  -0.852  1.00 29.25 ? 97  VAL B CA  1 
ATOM   787  C C   . VAL A 1 97  ? -5.810  17.554  -0.030  1.00 29.60 ? 97  VAL B C   1 
ATOM   788  O O   . VAL A 1 97  ? -5.149  18.201  0.775   1.00 29.35 ? 97  VAL B O   1 
ATOM   789  C CB  . VAL A 1 97  ? -4.631  15.343  0.129   1.00 31.13 ? 97  VAL B CB  1 
ATOM   790  C CG1 . VAL A 1 97  ? -5.708  14.964  1.124   1.00 29.10 ? 97  VAL B CG1 1 
ATOM   791  C CG2 . VAL A 1 97  ? -4.162  14.121  -0.639  1.00 31.35 ? 97  VAL B CG2 1 
ATOM   792  N N   . ILE A 1 98  ? -7.113  17.751  -0.224  1.00 30.75 ? 98  ILE B N   1 
ATOM   793  C CA  . ILE A 1 98  ? -7.873  18.769  0.512   1.00 31.34 ? 98  ILE B CA  1 
ATOM   794  C C   . ILE A 1 98  ? -8.035  18.408  1.983   1.00 31.78 ? 98  ILE B C   1 
ATOM   795  O O   . ILE A 1 98  ? -8.385  17.265  2.313   1.00 30.51 ? 98  ILE B O   1 
ATOM   796  C CB  . ILE A 1 98  ? -9.281  18.962  -0.095  1.00 32.60 ? 98  ILE B CB  1 
ATOM   797  C CG1 . ILE A 1 98  ? -9.198  19.570  -1.486  1.00 36.35 ? 98  ILE B CG1 1 
ATOM   798  C CG2 . ILE A 1 98  ? -10.160 19.830  0.811   1.00 35.08 ? 98  ILE B CG2 1 
ATOM   799  C CD1 . ILE A 1 98  ? -10.542 19.594  -2.207  1.00 41.51 ? 98  ILE B CD1 1 
ATOM   800  N N   . PRO A 1 99  ? -7.790  19.380  2.878   1.00 30.88 ? 99  PRO B N   1 
ATOM   801  C CA  . PRO A 1 99  ? -7.962  19.113  4.312   1.00 28.08 ? 99  PRO B CA  1 
ATOM   802  C C   . PRO A 1 99  ? -9.370  18.635  4.632   1.00 34.14 ? 99  PRO B C   1 
ATOM   803  O O   . PRO A 1 99  ? -10.333 19.230  4.146   1.00 29.43 ? 99  PRO B O   1 
ATOM   804  C CB  . PRO A 1 99  ? -7.677  20.469  4.976   1.00 30.99 ? 99  PRO B CB  1 
ATOM   805  C CG  . PRO A 1 99  ? -7.755  21.506  3.832   1.00 28.66 ? 99  PRO B CG  1 
ATOM   806  C CD  . PRO A 1 99  ? -7.325  20.753  2.609   1.00 32.95 ? 99  PRO B CD  1 
ATOM   807  N N   . ASN A 1 100 ? -9.475  17.564  5.425   1.00 28.88 ? 100 ASN B N   1 
ATOM   808  C CA  . ASN A 1 100 ? -10.762 17.015  5.836   1.00 29.96 ? 100 ASN B CA  1 
ATOM   809  C C   . ASN A 1 100 ? -11.521 16.413  4.662   1.00 34.41 ? 100 ASN B C   1 
ATOM   810  O O   . ASN A 1 100 ? -12.751 16.447  4.631   1.00 34.00 ? 100 ASN B O   1 
ATOM   811  C CB  . ASN A 1 100 ? -11.641 18.078  6.508   1.00 34.69 ? 100 ASN B CB  1 
ATOM   812  C CG  . ASN A 1 100 ? -11.011 18.668  7.760   1.00 36.68 ? 100 ASN B CG  1 
ATOM   813  O OD1 . ASN A 1 100 ? -10.736 19.869  7.810   1.00 38.35 ? 100 ASN B OD1 1 
ATOM   814  N ND2 . ASN A 1 100 ? -10.798 17.833  8.786   1.00 30.63 ? 100 ASN B ND2 1 
ATOM   815  N N   . SER A 1 101 ? -10.786 15.873  3.694   1.00 33.05 ? 101 SER B N   1 
ATOM   816  C CA  . SER A 1 101 ? -11.399 15.149  2.589   1.00 29.80 ? 101 SER B CA  1 
ATOM   817  C C   . SER A 1 101 ? -11.288 13.630  2.741   1.00 35.11 ? 101 SER B C   1 
ATOM   818  O O   . SER A 1 101 ? -10.445 13.115  3.486   1.00 29.25 ? 101 SER B O   1 
ATOM   819  C CB  . SER A 1 101 ? -10.771 15.561  1.264   1.00 32.77 ? 101 SER B CB  1 
ATOM   820  O OG  . SER A 1 101 ? -9.391  15.259  1.244   1.00 33.00 ? 101 SER B OG  1 
ATOM   821  N N   . THR A 1 102 ? -12.170 12.938  2.028   1.00 32.72 ? 102 THR B N   1 
ATOM   822  C CA  . THR A 1 102 ? -12.113 11.500  1.828   1.00 30.72 ? 102 THR B CA  1 
ATOM   823  C C   . THR A 1 102 ? -11.952 11.299  0.327   1.00 36.85 ? 102 THR B C   1 
ATOM   824  O O   . THR A 1 102 ? -12.617 11.982  -0.467  1.00 35.79 ? 102 THR B O   1 
ATOM   825  C CB  . THR A 1 102 ? -13.373 10.800  2.358   1.00 33.97 ? 102 THR B CB  1 
ATOM   826  O OG1 . THR A 1 102 ? -13.459 11.011  3.772   1.00 31.63 ? 102 THR B OG1 1 
ATOM   827  C CG2 . THR A 1 102 ? -13.342 9.302   2.069   1.00 33.03 ? 102 THR B CG2 1 
ATOM   828  N N   . ASN A 1 103 ? -11.031 10.421  -0.063  1.00 28.54 ? 103 ASN B N   1 
ATOM   829  C CA  . ASN A 1 103 ? -10.664 10.260  -1.473  1.00 32.60 ? 103 ASN B CA  1 
ATOM   830  C C   . ASN A 1 103 ? -10.551 8.793   -1.876  1.00 38.47 ? 103 ASN B C   1 
ATOM   831  O O   . ASN A 1 103 ? -10.140 7.952   -1.066  1.00 34.75 ? 103 ASN B O   1 
ATOM   832  C CB  . ASN A 1 103 ? -9.328  10.950  -1.776  1.00 35.12 ? 103 ASN B CB  1 
ATOM   833  C CG  . ASN A 1 103 ? -9.286  12.407  -1.321  1.00 38.91 ? 103 ASN B CG  1 
ATOM   834  O OD1 . ASN A 1 103 ? -9.580  13.314  -2.093  1.00 37.95 ? 103 ASN B OD1 1 
ATOM   835  N ND2 . ASN A 1 103 ? -8.897  12.630  -0.067  1.00 37.65 ? 103 ASN B ND2 1 
ATOM   836  N N   . THR A 1 104 ? -10.894 8.480   -3.124  1.00 37.36 ? 104 THR B N   1 
ATOM   837  C CA  . THR A 1 104 ? -10.624 7.140   -3.646  1.00 39.58 ? 104 THR B CA  1 
ATOM   838  C C   . THR A 1 104 ? -9.524  7.219   -4.701  1.00 39.82 ? 104 THR B C   1 
ATOM   839  O O   . THR A 1 104 ? -9.630  7.959   -5.677  1.00 40.49 ? 104 THR B O   1 
ATOM   840  C CB  . THR A 1 104 ? -11.881 6.483   -4.232  1.00 42.23 ? 104 THR B CB  1 
ATOM   841  O OG1 . THR A 1 104 ? -12.817 6.242   -3.177  1.00 39.37 ? 104 THR B OG1 1 
ATOM   842  C CG2 . THR A 1 104 ? -11.534 5.149   -4.881  1.00 41.57 ? 104 THR B CG2 1 
ATOM   843  N N   . TRP A 1 105 ? -8.459  6.456   -4.480  1.00 35.74 ? 105 TRP B N   1 
ATOM   844  C CA  . TRP A 1 105 ? -7.252  6.526   -5.300  1.00 36.67 ? 105 TRP B CA  1 
ATOM   845  C C   . TRP A 1 105 ? -7.043  5.234   -6.081  1.00 41.28 ? 105 TRP B C   1 
ATOM   846  O O   . TRP A 1 105 ? -6.822  4.162   -5.496  1.00 41.86 ? 105 TRP B O   1 
ATOM   847  C CB  . TRP A 1 105 ? -6.045  6.818   -4.406  1.00 37.11 ? 105 TRP B CB  1 
ATOM   848  C CG  . TRP A 1 105 ? -4.695  6.886   -5.075  1.00 35.46 ? 105 TRP B CG  1 
ATOM   849  C CD1 . TRP A 1 105 ? -4.417  6.834   -6.413  1.00 35.91 ? 105 TRP B CD1 1 
ATOM   850  C CD2 . TRP A 1 105 ? -3.439  7.022   -4.411  1.00 32.74 ? 105 TRP B CD2 1 
ATOM   851  N NE1 . TRP A 1 105 ? -3.059  6.934   -6.618  1.00 31.92 ? 105 TRP B NE1 1 
ATOM   852  C CE2 . TRP A 1 105 ? -2.439  7.051   -5.403  1.00 31.44 ? 105 TRP B CE2 1 
ATOM   853  C CE3 . TRP A 1 105 ? -3.061  7.122   -3.068  1.00 30.45 ? 105 TRP B CE3 1 
ATOM   854  C CZ2 . TRP A 1 105 ? -1.091  7.178   -5.093  1.00 32.27 ? 105 TRP B CZ2 1 
ATOM   855  C CZ3 . TRP A 1 105 ? -1.721  7.254   -2.767  1.00 30.38 ? 105 TRP B CZ3 1 
ATOM   856  C CH2 . TRP A 1 105 ? -0.753  7.272   -3.773  1.00 30.68 ? 105 TRP B CH2 1 
ATOM   857  N N   . GLN A 1 106 ? -7.114  5.337   -7.405  1.00 41.77 ? 106 GLN B N   1 
ATOM   858  C CA  . GLN A 1 106 ? -6.949  4.175   -8.268  1.00 43.73 ? 106 GLN B CA  1 
ATOM   859  C C   . GLN A 1 106 ? -5.524  4.084   -8.803  1.00 44.43 ? 106 GLN B C   1 
ATOM   860  O O   . GLN A 1 106 ? -4.990  5.066   -9.322  1.00 38.85 ? 106 GLN B O   1 
ATOM   861  C CB  . GLN A 1 106 ? -7.946  4.230   -9.432  1.00 48.56 ? 106 GLN B CB  1 
ATOM   862  C CG  . GLN A 1 106 ? -7.706  3.167   -10.497 1.00 53.50 ? 106 GLN B CG  1 
ATOM   863  C CD  . GLN A 1 106 ? -8.920  2.916   -11.368 1.00 62.43 ? 106 GLN B CD  1 
ATOM   864  O OE1 . GLN A 1 106 ? -10.062 3.066   -10.924 1.00 66.39 ? 106 GLN B OE1 1 
ATOM   865  N NE2 . GLN A 1 106 ? -8.682  2.529   -12.617 1.00 64.66 ? 106 GLN B NE2 1 
ATOM   866  N N   . SER A 1 107 ? -4.919  2.901   -8.681  1.00 40.06 ? 107 SER B N   1 
ATOM   867  C CA  . SER A 1 107 ? -3.564  2.665   -9.175  1.00 39.23 ? 107 SER B CA  1 
ATOM   868  C C   . SER A 1 107 ? -3.488  1.389   -10.015 1.00 44.68 ? 107 SER B C   1 
ATOM   869  O O   . SER A 1 107 ? -4.240  0.442   -9.789  1.00 42.05 ? 107 SER B O   1 
ATOM   870  C CB  . SER A 1 107 ? -2.571  2.569   -8.013  1.00 40.75 ? 107 SER B CB  1 
ATOM   871  O OG  . SER A 1 107 ? -2.482  3.788   -7.299  1.00 42.46 ? 107 SER B OG  1 
ATOM   872  N N   . LEU A 1 108 ? -2.575  1.374   -10.981 1.00 43.40 ? 108 LEU B N   1 
ATOM   873  C CA  . LEU A 1 108 ? -2.320  0.180   -11.781 1.00 46.76 ? 108 LEU B CA  1 
ATOM   874  C C   . LEU A 1 108 ? -0.970  -0.436  -11.402 1.00 47.55 ? 108 LEU B C   1 
ATOM   875  O O   . LEU A 1 108 ? 0.074   0.177   -11.602 1.00 44.37 ? 108 LEU B O   1 
ATOM   876  C CB  . LEU A 1 108 ? -2.353  0.521   -13.272 1.00 44.82 ? 108 LEU B CB  1 
ATOM   877  C CG  . LEU A 1 108 ? -2.100  -0.604  -14.278 1.00 53.43 ? 108 LEU B CG  1 
ATOM   878  C CD1 . LEU A 1 108 ? -3.163  -1.692  -14.161 1.00 47.48 ? 108 LEU B CD1 1 
ATOM   879  C CD2 . LEU A 1 108 ? -2.054  -0.042  -15.690 1.00 50.68 ? 108 LEU B CD2 1 
ATOM   880  N N   . ILE A 1 109 ? -0.998  -1.645  -10.845 1.00 47.93 ? 109 ILE B N   1 
ATOM   881  C CA  . ILE A 1 109 ? 0.228   -2.322  -10.434 1.00 47.55 ? 109 ILE B CA  1 
ATOM   882  C C   . ILE A 1 109 ? 0.650   -3.368  -11.458 1.00 50.84 ? 109 ILE B C   1 
ATOM   883  O O   . ILE A 1 109 ? -0.041  -4.370  -11.653 1.00 45.53 ? 109 ILE B O   1 
ATOM   884  C CB  . ILE A 1 109 ? 0.070   -3.016  -9.070  1.00 48.42 ? 109 ILE B CB  1 
ATOM   885  C CG1 . ILE A 1 109 ? -0.622  -2.091  -8.066  1.00 48.21 ? 109 ILE B CG1 1 
ATOM   886  C CG2 . ILE A 1 109 ? 1.427   -3.495  -8.553  1.00 47.49 ? 109 ILE B CG2 1 
ATOM   887  C CD1 . ILE A 1 109 ? -1.004  -2.791  -6.773  1.00 44.03 ? 109 ILE B CD1 1 
ATOM   888  N N   . GLU A 1 110 ? 1.786   -3.133  -12.107 1.00 54.29 ? 110 GLU B N   1 
ATOM   889  C CA  . GLU A 1 110 ? 2.282   -4.045  -13.129 1.00 54.05 ? 110 GLU B CA  1 
ATOM   890  C C   . GLU A 1 110 ? 3.446   -4.870  -12.606 1.00 56.35 ? 110 GLU B C   1 
ATOM   891  O O   . GLU A 1 110 ? 4.289   -4.376  -11.853 1.00 56.45 ? 110 GLU B O   1 
ATOM   892  C CB  . GLU A 1 110 ? 2.706   -3.275  -14.387 1.00 58.74 ? 110 GLU B CB  1 
ATOM   893  C CG  . GLU A 1 110 ? 1.545   -2.721  -15.207 1.00 60.90 ? 110 GLU B CG  1 
ATOM   894  C CD  . GLU A 1 110 ? 1.996   -1.858  -16.387 1.00 71.99 ? 110 GLU B CD  1 
ATOM   895  O OE1 . GLU A 1 110 ? 2.873   -0.987  -16.196 1.00 74.75 ? 110 GLU B OE1 1 
ATOM   896  O OE2 . GLU A 1 110 ? 1.468   -2.048  -17.506 1.00 72.89 ? 110 GLU B OE2 1 
ATOM   897  N N   . ALA A 1 111 ? 3.477   -6.137  -13.001 1.00 62.31 ? 111 ALA B N   1 
ATOM   898  C CA  . ALA A 1 111 ? 4.579   -7.027  -12.659 1.00 59.82 ? 111 ALA B CA  1 
ATOM   899  C C   . ALA A 1 111 ? 5.752   -6.798  -13.606 1.00 62.00 ? 111 ALA B C   1 
ATOM   900  O O   . ALA A 1 111 ? 5.552   -6.534  -14.794 1.00 60.10 ? 111 ALA B O   1 
ATOM   901  C CB  . ALA A 1 111 ? 4.126   -8.475  -12.713 1.00 60.85 ? 111 ALA B CB  1 
ATOM   902  N N   . ALA A 1 112 ? 6.970   -6.901  -13.079 1.00 61.01 ? 112 ALA B N   1 
ATOM   903  C CA  . ALA A 1 112 ? 8.169   -6.683  -13.884 1.00 62.28 ? 112 ALA B CA  1 
ATOM   904  C C   . ALA A 1 112 ? 8.358   -7.807  -14.899 1.00 63.33 ? 112 ALA B C   1 
ATOM   905  O O   . ALA A 1 112 ? 8.275   -7.581  -16.109 1.00 67.02 ? 112 ALA B O   1 
ATOM   906  C CB  . ALA A 1 112 ? 9.394   -6.560  -12.991 1.00 64.70 ? 112 ALA B CB  1 
ATOM   907  N N   . SER A 1 115 ? 11.246  -11.077 -15.408 1.00 50.91 ? 115 SER B N   1 
ATOM   908  C CA  . SER A 1 115 ? 11.088  -11.542 -14.027 1.00 50.84 ? 115 SER B CA  1 
ATOM   909  C C   . SER A 1 115 ? 10.014  -12.634 -13.889 1.00 49.53 ? 115 SER B C   1 
ATOM   910  O O   . SER A 1 115 ? 8.919   -12.509 -14.434 1.00 48.93 ? 115 SER B O   1 
ATOM   911  C CB  . SER A 1 115 ? 10.756  -10.358 -13.122 1.00 54.41 ? 115 SER B CB  1 
ATOM   912  O OG  . SER A 1 115 ? 10.846  -10.713 -11.760 1.00 52.92 ? 115 SER B OG  1 
ATOM   913  N N   . GLN A 1 116 ? 10.333  -13.696 -13.147 1.00 46.85 ? 116 GLN B N   1 
ATOM   914  C CA  . GLN A 1 116 ? 9.442   -14.850 -13.015 1.00 47.25 ? 116 GLN B CA  1 
ATOM   915  C C   . GLN A 1 116 ? 9.071   -15.145 -11.560 1.00 42.75 ? 116 GLN B C   1 
ATOM   916  O O   . GLN A 1 116 ? 9.945   -15.302 -10.707 1.00 41.19 ? 116 GLN B O   1 
ATOM   917  C CB  . GLN A 1 116 ? 10.091  -16.089 -13.636 1.00 50.10 ? 116 GLN B CB  1 
ATOM   918  C CG  . GLN A 1 116 ? 11.058  -15.781 -14.767 1.00 56.79 ? 116 GLN B CG  1 
ATOM   919  C CD  . GLN A 1 116 ? 11.641  -17.032 -15.401 1.00 68.37 ? 116 GLN B CD  1 
ATOM   920  O OE1 . GLN A 1 116 ? 12.551  -17.660 -14.848 1.00 70.84 ? 116 GLN B OE1 1 
ATOM   921  N NE2 . GLN A 1 116 ? 11.120  -17.403 -16.568 1.00 72.35 ? 116 GLN B NE2 1 
ATOM   922  N N   . MET A 1 117 ? 7.778   -15.244 -11.285 1.00 39.93 ? 117 MET B N   1 
ATOM   923  C CA  . MET A 1 117 ? 7.305   -15.472 -9.924  1.00 44.09 ? 117 MET B CA  1 
ATOM   924  C C   . MET A 1 117 ? 7.611   -16.887 -9.403  1.00 37.95 ? 117 MET B C   1 
ATOM   925  O O   . MET A 1 117 ? 7.358   -17.880 -10.087 1.00 40.92 ? 117 MET B O   1 
ATOM   926  C CB  . MET A 1 117 ? 5.795   -15.218 -9.851  1.00 46.39 ? 117 MET B CB  1 
ATOM   927  C CG  . MET A 1 117 ? 5.368   -13.790 -10.177 1.00 46.09 ? 117 MET B CG  1 
ATOM   928  S SD  . MET A 1 117 ? 5.997   -12.614 -8.963  1.00 54.99 ? 117 MET B SD  1 
ATOM   929  C CE  . MET A 1 117 ? 5.785   -13.559 -7.467  1.00 51.19 ? 117 MET B CE  1 
ATOM   930  N N   . MET A 1 118 ? 8.149   -16.972 -8.187  1.00 37.15 ? 118 MET B N   1 
ATOM   931  C CA  . MET A 1 118 ? 8.244   -18.258 -7.476  1.00 33.65 ? 118 MET B CA  1 
ATOM   932  C C   . MET A 1 118 ? 6.818   -18.760 -7.239  1.00 35.16 ? 118 MET B C   1 
ATOM   933  O O   . MET A 1 118 ? 5.869   -17.964 -7.276  1.00 33.56 ? 118 MET B O   1 
ATOM   934  C CB  . MET A 1 118 ? 8.997   -18.102 -6.146  1.00 31.88 ? 118 MET B CB  1 
ATOM   935  C CG  . MET A 1 118 ? 10.531  -18.063 -6.253  1.00 34.35 ? 118 MET B CG  1 
ATOM   936  S SD  . MET A 1 118 ? 11.372  -17.626 -4.685  1.00 29.92 ? 118 MET B SD  1 
ATOM   937  C CE  . MET A 1 118 ? 11.162  -15.829 -4.736  1.00 26.90 ? 118 MET B CE  1 
ATOM   938  N N   . PRO A 1 119 ? 6.648   -20.072 -7.000  1.00 30.00 ? 119 PRO B N   1 
ATOM   939  C CA  . PRO A 1 119 ? 5.307   -20.595 -6.699  1.00 26.37 ? 119 PRO B CA  1 
ATOM   940  C C   . PRO A 1 119 ? 4.728   -20.014 -5.407  1.00 27.65 ? 119 PRO B C   1 
ATOM   941  O O   . PRO A 1 119 ? 5.482   -19.655 -4.504  1.00 25.81 ? 119 PRO B O   1 
ATOM   942  C CB  . PRO A 1 119 ? 5.539   -22.109 -6.532  1.00 30.55 ? 119 PRO B CB  1 
ATOM   943  C CG  . PRO A 1 119 ? 6.926   -22.373 -7.059  1.00 33.35 ? 119 PRO B CG  1 
ATOM   944  C CD  . PRO A 1 119 ? 7.691   -21.103 -6.865  1.00 32.19 ? 119 PRO B CD  1 
ATOM   945  N N   . ALA A 1 120 ? 3.404   -19.961 -5.310  1.00 25.98 ? 120 ALA B N   1 
ATOM   946  C CA  . ALA A 1 120 ? 2.740   -19.485 -4.104  1.00 26.32 ? 120 ALA B CA  1 
ATOM   947  C C   . ALA A 1 120 ? 3.215   -20.222 -2.843  1.00 27.09 ? 120 ALA B C   1 
ATOM   948  O O   . ALA A 1 120 ? 3.397   -19.605 -1.785  1.00 28.13 ? 120 ALA B O   1 
ATOM   949  C CB  . ALA A 1 120 ? 1.227   -19.633 -4.254  1.00 31.05 ? 120 ALA B CB  1 
ATOM   950  N N   . SER A 1 121 ? 3.431   -21.531 -2.949  1.00 25.39 ? 121 SER B N   1 
ATOM   951  C CA  . SER A 1 121 ? 3.741   -22.319 -1.751  1.00 27.04 ? 121 SER B CA  1 
ATOM   952  C C   . SER A 1 121 ? 5.069   -21.871 -1.154  1.00 28.61 ? 121 SER B C   1 
ATOM   953  O O   . SER A 1 121 ? 5.294   -21.959 0.061   1.00 25.36 ? 121 SER B O   1 
ATOM   954  C CB  . SER A 1 121 ? 3.782   -23.810 -2.078  1.00 28.84 ? 121 SER B CB  1 
ATOM   955  O OG  . SER A 1 121 ? 4.823   -24.093 -2.994  1.00 29.74 ? 121 SER B OG  1 
ATOM   956  N N   . VAL A 1 122 ? 5.950   -21.383 -2.026  1.00 23.57 ? 122 VAL B N   1 
ATOM   957  C CA  . VAL A 1 122 ? 7.250   -20.907 -1.595  1.00 23.22 ? 122 VAL B CA  1 
ATOM   958  C C   . VAL A 1 122 ? 7.141   -19.509 -0.983  1.00 23.32 ? 122 VAL B C   1 
ATOM   959  O O   . VAL A 1 122 ? 7.785   -19.200 0.020   1.00 23.85 ? 122 VAL B O   1 
ATOM   960  C CB  . VAL A 1 122 ? 8.239   -20.887 -2.768  1.00 26.55 ? 122 VAL B CB  1 
ATOM   961  C CG1 . VAL A 1 122 ? 9.557   -20.277 -2.333  1.00 24.98 ? 122 VAL B CG1 1 
ATOM   962  C CG2 . VAL A 1 122 ? 8.428   -22.303 -3.323  1.00 28.36 ? 122 VAL B CG2 1 
ATOM   963  N N   . LEU A 1 123 ? 6.310   -18.668 -1.598  1.00 24.36 ? 123 LEU B N   1 
ATOM   964  C CA  . LEU A 1 123 ? 6.169   -17.278 -1.178  1.00 21.99 ? 123 LEU B CA  1 
ATOM   965  C C   . LEU A 1 123 ? 5.419   -17.121 0.132   1.00 24.30 ? 123 LEU B C   1 
ATOM   966  O O   . LEU A 1 123 ? 5.768   -16.278 0.963   1.00 24.49 ? 123 LEU B O   1 
ATOM   967  C CB  . LEU A 1 123 ? 5.454   -16.467 -2.282  1.00 24.28 ? 123 LEU B CB  1 
ATOM   968  C CG  . LEU A 1 123 ? 6.248   -16.342 -3.575  1.00 25.16 ? 123 LEU B CG  1 
ATOM   969  C CD1 . LEU A 1 123 ? 5.427   -15.571 -4.632  1.00 30.25 ? 123 LEU B CD1 1 
ATOM   970  C CD2 . LEU A 1 123 ? 7.566   -15.618 -3.285  1.00 26.27 ? 123 LEU B CD2 1 
ATOM   971  N N   . THR A 1 124 ? 4.399   -17.951 0.340   1.00 24.28 ? 124 THR B N   1 
ATOM   972  C CA  . THR A 1 124 ? 3.432   -17.672 1.390   1.00 24.23 ? 124 THR B CA  1 
ATOM   973  C C   . THR A 1 124 ? 4.104   -17.526 2.757   1.00 27.03 ? 124 THR B C   1 
ATOM   974  O O   . THR A 1 124 ? 4.957   -18.336 3.143   1.00 25.73 ? 124 THR B O   1 
ATOM   975  C CB  . THR A 1 124 ? 2.340   -18.743 1.432   1.00 26.79 ? 124 THR B CB  1 
ATOM   976  O OG1 . THR A 1 124 ? 1.209   -18.249 2.165   1.00 26.08 ? 124 THR B OG1 1 
ATOM   977  C CG2 . THR A 1 124 ? 2.861   -20.035 2.056   1.00 25.42 ? 124 THR B CG2 1 
ATOM   978  N N   . GLY A 1 125 ? 3.755   -16.450 3.458   1.00 26.34 ? 125 GLY B N   1 
ATOM   979  C CA  . GLY A 1 125 ? 4.347   -16.152 4.747   1.00 24.66 ? 125 GLY B CA  1 
ATOM   980  C C   . GLY A 1 125 ? 5.758   -15.611 4.708   1.00 26.22 ? 125 GLY B C   1 
ATOM   981  O O   . GLY A 1 125 ? 6.270   -15.160 5.744   1.00 24.56 ? 125 GLY B O   1 
ATOM   982  N N   . ASN A 1 126 ? 6.380   -15.628 3.522   1.00 21.75 ? 126 ASN B N   1 
ATOM   983  C CA  . ASN A 1 126 ? 7.742   -15.123 3.373   1.00 22.36 ? 126 ASN B CA  1 
ATOM   984  C C   . ASN A 1 126 ? 7.802   -13.799 2.605   1.00 23.64 ? 126 ASN B C   1 
ATOM   985  O O   . ASN A 1 126 ? 8.885   -13.269 2.369   1.00 27.12 ? 126 ASN B O   1 
ATOM   986  C CB  . ASN A 1 126 ? 8.624   -16.147 2.668   1.00 19.60 ? 126 ASN B CB  1 
ATOM   987  C CG  . ASN A 1 126 ? 8.865   -17.377 3.513   1.00 27.51 ? 126 ASN B CG  1 
ATOM   988  O OD1 . ASN A 1 126 ? 9.251   -17.280 4.679   1.00 24.86 ? 126 ASN B OD1 1 
ATOM   989  N ND2 . ASN A 1 126 ? 8.634   -18.540 2.926   1.00 24.47 ? 126 ASN B ND2 1 
ATOM   990  N N   . VAL A 1 127 ? 6.647   -13.279 2.220   1.00 23.47 ? 127 VAL B N   1 
ATOM   991  C CA  . VAL A 1 127 ? 6.592   -11.972 1.545   1.00 24.56 ? 127 VAL B CA  1 
ATOM   992  C C   . VAL A 1 127 ? 6.113   -10.895 2.512   1.00 28.28 ? 127 VAL B C   1 
ATOM   993  O O   . VAL A 1 127 ? 5.127   -11.089 3.238   1.00 26.05 ? 127 VAL B O   1 
ATOM   994  C CB  . VAL A 1 127 ? 5.668   -12.007 0.322   1.00 20.75 ? 127 VAL B CB  1 
ATOM   995  C CG1 . VAL A 1 127 ? 5.445   -10.571 -0.266  1.00 23.87 ? 127 VAL B CG1 1 
ATOM   996  C CG2 . VAL A 1 127 ? 6.231   -12.916 -0.738  1.00 21.43 ? 127 VAL B CG2 1 
ATOM   997  N N   . ILE A 1 128 ? 6.823   -9.769  2.522   1.00 27.31 ? 128 ILE B N   1 
ATOM   998  C CA  . ILE A 1 128 ? 6.408   -8.564  3.249   1.00 24.40 ? 128 ILE B CA  1 
ATOM   999  C C   . ILE A 1 128 ? 6.280   -7.400  2.254   1.00 28.81 ? 128 ILE B C   1 
ATOM   1000 O O   . ILE A 1 128 ? 7.152   -7.202  1.409   1.00 28.56 ? 128 ILE B O   1 
ATOM   1001 C CB  . ILE A 1 128 ? 7.413   -8.189  4.353   1.00 26.54 ? 128 ILE B CB  1 
ATOM   1002 C CG1 . ILE A 1 128 ? 7.299   -9.149  5.536   1.00 29.24 ? 128 ILE B CG1 1 
ATOM   1003 C CG2 . ILE A 1 128 ? 7.158   -6.777  4.861   1.00 29.73 ? 128 ILE B CG2 1 
ATOM   1004 C CD1 . ILE A 1 128 ? 6.394   -8.605  6.623   1.00 35.32 ? 128 ILE B CD1 1 
ATOM   1005 N N   . ILE A 1 129 ? 5.178   -6.667  2.327   1.00 25.44 ? 129 ILE B N   1 
ATOM   1006 C CA  . ILE A 1 129 ? 5.032   -5.446  1.537   1.00 27.22 ? 129 ILE B CA  1 
ATOM   1007 C C   . ILE A 1 129 ? 5.230   -4.283  2.479   1.00 29.80 ? 129 ILE B C   1 
ATOM   1008 O O   . ILE A 1 129 ? 4.456   -4.096  3.424   1.00 29.32 ? 129 ILE B O   1 
ATOM   1009 C CB  . ILE A 1 129 ? 3.679   -5.346  0.854   1.00 26.78 ? 129 ILE B CB  1 
ATOM   1010 C CG1 . ILE A 1 129 ? 3.504   -6.510  -0.116  1.00 32.82 ? 129 ILE B CG1 1 
ATOM   1011 C CG2 . ILE A 1 129 ? 3.581   -4.036  0.073   1.00 29.98 ? 129 ILE B CG2 1 
ATOM   1012 C CD1 . ILE A 1 129 ? 2.541   -6.197  -1.238  1.00 40.64 ? 129 ILE B CD1 1 
ATOM   1013 N N   . GLU A 1 130 ? 6.317   -3.556  2.262   1.00 26.89 ? 130 GLU B N   1 
ATOM   1014 C CA  . GLU A 1 130 ? 6.632   -2.365  3.043   1.00 28.06 ? 130 GLU B CA  1 
ATOM   1015 C C   . GLU A 1 130 ? 6.121   -1.148  2.289   1.00 31.95 ? 130 GLU B C   1 
ATOM   1016 O O   . GLU A 1 130 ? 6.416   -0.997  1.106   1.00 32.79 ? 130 GLU B O   1 
ATOM   1017 C CB  . GLU A 1 130 ? 8.141   -2.244  3.272   1.00 29.59 ? 130 GLU B CB  1 
ATOM   1018 C CG  . GLU A 1 130 ? 8.549   -1.055  4.124   1.00 34.11 ? 130 GLU B CG  1 
ATOM   1019 C CD  . GLU A 1 130 ? 10.024  -0.729  3.981   1.00 39.52 ? 130 GLU B CD  1 
ATOM   1020 O OE1 . GLU A 1 130 ? 10.432  -0.268  2.890   1.00 38.52 ? 130 GLU B OE1 1 
ATOM   1021 O OE2 . GLU A 1 130 ? 10.775  -0.945  4.954   1.00 45.29 ? 130 GLU B OE2 1 
ATOM   1022 N N   . THR A 1 131 ? 5.344   -0.299  2.958   1.00 29.17 ? 131 THR B N   1 
ATOM   1023 C CA  . THR A 1 131 ? 4.757   0.876   2.310   1.00 28.02 ? 131 THR B CA  1 
ATOM   1024 C C   . THR A 1 131 ? 5.201   2.142   3.031   1.00 31.09 ? 131 THR B C   1 
ATOM   1025 O O   . THR A 1 131 ? 5.055   2.243   4.249   1.00 31.65 ? 131 THR B O   1 
ATOM   1026 C CB  . THR A 1 131 ? 3.203   0.835   2.305   1.00 31.18 ? 131 THR B CB  1 
ATOM   1027 O OG1 . THR A 1 131 ? 2.727   -0.292  1.562   1.00 28.00 ? 131 THR B OG1 1 
ATOM   1028 C CG2 . THR A 1 131 ? 2.635   2.116   1.667   1.00 33.10 ? 131 THR B CG2 1 
ATOM   1029 N N   . LYS A 1 132 ? 5.725   3.112   2.291   1.00 31.28 ? 132 LYS B N   1 
ATOM   1030 C CA  . LYS A 1 132 ? 6.069   4.404   2.877   1.00 30.11 ? 132 LYS B CA  1 
ATOM   1031 C C   . LYS A 1 132 ? 5.144   5.486   2.324   1.00 29.66 ? 132 LYS B C   1 
ATOM   1032 O O   . LYS A 1 132 ? 5.010   5.632   1.109   1.00 26.62 ? 132 LYS B O   1 
ATOM   1033 C CB  . LYS A 1 132 ? 7.520   4.773   2.594   1.00 29.45 ? 132 LYS B CB  1 
ATOM   1034 C CG  . LYS A 1 132 ? 8.547   3.921   3.288   1.00 36.73 ? 132 LYS B CG  1 
ATOM   1035 C CD  . LYS A 1 132 ? 9.938   4.270   2.768   1.00 39.06 ? 132 LYS B CD  1 
ATOM   1036 C CE  . LYS A 1 132 ? 10.990  3.316   3.292   1.00 42.16 ? 132 LYS B CE  1 
ATOM   1037 N NZ  . LYS A 1 132 ? 11.011  3.299   4.778   1.00 43.54 ? 132 LYS B NZ  1 
ATOM   1038 N N   . PHE A 1 133 ? 4.484   6.203   3.228   1.00 29.08 ? 133 PHE B N   1 
ATOM   1039 C CA  . PHE A 1 133 ? 3.594   7.311   2.872   1.00 28.56 ? 133 PHE B CA  1 
ATOM   1040 C C   . PHE A 1 133 ? 4.366   8.621   2.966   1.00 29.40 ? 133 PHE B C   1 
ATOM   1041 O O   . PHE A 1 133 ? 5.004   8.911   3.980   1.00 27.34 ? 133 PHE B O   1 
ATOM   1042 C CB  . PHE A 1 133 ? 2.368   7.359   3.786   1.00 31.67 ? 133 PHE B CB  1 
ATOM   1043 C CG  . PHE A 1 133 ? 1.497   6.130   3.707   1.00 37.78 ? 133 PHE B CG  1 
ATOM   1044 C CD1 . PHE A 1 133 ? 0.331   6.132   2.960   1.00 39.03 ? 133 PHE B CD1 1 
ATOM   1045 C CD2 . PHE A 1 133 ? 1.850   4.975   4.381   1.00 36.26 ? 133 PHE B CD2 1 
ATOM   1046 C CE1 . PHE A 1 133 ? -0.470  5.003   2.894   1.00 37.43 ? 133 PHE B CE1 1 
ATOM   1047 C CE2 . PHE A 1 133 ? 1.053   3.838   4.312   1.00 41.66 ? 133 PHE B CE2 1 
ATOM   1048 C CZ  . PHE A 1 133 ? -0.109  3.862   3.563   1.00 42.58 ? 133 PHE B CZ  1 
ATOM   1049 N N   . PHE A 1 134 ? 4.286   9.416   1.903   1.00 31.84 ? 134 PHE B N   1 
ATOM   1050 C CA  . PHE A 1 134 ? 5.030   10.662  1.799   1.00 29.73 ? 134 PHE B CA  1 
ATOM   1051 C C   . PHE A 1 134 ? 4.119   11.851  1.500   1.00 29.39 ? 134 PHE B C   1 
ATOM   1052 O O   . PHE A 1 134 ? 3.159   11.730  0.737   1.00 28.93 ? 134 PHE B O   1 
ATOM   1053 C CB  . PHE A 1 134 ? 6.075   10.581  0.682   1.00 30.94 ? 134 PHE B CB  1 
ATOM   1054 C CG  . PHE A 1 134 ? 7.319   9.828   1.047   1.00 32.51 ? 134 PHE B CG  1 
ATOM   1055 C CD1 . PHE A 1 134 ? 8.347   10.451  1.737   1.00 31.11 ? 134 PHE B CD1 1 
ATOM   1056 C CD2 . PHE A 1 134 ? 7.473   8.501   0.666   1.00 31.22 ? 134 PHE B CD2 1 
ATOM   1057 C CE1 . PHE A 1 134 ? 9.497   9.768   2.062   1.00 34.55 ? 134 PHE B CE1 1 
ATOM   1058 C CE2 . PHE A 1 134 ? 8.628   7.801   0.991   1.00 33.94 ? 134 PHE B CE2 1 
ATOM   1059 C CZ  . PHE A 1 134 ? 9.638   8.428   1.691   1.00 35.14 ? 134 PHE B CZ  1 
ATOM   1060 N N   . ASP A 1 135 ? 4.421   12.993  2.097   1.00 27.93 ? 135 ASP B N   1 
ATOM   1061 C CA  . ASP A 1 135 ? 3.963   14.258  1.518   1.00 31.60 ? 135 ASP B CA  1 
ATOM   1062 C C   . ASP A 1 135 ? 5.193   14.883  0.890   1.00 31.12 ? 135 ASP B C   1 
ATOM   1063 O O   . ASP A 1 135 ? 6.057   15.404  1.590   1.00 34.23 ? 135 ASP B O   1 
ATOM   1064 C CB  . ASP A 1 135 ? 3.340   15.182  2.552   1.00 35.06 ? 135 ASP B CB  1 
ATOM   1065 C CG  . ASP A 1 135 ? 2.864   16.503  1.944   1.00 36.16 ? 135 ASP B CG  1 
ATOM   1066 O OD1 . ASP A 1 135 ? 2.869   16.635  0.696   1.00 32.26 ? 135 ASP B OD1 1 
ATOM   1067 O OD2 . ASP A 1 135 ? 2.480   17.399  2.720   1.00 36.79 ? 135 ASP B OD2 1 
ATOM   1068 N N   . ASP A 1 136 ? 5.280   14.790  -0.427  1.00 34.63 ? 136 ASP B N   1 
ATOM   1069 C CA  . ASP A 1 136 ? 6.490   15.158  -1.150  1.00 37.76 ? 136 ASP B CA  1 
ATOM   1070 C C   . ASP A 1 136 ? 7.722   14.425  -0.632  1.00 35.76 ? 136 ASP B C   1 
ATOM   1071 O O   . ASP A 1 136 ? 7.953   13.275  -0.983  1.00 39.88 ? 136 ASP B O   1 
ATOM   1072 C CB  . ASP A 1 136 ? 6.725   16.662  -1.083  1.00 41.50 ? 136 ASP B CB  1 
ATOM   1073 C CG  . ASP A 1 136 ? 7.764   17.115  -2.083  1.00 49.04 ? 136 ASP B CG  1 
ATOM   1074 O OD1 . ASP A 1 136 ? 7.511   16.948  -3.293  1.00 52.85 ? 136 ASP B OD1 1 
ATOM   1075 O OD2 . ASP A 1 136 ? 8.826   17.630  -1.670  1.00 54.47 ? 136 ASP B OD2 1 
ATOM   1076 N N   . ASP A 1 137 ? 8.514   15.103  0.196   1.00 38.45 ? 137 ASP B N   1 
ATOM   1077 C CA  . ASP A 1 137 ? 9.761   14.544  0.720   1.00 40.22 ? 137 ASP B CA  1 
ATOM   1078 C C   . ASP A 1 137 ? 9.628   14.149  2.184   1.00 39.22 ? 137 ASP B C   1 
ATOM   1079 O O   . ASP A 1 137 ? 10.528  13.555  2.762   1.00 39.68 ? 137 ASP B O   1 
ATOM   1080 C CB  . ASP A 1 137 ? 10.898  15.552  0.581   1.00 47.49 ? 137 ASP B CB  1 
ATOM   1081 C CG  . ASP A 1 137 ? 10.652  16.826  1.395   1.00 51.65 ? 137 ASP B CG  1 
ATOM   1082 O OD1 . ASP A 1 137 ? 9.919   17.718  0.911   1.00 51.66 ? 137 ASP B OD1 1 
ATOM   1083 O OD2 . ASP A 1 137 ? 11.182  16.933  2.524   1.00 56.36 ? 137 ASP B OD2 1 
ATOM   1084 N N   . LEU A 1 138 ? 8.505   14.512  2.787   1.00 34.34 ? 138 LEU B N   1 
ATOM   1085 C CA  . LEU A 1 138 ? 8.286   14.273  4.200   1.00 36.21 ? 138 LEU B CA  1 
ATOM   1086 C C   . LEU A 1 138 ? 7.740   12.855  4.418   1.00 31.94 ? 138 LEU B C   1 
ATOM   1087 O O   . LEU A 1 138 ? 6.626   12.545  4.001   1.00 31.26 ? 138 LEU B O   1 
ATOM   1088 C CB  . LEU A 1 138 ? 7.321   15.319  4.758   1.00 34.48 ? 138 LEU B CB  1 
ATOM   1089 C CG  . LEU A 1 138 ? 7.001   15.288  6.249   1.00 35.38 ? 138 LEU B CG  1 
ATOM   1090 C CD1 . LEU A 1 138 ? 8.285   15.453  7.033   1.00 36.44 ? 138 LEU B CD1 1 
ATOM   1091 C CD2 . LEU A 1 138 ? 6.026   16.411  6.570   1.00 38.37 ? 138 LEU B CD2 1 
ATOM   1092 N N   . LEU A 1 139 ? 8.529   11.992  5.040   1.00 34.25 ? 139 LEU B N   1 
ATOM   1093 C CA  . LEU A 1 139 ? 8.048   10.640  5.328   1.00 30.01 ? 139 LEU B CA  1 
ATOM   1094 C C   . LEU A 1 139 ? 7.038   10.690  6.460   1.00 28.27 ? 139 LEU B C   1 
ATOM   1095 O O   . LEU A 1 139 ? 7.362   11.094  7.570   1.00 32.17 ? 139 LEU B O   1 
ATOM   1096 C CB  . LEU A 1 139 ? 9.202   9.717   5.688   1.00 31.20 ? 139 LEU B CB  1 
ATOM   1097 C CG  . LEU A 1 139 ? 8.814   8.298   6.119   1.00 33.78 ? 139 LEU B CG  1 
ATOM   1098 C CD1 . LEU A 1 139 ? 8.101   7.545   5.006   1.00 28.92 ? 139 LEU B CD1 1 
ATOM   1099 C CD2 . LEU A 1 139 ? 10.054  7.533   6.586   1.00 35.12 ? 139 LEU B CD2 1 
ATOM   1100 N N   . VAL A 1 140 ? 5.808   10.287  6.182   1.00 28.40 ? 140 VAL B N   1 
ATOM   1101 C CA  . VAL A 1 140 ? 4.749   10.378  7.178   1.00 26.87 ? 140 VAL B CA  1 
ATOM   1102 C C   . VAL A 1 140 ? 4.607   9.103   8.012   1.00 35.71 ? 140 VAL B C   1 
ATOM   1103 O O   . VAL A 1 140 ? 4.399   9.141   9.241   1.00 32.28 ? 140 VAL B O   1 
ATOM   1104 C CB  . VAL A 1 140 ? 3.429   10.695  6.504   1.00 28.77 ? 140 VAL B CB  1 
ATOM   1105 C CG1 . VAL A 1 140 ? 2.304   10.684  7.514   1.00 28.32 ? 140 VAL B CG1 1 
ATOM   1106 C CG2 . VAL A 1 140 ? 3.535   12.064  5.814   1.00 28.97 ? 140 VAL B CG2 1 
ATOM   1107 N N   . SER A 1 141 ? 4.707   7.964   7.347   1.00 31.02 ? 141 SER B N   1 
ATOM   1108 C CA  . SER A 1 141 ? 4.642   6.704   8.066   1.00 33.78 ? 141 SER B CA  1 
ATOM   1109 C C   . SER A 1 141 ? 5.187   5.563   7.237   1.00 33.47 ? 141 SER B C   1 
ATOM   1110 O O   . SER A 1 141 ? 5.248   5.649   6.011   1.00 30.17 ? 141 SER B O   1 
ATOM   1111 C CB  . SER A 1 141 ? 3.205   6.392   8.471   1.00 33.51 ? 141 SER B CB  1 
ATOM   1112 O OG  . SER A 1 141 ? 2.422   6.074   7.336   1.00 37.17 ? 141 SER B OG  1 
ATOM   1113 N N   . THR A 1 142 ? 5.568   4.489   7.927   1.00 30.02 ? 142 THR B N   1 
ATOM   1114 C CA  . THR A 1 142 ? 6.001   3.272   7.274   1.00 31.14 ? 142 THR B CA  1 
ATOM   1115 C C   . THR A 1 142 ? 5.213   2.133   7.886   1.00 31.96 ? 142 THR B C   1 
ATOM   1116 O O   . THR A 1 142 ? 5.171   2.011   9.111   1.00 29.64 ? 142 THR B O   1 
ATOM   1117 C CB  . THR A 1 142 ? 7.507   3.006   7.469   1.00 35.06 ? 142 THR B CB  1 
ATOM   1118 O OG1 . THR A 1 142 ? 8.248   4.187   7.159   1.00 34.19 ? 142 THR B OG1 1 
ATOM   1119 C CG2 . THR A 1 142 ? 7.970   1.869   6.572   1.00 33.67 ? 142 THR B CG2 1 
ATOM   1120 N N   . SER A 1 143 ? 4.589   1.317   7.046   1.00 31.17 ? 143 SER B N   1 
ATOM   1121 C CA  . SER A 1 143 ? 3.878   0.137   7.536   1.00 32.34 ? 143 SER B CA  1 
ATOM   1122 C C   . SER A 1 143 ? 4.317   -1.139  6.810   1.00 32.43 ? 143 SER B C   1 
ATOM   1123 O O   . SER A 1 143 ? 4.952   -1.075  5.752   1.00 29.90 ? 143 SER B O   1 
ATOM   1124 C CB  . SER A 1 143 ? 2.372   0.334   7.382   1.00 28.38 ? 143 SER B CB  1 
ATOM   1125 O OG  . SER A 1 143 ? 2.011   0.249   6.022   1.00 29.55 ? 143 SER B OG  1 
ATOM   1126 N N   . ARG A 1 144 ? 3.956   -2.294  7.373   1.00 29.87 ? 144 ARG B N   1 
ATOM   1127 C CA  . ARG A 1 144 ? 4.311   -3.597  6.798   1.00 29.86 ? 144 ARG B CA  1 
ATOM   1128 C C   . ARG A 1 144 ? 3.152   -4.579  6.862   1.00 28.50 ? 144 ARG B C   1 
ATOM   1129 O O   . ARG A 1 144 ? 2.452   -4.648  7.876   1.00 26.54 ? 144 ARG B O   1 
ATOM   1130 C CB  . ARG A 1 144 ? 5.519   -4.198  7.522   1.00 32.72 ? 144 ARG B CB  1 
ATOM   1131 C CG  . ARG A 1 144 ? 6.836   -3.495  7.209   1.00 34.17 ? 144 ARG B CG  1 
ATOM   1132 C CD  . ARG A 1 144 ? 7.873   -3.700  8.317   1.00 37.11 ? 144 ARG B CD  1 
ATOM   1133 N NE  . ARG A 1 144 ? 9.111   -2.973  8.012   1.00 49.81 ? 144 ARG B NE  1 
ATOM   1134 C CZ  . ARG A 1 144 ? 9.322   -1.682  8.278   1.00 46.88 ? 144 ARG B CZ  1 
ATOM   1135 N NH1 . ARG A 1 144 ? 8.380   -0.948  8.874   1.00 43.38 ? 144 ARG B NH1 1 
ATOM   1136 N NH2 . ARG A 1 144 ? 10.483  -1.121  7.957   1.00 41.72 ? 144 ARG B NH2 1 
ATOM   1137 N N   . VAL A 1 145 ? 2.967   -5.326  5.779   1.00 25.76 ? 145 VAL B N   1 
ATOM   1138 C CA  . VAL A 1 145 ? 1.939   -6.349  5.668   1.00 27.52 ? 145 VAL B CA  1 
ATOM   1139 C C   . VAL A 1 145 ? 2.567   -7.667  5.218   1.00 28.39 ? 145 VAL B C   1 
ATOM   1140 O O   . VAL A 1 145 ? 3.156   -7.733  4.142   1.00 28.27 ? 145 VAL B O   1 
ATOM   1141 C CB  . VAL A 1 145 ? 0.853   -5.970  4.653   1.00 31.92 ? 145 VAL B CB  1 
ATOM   1142 C CG1 . VAL A 1 145 ? -0.263  -7.001  4.678   1.00 31.15 ? 145 VAL B CG1 1 
ATOM   1143 C CG2 . VAL A 1 145 ? 0.311   -4.563  4.930   1.00 31.26 ? 145 VAL B CG2 1 
ATOM   1144 N N   . ARG A 1 146 ? 2.446   -8.705  6.031   1.00 25.71 ? 146 ARG B N   1 
ATOM   1145 C CA  . ARG A 1 146 ? 2.917   -10.038 5.634   1.00 25.40 ? 146 ARG B CA  1 
ATOM   1146 C C   . ARG A 1 146 ? 1.837   -10.715 4.804   1.00 24.63 ? 146 ARG B C   1 
ATOM   1147 O O   . ARG A 1 146 ? 0.678   -10.744 5.205   1.00 23.62 ? 146 ARG B O   1 
ATOM   1148 C CB  . ARG A 1 146 ? 3.274   -10.880 6.867   1.00 29.78 ? 146 ARG B CB  1 
ATOM   1149 C CG  . ARG A 1 146 ? 3.842   -12.288 6.563   1.00 28.13 ? 146 ARG B CG  1 
ATOM   1150 C CD  . ARG A 1 146 ? 4.276   -13.037 7.853   1.00 32.84 ? 146 ARG B CD  1 
ATOM   1151 N NE  . ARG A 1 146 ? 5.317   -12.313 8.582   1.00 35.53 ? 146 ARG B NE  1 
ATOM   1152 C CZ  . ARG A 1 146 ? 6.617   -12.351 8.286   1.00 40.20 ? 146 ARG B CZ  1 
ATOM   1153 N NH1 . ARG A 1 146 ? 7.059   -13.089 7.272   1.00 37.38 ? 146 ARG B NH1 1 
ATOM   1154 N NH2 . ARG A 1 146 ? 7.484   -11.643 9.005   1.00 37.44 ? 146 ARG B NH2 1 
ATOM   1155 N N   . LEU A 1 147 ? 2.210   -11.231 3.637   1.00 24.88 ? 147 LEU B N   1 
ATOM   1156 C CA  . LEU A 1 147 ? 1.251   -11.902 2.748   1.00 24.02 ? 147 LEU B CA  1 
ATOM   1157 C C   . LEU A 1 147 ? 1.233   -13.424 2.872   1.00 27.31 ? 147 LEU B C   1 
ATOM   1158 O O   . LEU A 1 147 ? 2.281   -14.062 2.869   1.00 24.93 ? 147 LEU B O   1 
ATOM   1159 C CB  . LEU A 1 147 ? 1.541   -11.587 1.289   1.00 20.93 ? 147 LEU B CB  1 
ATOM   1160 C CG  . LEU A 1 147 ? 0.841   -10.338 0.742   1.00 31.07 ? 147 LEU B CG  1 
ATOM   1161 C CD1 . LEU A 1 147 ? 0.962   -9.229  1.731   1.00 31.23 ? 147 LEU B CD1 1 
ATOM   1162 C CD2 . LEU A 1 147 ? 1.447   -9.954  -0.580  1.00 27.28 ? 147 LEU B CD2 1 
ATOM   1163 N N   . PHE A 1 148 ? 0.030   -13.984 2.899   1.00 27.35 ? 148 PHE B N   1 
ATOM   1164 C CA  . PHE A 1 148 ? -0.171  -15.420 2.733   1.00 26.96 ? 148 PHE B CA  1 
ATOM   1165 C C   . PHE A 1 148 ? -0.957  -15.625 1.452   1.00 30.36 ? 148 PHE B C   1 
ATOM   1166 O O   . PHE A 1 148 ? -1.914  -14.896 1.172   1.00 33.52 ? 148 PHE B O   1 
ATOM   1167 C CB  . PHE A 1 148 ? -0.907  -16.008 3.937   1.00 25.34 ? 148 PHE B CB  1 
ATOM   1168 C CG  . PHE A 1 148 ? -0.236  -15.722 5.232   1.00 28.37 ? 148 PHE B CG  1 
ATOM   1169 C CD1 . PHE A 1 148 ? 0.860   -16.472 5.634   1.00 27.53 ? 148 PHE B CD1 1 
ATOM   1170 C CD2 . PHE A 1 148 ? -0.681  -14.706 6.044   1.00 30.12 ? 148 PHE B CD2 1 
ATOM   1171 C CE1 . PHE A 1 148 ? 1.496   -16.214 6.811   1.00 29.22 ? 148 PHE B CE1 1 
ATOM   1172 C CE2 . PHE A 1 148 ? -0.044  -14.432 7.237   1.00 32.49 ? 148 PHE B CE2 1 
ATOM   1173 C CZ  . PHE A 1 148 ? 1.052   -15.189 7.621   1.00 34.69 ? 148 PHE B CZ  1 
ATOM   1174 N N   . TYR A 1 149 ? -0.504  -16.559 0.634   1.00 26.13 ? 149 TYR B N   1 
ATOM   1175 C CA  . TYR A 1 149 ? -1.180  -16.859 -0.618  1.00 26.83 ? 149 TYR B CA  1 
ATOM   1176 C C   . TYR A 1 149 ? -1.998  -18.118 -0.432  1.00 34.61 ? 149 TYR B C   1 
ATOM   1177 O O   . TYR A 1 149 ? -1.459  -19.155 -0.061  1.00 31.76 ? 149 TYR B O   1 
ATOM   1178 C CB  . TYR A 1 149 ? -0.172  -17.022 -1.749  1.00 25.97 ? 149 TYR B CB  1 
ATOM   1179 C CG  . TYR A 1 149 ? 0.610   -15.751 -2.047  1.00 29.65 ? 149 TYR B CG  1 
ATOM   1180 C CD1 . TYR A 1 149 ? 0.125   -14.808 -2.948  1.00 29.21 ? 149 TYR B CD1 1 
ATOM   1181 C CD2 . TYR A 1 149 ? 1.821   -15.496 -1.421  1.00 28.74 ? 149 TYR B CD2 1 
ATOM   1182 C CE1 . TYR A 1 149 ? 0.829   -13.645 -3.224  1.00 30.55 ? 149 TYR B CE1 1 
ATOM   1183 C CE2 . TYR A 1 149 ? 2.537   -14.339 -1.684  1.00 25.91 ? 149 TYR B CE2 1 
ATOM   1184 C CZ  . TYR A 1 149 ? 2.035   -13.412 -2.586  1.00 29.98 ? 149 TYR B CZ  1 
ATOM   1185 O OH  . TYR A 1 149 ? 2.758   -12.271 -2.847  1.00 28.28 ? 149 TYR B OH  1 
ATOM   1186 N N   . VAL A 1 150 ? -3.296  -18.024 -0.687  1.00 37.11 ? 150 VAL B N   1 
ATOM   1187 C CA  . VAL A 1 150 ? -4.211  -19.121 -0.415  1.00 35.39 ? 150 VAL B CA  1 
ATOM   1188 C C   . VAL A 1 150 ? -4.893  -19.624 -1.683  1.00 42.99 ? 150 VAL B C   1 
ATOM   1189 O O   . VAL A 1 150 ? -5.201  -18.836 -2.580  1.00 43.51 ? 150 VAL B O   1 
ATOM   1190 C CB  . VAL A 1 150 ? -5.275  -18.688 0.591   1.00 38.67 ? 150 VAL B CB  1 
ATOM   1191 C CG1 . VAL A 1 150 ? -4.602  -18.111 1.831   1.00 34.37 ? 150 VAL B CG1 1 
ATOM   1192 C CG2 . VAL A 1 150 ? -6.199  -17.650 -0.033  1.00 44.57 ? 150 VAL B CG2 1 
HETATM 1193 C C13 . 8SF B 2 .   ? -0.730  -0.541  1.546   1.00 48.43 ? 201 8SF B C13 1 
HETATM 1194 C C15 . 8SF B 2 .   ? -1.016  -0.207  2.992   1.00 39.72 ? 201 8SF B C15 1 
HETATM 1195 C C01 . 8SF B 2 .   ? -1.301  -5.809  0.624   1.00 49.23 ? 201 8SF B C01 1 
HETATM 1196 C C02 . 8SF B 2 .   ? -1.902  -7.020  1.301   1.00 48.67 ? 201 8SF B C02 1 
HETATM 1197 C C03 . 8SF B 2 .   ? -3.362  -7.361  1.096   1.00 43.27 ? 201 8SF B C03 1 
HETATM 1198 C C04 . 8SF B 2 .   ? -4.220  -6.496  0.219   1.00 44.55 ? 201 8SF B C04 1 
HETATM 1199 C C05 . 8SF B 2 .   ? -3.629  -5.287  -0.456  1.00 49.54 ? 201 8SF B C05 1 
HETATM 1200 C C06 . 8SF B 2 .   ? -2.176  -4.948  -0.241  1.00 44.00 ? 201 8SF B C06 1 
HETATM 1201 N N07 . 8SF B 2 .   ? -1.669  -3.819  -0.912  1.00 52.28 ? 201 8SF B N07 1 
HETATM 1202 C C08 . 8SF B 2 .   ? -1.148  -2.693  -0.386  1.00 49.49 ? 201 8SF B C08 1 
HETATM 1203 N N09 . 8SF B 2 .   ? -0.818  -1.909  -1.417  1.00 48.34 ? 201 8SF B N09 1 
HETATM 1204 N N10 . 8SF B 2 .   ? -1.141  -2.527  -2.564  1.00 46.81 ? 201 8SF B N10 1 
HETATM 1205 N N11 . 8SF B 2 .   ? -1.674  -3.709  -2.253  1.00 49.83 ? 201 8SF B N11 1 
HETATM 1206 S S12 . 8SF B 2 .   ? -0.905  -2.301  1.331   1.00 56.86 ? 201 8SF B S12 1 
HETATM 1207 C C14 . 8SF B 2 .   ? -1.675  0.258   0.667   1.00 43.67 ? 201 8SF B C14 1 
HETATM 1208 H H1  . 8SF B 2 .   ? -0.500  0.582   3.254   1.00 47.66 ? 201 8SF B H1  1 
HETATM 1209 H H2  . 8SF B 2 .   ? -0.764  -0.966  3.559   1.00 47.66 ? 201 8SF B H2  1 
HETATM 1210 H H3  . 8SF B 2 .   ? -1.973  -0.023  3.101   1.00 47.66 ? 201 8SF B H3  1 
HETATM 1211 H H4  . 8SF B 2 .   ? -0.359  -5.587  0.753   1.00 59.08 ? 201 8SF B H4  1 
HETATM 1212 H H5  . 8SF B 2 .   ? -1.346  -7.584  1.872   1.00 58.41 ? 201 8SF B H5  1 
HETATM 1213 H H6  . 8SF B 2 .   ? -3.747  -8.142  1.536   1.00 51.93 ? 201 8SF B H6  1 
HETATM 1214 H H7  . 8SF B 2 .   ? -5.162  -6.716  0.090   1.00 53.46 ? 201 8SF B H7  1 
HETATM 1215 H H8  . 8SF B 2 .   ? -4.184  -4.723  -1.028  1.00 59.45 ? 201 8SF B H8  1 
HETATM 1216 H H9  . 8SF B 2 .   ? -1.419  1.204   0.688   1.00 52.40 ? 201 8SF B H9  1 
HETATM 1217 H H10 . 8SF B 2 .   ? -1.623  -0.074  -0.254  1.00 52.40 ? 201 8SF B H10 1 
HETATM 1218 H H11 . 8SF B 2 .   ? -2.592  0.160   0.998   1.00 52.40 ? 201 8SF B H11 1 
HETATM 1219 H H12 . 8SF B 2 .   ? 0.190   -0.287  1.340   1.00 58.12 ? 201 8SF B H12 1 
HETATM 1220 O O   . HOH C 3 .   ? 10.697  3.628   6.915   1.00 43.41 ? 301 HOH B O   1 
HETATM 1221 O O   . HOH C 3 .   ? 11.358  -9.409  -17.070 1.00 53.90 ? 302 HOH B O   1 
HETATM 1222 O O   . HOH C 3 .   ? 3.533   -25.481 -4.534  1.00 45.83 ? 303 HOH B O   1 
HETATM 1223 O O   . HOH C 3 .   ? -13.303 13.781  -2.071  1.00 42.66 ? 304 HOH B O   1 
HETATM 1224 O O   . HOH C 3 .   ? 2.829   -1.769  10.069  1.00 28.20 ? 305 HOH B O   1 
HETATM 1225 O O   . HOH C 3 .   ? 9.220   -9.680  -17.177 1.00 51.39 ? 306 HOH B O   1 
HETATM 1226 O O   . HOH C 3 .   ? 14.249  -19.558 4.970   1.00 36.66 ? 307 HOH B O   1 
HETATM 1227 O O   . HOH C 3 .   ? 4.566   10.533  11.390  1.00 33.19 ? 308 HOH B O   1 
HETATM 1228 O O   . HOH C 3 .   ? 6.205   7.852   -4.727  1.00 34.93 ? 309 HOH B O   1 
HETATM 1229 O O   . HOH C 3 .   ? 2.539   -2.219  3.308   1.00 29.73 ? 310 HOH B O   1 
HETATM 1230 O O   . HOH C 3 .   ? 9.669   -19.292 6.290   1.00 41.23 ? 311 HOH B O   1 
HETATM 1231 O O   . HOH C 3 .   ? -0.376  5.275   7.924   1.00 42.30 ? 312 HOH B O   1 
HETATM 1232 O O   . HOH C 3 .   ? -8.911  15.897  -2.036  1.00 38.06 ? 313 HOH B O   1 
HETATM 1233 O O   . HOH C 3 .   ? -3.644  -7.890  10.153  1.00 42.43 ? 314 HOH B O   1 
HETATM 1234 O O   . HOH C 3 .   ? 6.010   0.404   11.096  1.00 36.14 ? 315 HOH B O   1 
HETATM 1235 O O   . HOH C 3 .   ? -4.434  2.923   -5.365  1.00 36.51 ? 316 HOH B O   1 
HETATM 1236 O O   . HOH C 3 .   ? -9.816  10.530  -6.472  1.00 47.98 ? 317 HOH B O   1 
HETATM 1237 O O   . HOH C 3 .   ? -14.129 1.420   6.437   1.00 51.67 ? 318 HOH B O   1 
HETATM 1238 O O   . HOH C 3 .   ? 10.623  -15.408 6.074   1.00 34.55 ? 319 HOH B O   1 
HETATM 1239 O O   . HOH C 3 .   ? -5.761  20.610  11.063  1.00 37.00 ? 320 HOH B O   1 
HETATM 1240 O O   . HOH C 3 .   ? -10.287 -9.830  2.965   1.00 49.85 ? 321 HOH B O   1 
HETATM 1241 O O   . HOH C 3 .   ? 3.798   -23.676 1.593   1.00 26.45 ? 322 HOH B O   1 
HETATM 1242 O O   . HOH C 3 .   ? -5.106  -14.955 -12.126 1.00 46.51 ? 323 HOH B O   1 
HETATM 1243 O O   . HOH C 3 .   ? -3.955  13.995  7.876   1.00 31.23 ? 324 HOH B O   1 
HETATM 1244 O O   . HOH C 3 .   ? -12.287 7.986   8.164   1.00 41.10 ? 325 HOH B O   1 
HETATM 1245 O O   . HOH C 3 .   ? -3.144  7.499   12.158  1.00 31.77 ? 326 HOH B O   1 
HETATM 1246 O O   . HOH C 3 .   ? 8.142   5.888   9.365   1.00 41.95 ? 327 HOH B O   1 
HETATM 1247 O O   . HOH C 3 .   ? 3.774   -18.064 -9.119  1.00 39.14 ? 328 HOH B O   1 
HETATM 1248 O O   . HOH C 3 .   ? 10.001  -20.431 4.461   1.00 33.34 ? 329 HOH B O   1 
HETATM 1249 O O   . HOH C 3 .   ? -0.388  -18.767 -8.700  1.00 42.35 ? 330 HOH B O   1 
HETATM 1250 O O   . HOH C 3 .   ? -13.953 13.498  4.977   1.00 39.34 ? 331 HOH B O   1 
HETATM 1251 O O   . HOH C 3 .   ? 2.053   0.845   16.671  1.00 35.43 ? 332 HOH B O   1 
HETATM 1252 O O   . HOH C 3 .   ? -3.523  20.874  7.148   1.00 34.20 ? 333 HOH B O   1 
HETATM 1253 O O   . HOH C 3 .   ? -11.969 10.536  -4.753  1.00 39.44 ? 334 HOH B O   1 
HETATM 1254 O O   . HOH C 3 .   ? -10.014 -12.656 -1.177  1.00 49.70 ? 335 HOH B O   1 
HETATM 1255 O O   . HOH C 3 .   ? -7.586  16.594  -4.459  1.00 37.68 ? 336 HOH B O   1 
HETATM 1256 O O   . HOH C 3 .   ? -12.710 3.887   8.392   1.00 37.14 ? 337 HOH B O   1 
HETATM 1257 O O   . HOH C 3 .   ? -7.372  15.783  16.954  1.00 35.15 ? 338 HOH B O   1 
HETATM 1258 O O   . HOH C 3 .   ? 6.941   -24.754 -1.196  1.00 33.36 ? 339 HOH B O   1 
HETATM 1259 O O   . HOH C 3 .   ? 10.973  2.989   -0.212  1.00 43.15 ? 340 HOH B O   1 
HETATM 1260 O O   . HOH C 3 .   ? -15.218 5.324   -4.481  1.00 50.40 ? 341 HOH B O   1 
HETATM 1261 O O   . HOH C 3 .   ? -10.199 1.311   8.631   1.00 39.52 ? 342 HOH B O   1 
HETATM 1262 O O   . HOH C 3 .   ? -0.270  -23.280 -3.039  1.00 47.54 ? 343 HOH B O   1 
HETATM 1263 O O   . HOH C 3 .   ? 17.201  -5.927  -0.191  1.00 39.41 ? 344 HOH B O   1 
HETATM 1264 O O   . HOH C 3 .   ? 1.227   7.156   -9.855  1.00 31.74 ? 345 HOH B O   1 
HETATM 1265 O O   . HOH C 3 .   ? 10.519  -10.512 3.859   1.00 30.19 ? 346 HOH B O   1 
HETATM 1266 O O   . HOH C 3 .   ? 9.200   1.455   0.815   1.00 36.10 ? 347 HOH B O   1 
HETATM 1267 O O   . HOH C 3 .   ? 9.653   12.550  8.776   1.00 48.05 ? 348 HOH B O   1 
HETATM 1268 O O   . HOH C 3 .   ? -10.501 -13.765 -5.870  1.00 56.74 ? 349 HOH B O   1 
HETATM 1269 O O   . HOH C 3 .   ? -1.293  5.795   -9.144  1.00 30.91 ? 350 HOH B O   1 
HETATM 1270 O O   . HOH C 3 .   ? -1.060  3.930   -11.282 1.00 43.49 ? 351 HOH B O   1 
HETATM 1271 O O   . HOH C 3 .   ? -10.443 -6.470  6.071   1.00 45.88 ? 352 HOH B O   1 
HETATM 1272 O O   . HOH C 3 .   ? 0.262   -21.454 -1.001  1.00 36.06 ? 353 HOH B O   1 
HETATM 1273 O O   . HOH C 3 .   ? 8.793   -14.333 -6.850  1.00 40.69 ? 354 HOH B O   1 
HETATM 1274 O O   . HOH C 3 .   ? -7.544  8.045   -8.715  1.00 35.82 ? 355 HOH B O   1 
HETATM 1275 O O   . HOH C 3 .   ? 1.752   -19.977 -7.863  1.00 37.05 ? 356 HOH B O   1 
HETATM 1276 O O   . HOH C 3 .   ? 11.404  12.604  5.916   1.00 41.77 ? 357 HOH B O   1 
HETATM 1277 O O   . HOH C 3 .   ? 6.690   2.326   -10.254 1.00 32.55 ? 358 HOH B O   1 
HETATM 1278 O O   . HOH C 3 .   ? -14.300 14.744  0.753   1.00 39.89 ? 359 HOH B O   1 
HETATM 1279 O O   . HOH C 3 .   ? -10.108 18.466  11.725  1.00 33.25 ? 360 HOH B O   1 
HETATM 1280 O O   . HOH C 3 .   ? 2.166   -23.253 -5.175  1.00 31.01 ? 361 HOH B O   1 
HETATM 1281 O O   . HOH C 3 .   ? -4.750  15.157  -6.537  1.00 37.85 ? 362 HOH B O   1 
HETATM 1282 O O   . HOH C 3 .   ? -9.538  -18.573 10.034  1.00 42.44 ? 363 HOH B O   1 
HETATM 1283 O O   . HOH C 3 .   ? -13.322 19.369  3.311   1.00 42.82 ? 364 HOH B O   1 
HETATM 1284 O O   . HOH C 3 .   ? 3.910   -6.865  15.344  1.00 37.88 ? 365 HOH B O   1 
HETATM 1285 O O   . HOH C 3 .   ? 6.199   5.209   10.895  1.00 34.01 ? 366 HOH B O   1 
HETATM 1286 O O   . HOH C 3 .   ? 11.343  -18.038 -10.166 1.00 39.69 ? 367 HOH B O   1 
HETATM 1287 O O   . HOH C 3 .   ? -8.962  12.495  19.035  1.00 38.91 ? 368 HOH B O   1 
HETATM 1288 O O   . HOH C 3 .   ? -12.108 1.127   12.094  1.00 48.84 ? 369 HOH B O   1 
HETATM 1289 O O   . HOH C 3 .   ? 5.097   -16.791 8.232   1.00 40.01 ? 370 HOH B O   1 
HETATM 1290 O O   . HOH C 3 .   ? 3.298   -0.338  -11.569 1.00 47.89 ? 371 HOH B O   1 
HETATM 1291 O O   . HOH C 3 .   ? 1.668   20.295  13.643  0.50 33.71 ? 372 HOH B O   1 
HETATM 1292 O O   . HOH C 3 .   ? 8.865   -20.719 -10.361 1.00 49.61 ? 373 HOH B O   1 
HETATM 1293 O O   . HOH C 3 .   ? -2.732  5.325   9.955   1.00 39.33 ? 374 HOH B O   1 
HETATM 1294 O O   . HOH C 3 .   ? -11.122 -10.618 0.433   1.00 43.60 ? 375 HOH B O   1 
HETATM 1295 O O   . HOH C 3 .   ? 10.147  -12.675 5.770   1.00 26.42 ? 376 HOH B O   1 
HETATM 1296 O O   . HOH C 3 .   ? -9.014  0.380   11.133  1.00 36.78 ? 377 HOH B O   1 
HETATM 1297 O O   . HOH C 3 .   ? 4.197   -15.263 10.098  1.00 40.89 ? 378 HOH B O   1 
HETATM 1298 O O   . HOH C 3 .   ? 5.568   -2.066  10.865  1.00 39.06 ? 379 HOH B O   1 
HETATM 1299 O O   . HOH C 3 .   ? 10.790  -5.723  6.183   1.00 41.79 ? 380 HOH B O   1 
HETATM 1300 O O   . HOH C 3 .   ? -15.071 19.445  5.128   1.00 51.67 ? 381 HOH B O   1 
HETATM 1301 O O   . HOH C 3 .   ? 12.528  -4.234  5.958   1.00 43.86 ? 382 HOH B O   1 
HETATM 1302 O O   . HOH C 3 .   ? 5.731   8.928   -7.564  1.00 36.18 ? 383 HOH B O   1 
HETATM 1303 O O   . HOH C 3 .   ? -0.841  23.468  4.797   1.00 33.22 ? 384 HOH B O   1 
HETATM 1304 O O   . HOH C 3 .   ? 4.877   1.330   -10.755 1.00 42.80 ? 385 HOH B O   1 
HETATM 1305 O O   . HOH C 3 .   ? 7.363   4.552   -11.194 1.00 49.53 ? 386 HOH B O   1 
HETATM 1306 O O   . HOH C 3 .   ? 11.401  -8.199  5.658   1.00 36.86 ? 387 HOH B O   1 
HETATM 1307 O O   . HOH C 3 .   ? -13.969 17.614  0.765   1.00 41.85 ? 388 HOH B O   1 
HETATM 1308 O O   . HOH C 3 .   ? 5.195   9.189   13.705  1.00 41.09 ? 389 HOH B O   1 
HETATM 1309 O O   . HOH C 3 .   ? -17.068 4.593   -3.047  1.00 61.05 ? 390 HOH B O   1 
HETATM 1310 O O   . HOH C 3 .   ? 11.186  -21.049 -8.497  1.00 40.32 ? 391 HOH B O   1 
HETATM 1311 O O   . HOH C 3 .   ? -15.030 15.606  -2.981  1.00 57.34 ? 392 HOH B O   1 
HETATM 1312 O O   . HOH C 3 .   ? -17.546 2.413   -3.486  1.00 62.74 ? 393 HOH B O   1 
# 
